data_2JXW
#
_entry.id   2JXW
#
_entity_poly.entity_id   1
_entity_poly.type   'polypeptide(L)'
_entity_poly.pdbx_seq_one_letter_code
;DPSKGRWVEGITSEGYHYYYDLISGASQWEKPEGFQGDLKKTAVKTVWVEGLSEDGFTYYYNTETGESRWEKPDD
;
_entity_poly.pdbx_strand_id   A
#
# COMPACT_ATOMS: atom_id res chain seq x y z
N ASP A 1 16.43 7.92 -16.45
CA ASP A 1 15.00 8.14 -16.76
C ASP A 1 14.31 8.96 -15.68
N PRO A 2 14.21 10.29 -15.88
CA PRO A 2 13.58 11.21 -14.91
C PRO A 2 12.17 10.76 -14.52
N SER A 3 11.94 10.64 -13.21
CA SER A 3 10.65 10.22 -12.67
C SER A 3 10.61 10.40 -11.15
N LYS A 4 11.63 9.87 -10.47
CA LYS A 4 11.76 9.93 -9.02
C LYS A 4 10.78 8.99 -8.33
N GLY A 5 11.18 8.47 -7.17
CA GLY A 5 10.34 7.56 -6.42
C GLY A 5 10.97 7.10 -5.12
N ARG A 6 11.59 8.04 -4.40
CA ARG A 6 12.24 7.73 -3.13
C ARG A 6 11.27 8.01 -1.97
N TRP A 7 10.32 7.09 -1.79
CA TRP A 7 9.32 7.21 -0.74
C TRP A 7 9.47 6.09 0.29
N VAL A 8 9.36 6.44 1.57
CA VAL A 8 9.47 5.46 2.65
C VAL A 8 8.14 5.30 3.39
N GLU A 9 7.82 4.05 3.77
CA GLU A 9 6.59 3.76 4.48
C GLU A 9 6.82 3.75 6.00
N GLY A 10 5.96 4.46 6.73
CA GLY A 10 6.08 4.52 8.18
C GLY A 10 4.76 4.34 8.90
N ILE A 11 4.82 3.75 10.09
CA ILE A 11 3.61 3.52 10.90
C ILE A 11 3.34 4.68 11.84
N THR A 12 2.07 5.01 12.03
CA THR A 12 1.67 6.11 12.91
C THR A 12 0.68 5.62 13.97
N SER A 13 0.53 6.41 15.04
CA SER A 13 -0.38 6.07 16.14
C SER A 13 -1.74 5.63 15.63
N GLU A 14 -2.40 4.75 16.40
CA GLU A 14 -3.71 4.20 16.05
C GLU A 14 -3.60 3.06 15.03
N GLY A 15 -2.95 3.34 13.90
CA GLY A 15 -2.79 2.32 12.87
C GLY A 15 -2.93 2.89 11.47
N TYR A 16 -2.10 3.90 11.16
CA TYR A 16 -2.13 4.54 9.85
C TYR A 16 -0.77 4.41 9.17
N HIS A 17 -0.76 4.57 7.84
CA HIS A 17 0.48 4.48 7.07
C HIS A 17 0.81 5.81 6.40
N TYR A 18 1.94 6.39 6.79
CA TYR A 18 2.39 7.66 6.23
C TYR A 18 3.63 7.48 5.37
N TYR A 19 3.80 8.35 4.38
CA TYR A 19 4.95 8.28 3.49
C TYR A 19 5.72 9.59 3.47
N TYR A 20 7.04 9.50 3.26
CA TYR A 20 7.88 10.69 3.25
C TYR A 20 8.87 10.67 2.07
N ASP A 21 9.14 11.85 1.52
CA ASP A 21 10.06 12.00 0.40
C ASP A 21 11.35 12.67 0.84
N LEU A 22 12.48 12.00 0.62
CA LEU A 22 13.79 12.53 0.99
C LEU A 22 14.33 13.49 -0.08
N ILE A 23 13.88 13.31 -1.32
CA ILE A 23 14.33 14.15 -2.43
C ILE A 23 13.97 15.62 -2.18
N SER A 24 12.67 15.88 -2.03
CA SER A 24 12.19 17.24 -1.78
C SER A 24 12.21 17.57 -0.28
N GLY A 25 11.94 16.56 0.54
CA GLY A 25 11.91 16.76 1.99
C GLY A 25 10.55 17.18 2.50
N ALA A 26 9.54 16.37 2.20
CA ALA A 26 8.17 16.67 2.64
C ALA A 26 7.42 15.40 3.04
N SER A 27 6.61 15.50 4.10
CA SER A 27 5.82 14.38 4.58
C SER A 27 4.49 14.29 3.84
N GLN A 28 4.16 13.09 3.36
CA GLN A 28 2.93 12.87 2.62
C GLN A 28 2.10 11.75 3.25
N TRP A 29 0.84 11.61 2.81
CA TRP A 29 -0.05 10.58 3.32
C TRP A 29 -0.65 9.75 2.18
N GLU A 30 -1.13 10.44 1.14
CA GLU A 30 -1.71 9.77 -0.02
C GLU A 30 -0.63 9.05 -0.82
N LYS A 31 -0.84 7.76 -1.08
CA LYS A 31 0.12 6.95 -1.83
C LYS A 31 0.18 7.40 -3.30
N PRO A 32 1.38 7.80 -3.79
CA PRO A 32 1.56 8.26 -5.17
C PRO A 32 1.51 7.13 -6.19
N GLU A 33 1.65 7.47 -7.46
CA GLU A 33 1.62 6.48 -8.53
C GLU A 33 3.01 5.86 -8.73
N GLY A 34 3.38 4.97 -7.82
CA GLY A 34 4.69 4.32 -7.91
C GLY A 34 5.22 3.92 -6.55
N PHE A 35 4.39 3.25 -5.75
CA PHE A 35 4.79 2.81 -4.42
C PHE A 35 4.58 1.30 -4.28
N GLN A 36 5.08 0.74 -3.17
CA GLN A 36 4.96 -0.70 -2.90
C GLN A 36 5.83 -1.52 -3.86
N GLY A 37 6.99 -0.95 -4.22
CA GLY A 37 7.91 -1.63 -5.11
C GLY A 37 7.37 -1.73 -6.53
N ASP A 38 7.57 -2.89 -7.17
CA ASP A 38 7.11 -3.11 -8.54
C ASP A 38 5.60 -3.43 -8.55
N LEU A 39 5.05 -3.61 -9.75
CA LEU A 39 3.63 -3.92 -9.89
C LEU A 39 3.38 -4.85 -11.09
N LYS A 40 3.27 -6.15 -10.81
CA LYS A 40 3.04 -7.16 -11.85
C LYS A 40 4.21 -7.21 -12.83
N LYS A 41 4.20 -8.21 -13.72
CA LYS A 41 5.26 -8.40 -14.72
C LYS A 41 6.60 -8.68 -14.04
N THR A 42 6.99 -9.95 -14.01
CA THR A 42 8.25 -10.36 -13.38
C THR A 42 8.25 -10.06 -11.88
N ALA A 43 7.05 -9.96 -11.30
CA ALA A 43 6.89 -9.69 -9.87
C ALA A 43 5.88 -10.64 -9.22
N VAL A 44 5.70 -10.51 -7.91
CA VAL A 44 4.77 -11.37 -7.19
C VAL A 44 3.74 -10.54 -6.41
N LYS A 45 2.61 -10.24 -7.06
CA LYS A 45 1.54 -9.45 -6.45
C LYS A 45 0.17 -10.01 -6.82
N THR A 46 -0.59 -10.44 -5.81
CA THR A 46 -1.93 -11.00 -6.04
C THR A 46 -2.93 -9.91 -6.40
N VAL A 47 -4.17 -10.32 -6.70
CA VAL A 47 -5.23 -9.37 -7.07
C VAL A 47 -5.79 -8.66 -5.84
N TRP A 48 -5.76 -9.34 -4.70
CA TRP A 48 -6.25 -8.77 -3.45
C TRP A 48 -5.14 -8.05 -2.70
N VAL A 49 -5.48 -6.94 -2.05
CA VAL A 49 -4.50 -6.17 -1.28
C VAL A 49 -4.72 -6.34 0.22
N GLU A 50 -3.63 -6.51 0.97
CA GLU A 50 -3.72 -6.70 2.42
C GLU A 50 -3.64 -5.36 3.15
N GLY A 51 -4.68 -5.06 3.93
CA GLY A 51 -4.73 -3.83 4.70
C GLY A 51 -4.81 -4.06 6.19
N LEU A 52 -4.46 -3.04 6.98
CA LEU A 52 -4.52 -3.13 8.44
C LEU A 52 -5.59 -2.19 9.01
N SER A 53 -6.42 -2.73 9.89
CA SER A 53 -7.49 -1.97 10.51
C SER A 53 -7.66 -2.38 11.97
N GLU A 54 -8.14 -1.44 12.79
CA GLU A 54 -8.35 -1.70 14.22
C GLU A 54 -7.02 -1.92 14.93
N ASP A 55 -7.05 -2.61 16.07
CA ASP A 55 -5.84 -2.89 16.86
C ASP A 55 -4.80 -3.65 16.02
N GLY A 56 -5.26 -4.39 15.02
CA GLY A 56 -4.36 -5.15 14.18
C GLY A 56 -5.08 -6.21 13.37
N PHE A 57 -6.19 -5.82 12.75
CA PHE A 57 -6.99 -6.74 11.94
C PHE A 57 -6.60 -6.60 10.47
N THR A 58 -6.49 -7.74 9.78
CA THR A 58 -6.11 -7.73 8.37
C THR A 58 -7.35 -7.81 7.47
N TYR A 59 -7.52 -6.79 6.63
CA TYR A 59 -8.64 -6.72 5.70
C TYR A 59 -8.14 -6.82 4.26
N TYR A 60 -8.94 -7.45 3.39
CA TYR A 60 -8.54 -7.61 1.99
C TYR A 60 -9.56 -6.94 1.05
N TYR A 61 -9.06 -6.32 -0.02
CA TYR A 61 -9.91 -5.62 -0.97
C TYR A 61 -9.59 -6.04 -2.41
N ASN A 62 -10.62 -6.01 -3.28
CA ASN A 62 -10.44 -6.38 -4.68
C ASN A 62 -10.63 -5.18 -5.60
N THR A 63 -9.66 -4.96 -6.49
CA THR A 63 -9.72 -3.85 -7.43
C THR A 63 -10.60 -4.17 -8.65
N GLU A 64 -10.81 -5.47 -8.90
CA GLU A 64 -11.61 -5.92 -10.03
C GLU A 64 -13.04 -5.34 -9.96
N THR A 65 -13.77 -5.71 -8.92
CA THR A 65 -15.15 -5.23 -8.74
C THR A 65 -15.20 -4.08 -7.73
N GLY A 66 -14.44 -4.20 -6.65
CA GLY A 66 -14.42 -3.16 -5.62
C GLY A 66 -15.23 -3.53 -4.40
N GLU A 67 -14.85 -4.61 -3.73
CA GLU A 67 -15.55 -5.06 -2.54
C GLU A 67 -14.56 -5.50 -1.45
N SER A 68 -14.72 -4.93 -0.25
CA SER A 68 -13.84 -5.26 0.87
C SER A 68 -14.22 -6.60 1.49
N ARG A 69 -13.24 -7.29 2.05
CA ARG A 69 -13.46 -8.59 2.67
C ARG A 69 -12.77 -8.66 4.04
N TRP A 70 -13.26 -9.58 4.89
CA TRP A 70 -12.71 -9.75 6.23
C TRP A 70 -12.30 -11.22 6.48
N GLU A 71 -11.95 -11.92 5.40
CA GLU A 71 -11.55 -13.32 5.48
C GLU A 71 -10.56 -13.67 4.36
N LYS A 72 -9.65 -14.60 4.64
CA LYS A 72 -8.66 -15.02 3.65
C LYS A 72 -9.30 -15.89 2.57
N PRO A 73 -9.34 -15.41 1.32
CA PRO A 73 -9.94 -16.16 0.19
C PRO A 73 -9.14 -17.40 -0.18
N ASP A 74 -9.84 -18.44 -0.64
CA ASP A 74 -9.19 -19.70 -1.04
C ASP A 74 -9.00 -19.78 -2.55
N ASP A 75 -8.10 -20.66 -3.00
CA ASP A 75 -7.82 -20.83 -4.42
C ASP A 75 -7.31 -22.25 -4.72
N ASP A 1 6.17 16.71 -14.68
CA ASP A 1 6.75 15.35 -14.83
C ASP A 1 6.72 14.55 -13.53
N PRO A 2 7.29 15.09 -12.43
CA PRO A 2 7.31 14.39 -11.12
C PRO A 2 5.92 13.94 -10.67
N SER A 3 5.85 12.74 -10.08
CA SER A 3 4.58 12.19 -9.60
C SER A 3 4.60 12.00 -8.08
N LYS A 4 3.46 11.59 -7.53
CA LYS A 4 3.33 11.39 -6.08
C LYS A 4 2.51 10.12 -5.79
N GLY A 5 3.04 9.27 -4.91
CA GLY A 5 2.32 8.05 -4.56
C GLY A 5 3.24 6.91 -4.19
N ARG A 6 3.93 6.36 -5.19
CA ARG A 6 4.86 5.25 -4.98
C ARG A 6 6.12 5.72 -4.24
N TRP A 7 6.06 5.68 -2.91
CA TRP A 7 7.19 6.09 -2.07
C TRP A 7 7.79 4.90 -1.31
N VAL A 8 9.06 5.02 -0.96
CA VAL A 8 9.76 3.96 -0.23
C VAL A 8 10.38 4.52 1.06
N GLU A 9 10.13 3.85 2.19
CA GLU A 9 10.68 4.29 3.47
C GLU A 9 12.04 3.64 3.74
N GLY A 10 13.00 4.48 4.12
CA GLY A 10 14.35 3.99 4.40
C GLY A 10 14.91 4.57 5.68
N ILE A 11 15.76 3.79 6.36
CA ILE A 11 16.37 4.23 7.61
C ILE A 11 17.84 4.61 7.39
N THR A 12 18.29 5.65 8.09
CA THR A 12 19.67 6.11 7.97
C THR A 12 20.34 6.18 9.34
N SER A 13 21.68 6.21 9.35
CA SER A 13 22.46 6.28 10.59
C SER A 13 21.91 7.33 11.55
N GLU A 14 22.10 7.09 12.86
CA GLU A 14 21.63 8.00 13.91
C GLU A 14 20.15 7.76 14.22
N GLY A 15 19.30 7.84 13.20
CA GLY A 15 17.88 7.63 13.40
C GLY A 15 17.02 8.57 12.58
N TYR A 16 17.31 8.64 11.28
CA TYR A 16 16.57 9.51 10.37
C TYR A 16 15.79 8.69 9.35
N HIS A 17 14.63 9.20 8.94
CA HIS A 17 13.80 8.49 7.97
C HIS A 17 13.76 9.23 6.63
N TYR A 18 14.29 8.58 5.60
CA TYR A 18 14.31 9.16 4.25
C TYR A 18 13.37 8.42 3.31
N TYR A 19 12.86 9.12 2.31
CA TYR A 19 11.92 8.52 1.35
C TYR A 19 12.43 8.69 -0.08
N TYR A 20 12.09 7.74 -0.94
CA TYR A 20 12.52 7.77 -2.34
C TYR A 20 11.34 7.56 -3.29
N ASP A 21 11.38 8.24 -4.43
CA ASP A 21 10.33 8.14 -5.43
C ASP A 21 10.83 7.39 -6.67
N LEU A 22 10.16 6.30 -7.01
CA LEU A 22 10.53 5.49 -8.17
C LEU A 22 9.92 6.05 -9.46
N ILE A 23 8.76 6.71 -9.33
CA ILE A 23 8.07 7.28 -10.49
C ILE A 23 8.97 8.28 -11.21
N SER A 24 9.54 9.21 -10.45
CA SER A 24 10.42 10.24 -11.02
C SER A 24 11.89 9.90 -10.79
N GLY A 25 12.22 9.47 -9.57
CA GLY A 25 13.60 9.14 -9.25
C GLY A 25 14.27 10.20 -8.40
N ALA A 26 13.49 10.84 -7.52
CA ALA A 26 14.02 11.88 -6.65
C ALA A 26 13.81 11.54 -5.17
N SER A 27 14.89 11.59 -4.39
CA SER A 27 14.83 11.27 -2.96
C SER A 27 14.24 12.45 -2.18
N GLN A 28 13.61 12.14 -1.04
CA GLN A 28 13.00 13.15 -0.18
C GLN A 28 13.38 12.94 1.29
N TRP A 29 13.10 13.94 2.11
CA TRP A 29 13.40 13.87 3.54
C TRP A 29 12.17 14.18 4.41
N GLU A 30 11.00 14.31 3.78
CA GLU A 30 9.77 14.60 4.49
C GLU A 30 8.63 13.72 3.97
N LYS A 31 7.92 13.07 4.89
CA LYS A 31 6.81 12.18 4.52
C LYS A 31 5.65 12.98 3.91
N PRO A 32 5.10 12.50 2.78
CA PRO A 32 3.99 13.17 2.09
C PRO A 32 2.69 13.06 2.88
N GLU A 33 1.62 13.67 2.36
CA GLU A 33 0.31 13.62 3.01
C GLU A 33 -0.27 12.21 2.94
N GLY A 34 0.06 11.41 3.97
CA GLY A 34 -0.42 10.04 4.02
C GLY A 34 0.71 9.02 4.04
N PHE A 35 1.06 8.50 2.85
CA PHE A 35 2.12 7.51 2.69
C PHE A 35 1.75 6.19 3.37
N GLN A 36 1.79 6.15 4.71
CA GLN A 36 1.44 4.93 5.44
C GLN A 36 0.05 5.07 6.08
N GLY A 37 -0.83 5.82 5.42
CA GLY A 37 -2.18 6.01 5.94
C GLY A 37 -2.22 7.04 7.05
N ASP A 38 -3.38 7.67 7.21
CA ASP A 38 -3.55 8.69 8.25
C ASP A 38 -4.90 8.52 8.97
N LEU A 39 -5.37 7.27 9.07
CA LEU A 39 -6.64 6.96 9.73
C LEU A 39 -7.78 7.83 9.19
N LYS A 40 -7.98 7.77 7.86
CA LYS A 40 -9.02 8.55 7.19
C LYS A 40 -10.41 8.02 7.55
N LYS A 41 -11.34 8.94 7.84
CA LYS A 41 -12.71 8.57 8.20
C LYS A 41 -13.63 8.57 6.97
N THR A 42 -13.90 7.39 6.43
CA THR A 42 -14.77 7.25 5.26
C THR A 42 -15.40 5.86 5.19
N ALA A 43 -16.60 5.78 4.62
CA ALA A 43 -17.32 4.51 4.49
C ALA A 43 -17.09 3.89 3.11
N VAL A 44 -16.24 2.87 3.06
CA VAL A 44 -15.94 2.19 1.79
C VAL A 44 -16.64 0.83 1.72
N LYS A 45 -17.32 0.59 0.59
CA LYS A 45 -18.04 -0.67 0.39
C LYS A 45 -17.07 -1.85 0.19
N THR A 46 -17.61 -3.05 -0.02
CA THR A 46 -16.80 -4.25 -0.21
C THR A 46 -15.93 -4.12 -1.46
N VAL A 47 -14.63 -3.89 -1.26
CA VAL A 47 -13.69 -3.75 -2.36
C VAL A 47 -12.84 -5.02 -2.54
N TRP A 48 -13.34 -6.16 -2.08
CA TRP A 48 -12.61 -7.43 -2.19
C TRP A 48 -13.41 -8.44 -3.01
N VAL A 49 -12.68 -9.26 -3.78
CA VAL A 49 -13.30 -10.29 -4.62
C VAL A 49 -12.95 -11.69 -4.09
N GLU A 50 -13.93 -12.59 -4.11
CA GLU A 50 -13.72 -13.96 -3.64
C GLU A 50 -13.57 -14.93 -4.82
N GLY A 51 -12.44 -15.63 -4.86
CA GLY A 51 -12.19 -16.59 -5.93
C GLY A 51 -12.02 -18.01 -5.42
N LEU A 52 -12.31 -18.99 -6.27
CA LEU A 52 -12.19 -20.40 -5.90
C LEU A 52 -11.03 -21.07 -6.63
N SER A 53 -10.14 -21.70 -5.86
CA SER A 53 -8.97 -22.38 -6.42
C SER A 53 -8.99 -23.86 -6.07
N GLU A 54 -8.38 -24.69 -6.93
CA GLU A 54 -8.32 -26.14 -6.72
C GLU A 54 -7.93 -26.48 -5.29
N ASP A 55 -8.35 -27.67 -4.84
CA ASP A 55 -8.05 -28.14 -3.49
C ASP A 55 -8.76 -27.32 -2.41
N GLY A 56 -9.67 -26.43 -2.82
CA GLY A 56 -10.40 -25.61 -1.87
C GLY A 56 -9.56 -24.51 -1.27
N PHE A 57 -8.98 -23.66 -2.13
CA PHE A 57 -8.15 -22.55 -1.68
C PHE A 57 -8.78 -21.22 -2.08
N THR A 58 -9.57 -20.65 -1.18
CA THR A 58 -10.23 -19.37 -1.44
C THR A 58 -9.23 -18.21 -1.42
N TYR A 59 -9.13 -17.51 -2.53
CA TYR A 59 -8.22 -16.37 -2.66
C TYR A 59 -9.01 -15.06 -2.80
N TYR A 60 -8.48 -13.98 -2.24
CA TYR A 60 -9.14 -12.69 -2.30
C TYR A 60 -8.27 -11.64 -3.01
N TYR A 61 -8.92 -10.78 -3.79
CA TYR A 61 -8.23 -9.73 -4.53
C TYR A 61 -8.83 -8.36 -4.21
N ASN A 62 -8.04 -7.30 -4.41
CA ASN A 62 -8.48 -5.94 -4.14
C ASN A 62 -8.57 -5.12 -5.42
N THR A 63 -9.73 -4.51 -5.67
CA THR A 63 -9.96 -3.70 -6.86
C THR A 63 -9.67 -2.21 -6.61
N GLU A 64 -8.75 -1.94 -5.69
CA GLU A 64 -8.39 -0.56 -5.36
C GLU A 64 -6.89 -0.33 -5.60
N THR A 65 -6.07 -1.16 -4.97
CA THR A 65 -4.62 -1.07 -5.10
C THR A 65 -4.11 -2.06 -6.15
N GLY A 66 -4.77 -3.21 -6.27
CA GLY A 66 -4.38 -4.22 -7.24
C GLY A 66 -3.38 -5.20 -6.68
N GLU A 67 -3.81 -5.98 -5.68
CA GLU A 67 -2.94 -6.98 -5.05
C GLU A 67 -3.76 -8.17 -4.54
N SER A 68 -3.33 -9.37 -4.92
CA SER A 68 -4.01 -10.59 -4.49
C SER A 68 -3.59 -10.98 -3.08
N ARG A 69 -4.49 -11.63 -2.35
CA ARG A 69 -4.22 -12.07 -0.98
C ARG A 69 -4.68 -13.50 -0.75
N TRP A 70 -4.08 -14.15 0.24
CA TRP A 70 -4.43 -15.54 0.58
C TRP A 70 -4.78 -15.67 2.07
N GLU A 71 -5.21 -14.57 2.68
CA GLU A 71 -5.59 -14.55 4.09
C GLU A 71 -6.76 -13.58 4.33
N LYS A 72 -7.77 -14.06 5.06
CA LYS A 72 -8.96 -13.24 5.35
C LYS A 72 -8.57 -12.02 6.19
N PRO A 73 -9.08 -10.82 5.82
CA PRO A 73 -8.79 -9.59 6.56
C PRO A 73 -9.49 -9.55 7.92
N ASP A 74 -8.73 -9.86 8.98
CA ASP A 74 -9.25 -9.88 10.34
C ASP A 74 -10.26 -11.02 10.54
N ASP A 75 -10.76 -11.15 11.76
CA ASP A 75 -11.73 -12.19 12.09
C ASP A 75 -13.13 -11.82 11.61
N ASP A 1 -0.93 8.02 -9.63
CA ASP A 1 -2.09 7.44 -8.90
C ASP A 1 -1.62 6.65 -7.68
N PRO A 2 -1.42 7.32 -6.54
CA PRO A 2 -0.96 6.69 -5.30
C PRO A 2 -1.99 5.71 -4.72
N SER A 3 -2.12 4.55 -5.35
CA SER A 3 -3.05 3.53 -4.90
C SER A 3 -2.29 2.31 -4.37
N LYS A 4 -1.33 1.85 -5.16
CA LYS A 4 -0.50 0.71 -4.79
C LYS A 4 0.90 0.83 -5.43
N GLY A 5 1.50 2.00 -5.25
CA GLY A 5 2.83 2.24 -5.82
C GLY A 5 3.92 1.54 -5.05
N ARG A 6 5.18 1.86 -5.38
CA ARG A 6 6.33 1.26 -4.72
C ARG A 6 7.28 2.33 -4.21
N TRP A 7 7.07 2.73 -2.95
CA TRP A 7 7.90 3.76 -2.32
C TRP A 7 8.82 3.12 -1.28
N VAL A 8 10.06 3.63 -1.20
CA VAL A 8 11.04 3.12 -0.26
C VAL A 8 11.42 4.18 0.77
N GLU A 9 11.55 3.77 2.04
CA GLU A 9 11.91 4.70 3.11
C GLU A 9 13.42 4.77 3.29
N GLY A 10 13.94 5.99 3.38
CA GLY A 10 15.36 6.19 3.55
C GLY A 10 15.69 7.19 4.65
N ILE A 11 16.79 6.97 5.34
CA ILE A 11 17.23 7.85 6.43
C ILE A 11 18.35 8.78 5.97
N THR A 12 18.32 10.02 6.43
CA THR A 12 19.34 11.01 6.08
C THR A 12 19.93 11.65 7.33
N SER A 13 21.10 12.27 7.17
CA SER A 13 21.80 12.92 8.29
C SER A 13 20.86 13.85 9.07
N GLU A 14 21.13 13.97 10.37
CA GLU A 14 20.33 14.81 11.27
C GLU A 14 19.10 14.04 11.76
N GLY A 15 18.28 13.55 10.82
CA GLY A 15 17.08 12.81 11.19
C GLY A 15 15.91 13.13 10.28
N TYR A 16 16.13 13.02 8.97
CA TYR A 16 15.09 13.30 7.99
C TYR A 16 14.75 12.04 7.19
N HIS A 17 13.46 11.73 7.09
CA HIS A 17 13.02 10.56 6.36
C HIS A 17 12.62 10.92 4.93
N TYR A 18 13.34 10.37 3.97
CA TYR A 18 13.07 10.63 2.56
C TYR A 18 12.51 9.38 1.88
N TYR A 19 11.70 9.59 0.84
CA TYR A 19 11.09 8.49 0.10
C TYR A 19 11.42 8.57 -1.39
N TYR A 20 11.50 7.42 -2.04
CA TYR A 20 11.81 7.36 -3.47
C TYR A 20 10.91 6.36 -4.20
N ASP A 21 10.62 6.67 -5.46
CA ASP A 21 9.79 5.80 -6.29
C ASP A 21 10.61 5.18 -7.42
N LEU A 22 10.64 3.85 -7.47
CA LEU A 22 11.39 3.14 -8.51
C LEU A 22 10.65 3.11 -9.84
N ILE A 23 9.31 3.05 -9.77
CA ILE A 23 8.48 3.03 -10.98
C ILE A 23 8.69 4.28 -11.82
N SER A 24 8.48 5.44 -11.19
CA SER A 24 8.65 6.72 -11.87
C SER A 24 10.10 7.18 -11.87
N GLY A 25 10.81 6.89 -10.77
CA GLY A 25 12.20 7.29 -10.66
C GLY A 25 12.36 8.70 -10.14
N ALA A 26 11.63 9.03 -9.07
CA ALA A 26 11.69 10.36 -8.47
C ALA A 26 11.77 10.30 -6.94
N SER A 27 12.54 11.21 -6.36
CA SER A 27 12.71 11.27 -4.91
C SER A 27 11.74 12.29 -4.30
N GLN A 28 11.21 11.97 -3.11
CA GLN A 28 10.27 12.85 -2.42
C GLN A 28 10.63 13.00 -0.94
N TRP A 29 10.01 13.96 -0.27
CA TRP A 29 10.27 14.20 1.15
C TRP A 29 8.96 14.23 1.95
N GLU A 30 7.83 13.91 1.31
CA GLU A 30 6.53 13.89 1.97
C GLU A 30 5.90 12.51 1.83
N LYS A 31 5.47 11.93 2.95
CA LYS A 31 4.84 10.62 2.95
C LYS A 31 3.55 10.64 2.12
N PRO A 32 3.55 9.96 0.96
CA PRO A 32 2.37 9.89 0.08
C PRO A 32 1.23 9.09 0.70
N GLU A 33 0.00 9.46 0.35
CA GLU A 33 -1.17 8.76 0.88
C GLU A 33 -1.23 7.34 0.34
N GLY A 34 -0.62 6.42 1.09
CA GLY A 34 -0.59 5.02 0.69
C GLY A 34 0.77 4.38 0.91
N PHE A 35 1.34 4.59 2.10
CA PHE A 35 2.65 4.03 2.45
C PHE A 35 2.54 3.07 3.62
N GLN A 36 1.89 3.51 4.69
CA GLN A 36 1.70 2.69 5.88
C GLN A 36 0.21 2.61 6.23
N GLY A 37 -0.11 1.83 7.27
CA GLY A 37 -1.49 1.70 7.69
C GLY A 37 -1.93 2.84 8.59
N ASP A 38 -1.96 4.05 8.01
CA ASP A 38 -2.35 5.25 8.76
C ASP A 38 -3.86 5.26 9.00
N LEU A 39 -4.26 4.70 10.15
CA LEU A 39 -5.68 4.63 10.51
C LEU A 39 -6.26 6.03 10.77
N LYS A 40 -7.18 6.45 9.89
CA LYS A 40 -7.81 7.76 10.01
C LYS A 40 -9.07 7.69 10.88
N LYS A 41 -9.62 8.85 11.24
CA LYS A 41 -10.82 8.93 12.06
C LYS A 41 -12.09 8.85 11.21
N THR A 42 -12.67 7.65 11.13
CA THR A 42 -13.88 7.43 10.34
C THR A 42 -14.62 6.17 10.82
N ALA A 43 -15.81 5.94 10.24
CA ALA A 43 -16.62 4.78 10.61
C ALA A 43 -16.52 3.66 9.55
N VAL A 44 -15.45 3.70 8.77
CA VAL A 44 -15.23 2.69 7.73
C VAL A 44 -14.08 1.75 8.11
N LYS A 45 -14.38 0.46 8.23
CA LYS A 45 -13.37 -0.53 8.58
C LYS A 45 -13.06 -1.45 7.40
N THR A 46 -11.88 -1.29 6.80
CA THR A 46 -11.46 -2.10 5.66
C THR A 46 -10.04 -2.65 5.85
N VAL A 47 -9.80 -3.83 5.29
CA VAL A 47 -8.48 -4.47 5.40
C VAL A 47 -8.09 -5.18 4.10
N TRP A 48 -8.97 -6.05 3.60
CA TRP A 48 -8.71 -6.79 2.37
C TRP A 48 -8.83 -5.89 1.15
N VAL A 49 -7.96 -6.12 0.16
CA VAL A 49 -7.96 -5.34 -1.07
C VAL A 49 -8.30 -6.22 -2.28
N GLU A 50 -9.02 -5.64 -3.24
CA GLU A 50 -9.42 -6.37 -4.45
C GLU A 50 -8.43 -6.13 -5.59
N GLY A 51 -7.84 -7.21 -6.10
CA GLY A 51 -6.89 -7.10 -7.20
C GLY A 51 -7.36 -7.84 -8.44
N LEU A 52 -6.81 -7.47 -9.61
CA LEU A 52 -7.17 -8.11 -10.87
C LEU A 52 -6.01 -8.92 -11.42
N SER A 53 -6.28 -10.18 -11.75
CA SER A 53 -5.27 -11.07 -12.30
C SER A 53 -5.51 -11.33 -13.79
N GLU A 54 -4.42 -11.61 -14.52
CA GLU A 54 -4.49 -11.86 -15.96
C GLU A 54 -5.66 -12.78 -16.32
N ASP A 55 -6.21 -12.58 -17.53
CA ASP A 55 -7.34 -13.36 -18.03
C ASP A 55 -8.67 -12.82 -17.51
N GLY A 56 -8.77 -12.67 -16.18
CA GLY A 56 -9.99 -12.16 -15.58
C GLY A 56 -10.32 -12.83 -14.26
N PHE A 57 -9.36 -12.82 -13.33
CA PHE A 57 -9.53 -13.42 -12.01
C PHE A 57 -9.32 -12.39 -10.92
N THR A 58 -10.25 -12.33 -9.96
CA THR A 58 -10.14 -11.37 -8.86
C THR A 58 -9.49 -12.01 -7.64
N TYR A 59 -8.37 -11.43 -7.22
CA TYR A 59 -7.62 -11.92 -6.06
C TYR A 59 -7.69 -10.92 -4.91
N TYR A 60 -7.71 -11.42 -3.67
CA TYR A 60 -7.79 -10.57 -2.49
C TYR A 60 -6.57 -10.79 -1.58
N TYR A 61 -6.07 -9.70 -1.00
CA TYR A 61 -4.90 -9.78 -0.10
C TYR A 61 -5.22 -9.23 1.29
N ASN A 62 -4.55 -9.76 2.31
CA ASN A 62 -4.76 -9.32 3.68
C ASN A 62 -3.52 -8.63 4.23
N THR A 63 -3.71 -7.45 4.83
CA THR A 63 -2.60 -6.68 5.41
C THR A 63 -2.26 -7.14 6.83
N GLU A 64 -3.26 -7.68 7.54
CA GLU A 64 -3.06 -8.15 8.91
C GLU A 64 -2.02 -9.27 8.95
N THR A 65 -2.32 -10.38 8.28
CA THR A 65 -1.40 -11.53 8.24
C THR A 65 -0.37 -11.38 7.13
N GLY A 66 -0.85 -10.97 5.95
CA GLY A 66 0.04 -10.79 4.81
C GLY A 66 0.06 -12.01 3.90
N GLU A 67 -1.13 -12.47 3.50
CA GLU A 67 -1.24 -13.63 2.62
C GLU A 67 -2.25 -13.37 1.50
N SER A 68 -1.92 -13.85 0.31
CA SER A 68 -2.80 -13.69 -0.85
C SER A 68 -3.90 -14.74 -0.84
N ARG A 69 -5.11 -14.34 -1.23
CA ARG A 69 -6.25 -15.23 -1.26
C ARG A 69 -7.01 -15.11 -2.58
N TRP A 70 -7.78 -16.14 -2.93
CA TRP A 70 -8.55 -16.14 -4.17
C TRP A 70 -10.03 -16.44 -3.90
N GLU A 71 -10.49 -16.10 -2.70
CA GLU A 71 -11.88 -16.32 -2.30
C GLU A 71 -12.36 -15.15 -1.43
N LYS A 72 -13.53 -14.60 -1.76
CA LYS A 72 -14.10 -13.48 -1.01
C LYS A 72 -14.24 -13.82 0.47
N PRO A 73 -13.41 -13.20 1.34
CA PRO A 73 -13.45 -13.44 2.79
C PRO A 73 -14.76 -12.98 3.43
N ASP A 74 -15.00 -13.41 4.68
CA ASP A 74 -16.22 -13.05 5.41
C ASP A 74 -17.43 -13.81 4.87
N ASP A 75 -18.58 -13.66 5.52
CA ASP A 75 -19.80 -14.33 5.10
C ASP A 75 -20.71 -13.40 4.30
N ASP A 1 -7.08 21.87 5.20
CA ASP A 1 -6.13 21.81 4.05
C ASP A 1 -5.77 20.37 3.69
N PRO A 2 -6.53 19.74 2.77
CA PRO A 2 -6.29 18.36 2.34
C PRO A 2 -5.02 18.21 1.50
N SER A 3 -4.24 17.18 1.82
CA SER A 3 -2.99 16.92 1.11
C SER A 3 -2.57 15.46 1.26
N LYS A 4 -3.06 14.61 0.36
CA LYS A 4 -2.74 13.17 0.40
C LYS A 4 -1.41 12.89 -0.31
N GLY A 5 -0.33 12.80 0.48
CA GLY A 5 0.99 12.54 -0.07
C GLY A 5 1.16 11.10 -0.50
N ARG A 6 1.30 10.87 -1.81
CA ARG A 6 1.48 9.53 -2.35
C ARG A 6 2.95 9.28 -2.69
N TRP A 7 3.66 8.65 -1.77
CA TRP A 7 5.08 8.35 -1.96
C TRP A 7 5.36 6.86 -1.79
N VAL A 8 6.31 6.35 -2.59
CA VAL A 8 6.69 4.94 -2.55
C VAL A 8 8.11 4.78 -2.02
N GLU A 9 8.32 3.79 -1.15
CA GLU A 9 9.63 3.54 -0.57
C GLU A 9 10.43 2.56 -1.43
N GLY A 10 11.68 2.93 -1.74
CA GLY A 10 12.54 2.08 -2.54
C GLY A 10 13.95 1.96 -1.98
N ILE A 11 14.57 0.81 -2.20
CA ILE A 11 15.93 0.57 -1.71
C ILE A 11 16.97 0.88 -2.79
N THR A 12 18.12 1.40 -2.37
CA THR A 12 19.20 1.74 -3.30
C THR A 12 20.52 1.11 -2.85
N SER A 13 21.48 1.03 -3.77
CA SER A 13 22.80 0.46 -3.48
C SER A 13 23.36 0.98 -2.16
N GLU A 14 24.22 0.17 -1.53
CA GLU A 14 24.84 0.51 -0.25
C GLU A 14 23.88 0.29 0.91
N GLY A 15 22.71 0.93 0.85
CA GLY A 15 21.71 0.78 1.90
C GLY A 15 21.02 2.09 2.21
N TYR A 16 20.49 2.74 1.17
CA TYR A 16 19.78 4.01 1.35
C TYR A 16 18.31 3.86 0.96
N HIS A 17 17.46 4.69 1.58
CA HIS A 17 16.03 4.65 1.29
C HIS A 17 15.59 5.88 0.52
N TYR A 18 15.12 5.67 -0.71
CA TYR A 18 14.66 6.76 -1.56
C TYR A 18 13.14 6.71 -1.73
N TYR A 19 12.54 7.88 -1.95
CA TYR A 19 11.10 7.96 -2.12
C TYR A 19 10.75 8.64 -3.44
N TYR A 20 9.62 8.25 -4.02
CA TYR A 20 9.18 8.82 -5.29
C TYR A 20 7.72 9.27 -5.22
N ASP A 21 7.42 10.39 -5.87
CA ASP A 21 6.06 10.92 -5.90
C ASP A 21 5.47 10.81 -7.30
N LEU A 22 4.32 10.15 -7.41
CA LEU A 22 3.65 9.97 -8.70
C LEU A 22 2.84 11.20 -9.08
N ILE A 23 2.34 11.92 -8.07
CA ILE A 23 1.53 13.12 -8.31
C ILE A 23 2.35 14.18 -9.06
N SER A 24 3.59 14.39 -8.62
CA SER A 24 4.47 15.37 -9.25
C SER A 24 5.44 14.69 -10.23
N GLY A 25 5.89 13.49 -9.90
CA GLY A 25 6.82 12.77 -10.75
C GLY A 25 8.26 13.14 -10.48
N ALA A 26 8.72 12.90 -9.25
CA ALA A 26 10.10 13.22 -8.87
C ALA A 26 10.61 12.32 -7.76
N SER A 27 11.93 12.17 -7.68
CA SER A 27 12.57 11.34 -6.65
C SER A 27 13.05 12.20 -5.49
N GLN A 28 12.94 11.65 -4.28
CA GLN A 28 13.35 12.34 -3.07
C GLN A 28 14.13 11.41 -2.14
N TRP A 29 14.76 11.97 -1.12
CA TRP A 29 15.54 11.21 -0.17
C TRP A 29 15.09 11.50 1.27
N GLU A 30 14.90 12.78 1.57
CA GLU A 30 14.44 13.20 2.91
C GLU A 30 12.93 13.00 3.04
N LYS A 31 12.51 12.44 4.18
CA LYS A 31 11.09 12.20 4.44
C LYS A 31 10.30 13.52 4.43
N PRO A 32 9.06 13.50 3.91
CA PRO A 32 8.20 14.70 3.85
C PRO A 32 7.40 14.93 5.13
N GLU A 33 7.96 14.53 6.27
CA GLU A 33 7.29 14.68 7.56
C GLU A 33 5.87 14.11 7.54
N GLY A 34 5.65 13.09 6.69
CA GLY A 34 4.34 12.48 6.61
C GLY A 34 4.37 11.12 5.91
N PHE A 35 5.41 10.34 6.19
CA PHE A 35 5.55 9.02 5.58
C PHE A 35 5.59 7.92 6.65
N GLN A 36 6.41 8.14 7.68
CA GLN A 36 6.54 7.17 8.78
C GLN A 36 5.82 7.67 10.04
N GLY A 37 4.95 6.83 10.60
CA GLY A 37 4.22 7.21 11.79
C GLY A 37 3.71 6.01 12.56
N ASP A 38 3.67 6.13 13.89
CA ASP A 38 3.20 5.04 14.75
C ASP A 38 1.87 5.40 15.40
N LEU A 39 0.82 4.67 15.03
CA LEU A 39 -0.52 4.91 15.57
C LEU A 39 -0.80 3.98 16.75
N LYS A 40 -1.96 4.16 17.39
CA LYS A 40 -2.36 3.33 18.53
C LYS A 40 -3.33 2.22 18.09
N LYS A 41 -3.13 1.71 16.88
CA LYS A 41 -3.98 0.64 16.34
C LYS A 41 -3.15 -0.42 15.62
N THR A 42 -3.67 -1.65 15.58
CA THR A 42 -2.97 -2.76 14.92
C THR A 42 -3.21 -2.73 13.42
N ALA A 43 -2.12 -2.77 12.64
CA ALA A 43 -2.21 -2.76 11.19
C ALA A 43 -2.16 -4.17 10.62
N VAL A 44 -2.95 -4.42 9.57
CA VAL A 44 -3.00 -5.73 8.92
C VAL A 44 -1.96 -5.83 7.81
N LYS A 45 -1.40 -7.04 7.64
CA LYS A 45 -0.39 -7.28 6.60
C LYS A 45 -1.04 -7.91 5.36
N THR A 46 -2.28 -7.50 5.05
CA THR A 46 -3.01 -8.02 3.89
C THR A 46 -3.21 -9.53 3.99
N VAL A 47 -4.27 -9.94 4.69
CA VAL A 47 -4.59 -11.35 4.85
C VAL A 47 -5.65 -11.79 3.84
N TRP A 48 -5.53 -11.30 2.60
CA TRP A 48 -6.46 -11.66 1.54
C TRP A 48 -5.74 -12.19 0.32
N VAL A 49 -6.36 -13.17 -0.35
CA VAL A 49 -5.77 -13.78 -1.54
C VAL A 49 -6.41 -13.21 -2.80
N GLU A 50 -5.67 -13.24 -3.92
CA GLU A 50 -6.17 -12.72 -5.19
C GLU A 50 -6.52 -13.86 -6.15
N GLY A 51 -7.78 -13.89 -6.59
CA GLY A 51 -8.24 -14.91 -7.51
C GLY A 51 -8.72 -14.34 -8.83
N LEU A 52 -8.73 -15.17 -9.87
CA LEU A 52 -9.18 -14.73 -11.19
C LEU A 52 -10.48 -15.42 -11.59
N SER A 53 -11.50 -14.62 -11.89
CA SER A 53 -12.81 -15.14 -12.29
C SER A 53 -13.11 -14.79 -13.75
N GLU A 54 -13.93 -15.62 -14.40
CA GLU A 54 -14.30 -15.42 -15.80
C GLU A 54 -14.72 -13.98 -16.07
N ASP A 55 -14.57 -13.56 -17.33
CA ASP A 55 -14.93 -12.20 -17.77
C ASP A 55 -14.00 -11.14 -17.17
N GLY A 56 -12.90 -11.58 -16.52
CA GLY A 56 -11.97 -10.64 -15.93
C GLY A 56 -12.46 -10.04 -14.63
N PHE A 57 -12.75 -10.88 -13.65
CA PHE A 57 -13.23 -10.41 -12.35
C PHE A 57 -12.33 -10.92 -11.23
N THR A 58 -11.58 -10.01 -10.61
CA THR A 58 -10.68 -10.37 -9.52
C THR A 58 -11.43 -10.51 -8.20
N TYR A 59 -11.37 -11.70 -7.61
CA TYR A 59 -12.03 -11.98 -6.34
C TYR A 59 -11.01 -12.21 -5.24
N TYR A 60 -11.33 -11.80 -4.01
CA TYR A 60 -10.41 -11.96 -2.90
C TYR A 60 -11.04 -12.80 -1.79
N TYR A 61 -10.22 -13.65 -1.16
CA TYR A 61 -10.67 -14.54 -0.09
C TYR A 61 -9.90 -14.29 1.21
N ASN A 62 -10.57 -14.50 2.35
CA ASN A 62 -9.95 -14.32 3.66
C ASN A 62 -9.88 -15.63 4.44
N THR A 63 -8.71 -15.92 4.99
CA THR A 63 -8.51 -17.16 5.78
C THR A 63 -9.08 -17.00 7.20
N GLU A 64 -9.12 -15.77 7.70
CA GLU A 64 -9.63 -15.49 9.04
C GLU A 64 -11.06 -16.00 9.20
N THR A 65 -11.98 -15.43 8.43
CA THR A 65 -13.39 -15.83 8.50
C THR A 65 -13.68 -16.99 7.55
N GLY A 66 -13.18 -16.89 6.32
CA GLY A 66 -13.39 -17.94 5.34
C GLY A 66 -14.55 -17.62 4.40
N GLU A 67 -14.57 -16.39 3.87
CA GLU A 67 -15.63 -15.97 2.96
C GLU A 67 -15.06 -15.20 1.78
N SER A 68 -15.65 -15.40 0.60
CA SER A 68 -15.21 -14.73 -0.61
C SER A 68 -15.63 -13.26 -0.61
N ARG A 69 -14.81 -12.41 -1.24
CA ARG A 69 -15.07 -10.98 -1.31
C ARG A 69 -14.89 -10.46 -2.73
N TRP A 70 -15.56 -9.35 -3.05
CA TRP A 70 -15.46 -8.73 -4.37
C TRP A 70 -15.08 -7.25 -4.25
N GLU A 71 -14.29 -6.93 -3.23
CA GLU A 71 -13.85 -5.55 -2.99
C GLU A 71 -12.39 -5.53 -2.55
N LYS A 72 -11.54 -4.86 -3.32
CA LYS A 72 -10.12 -4.75 -3.00
C LYS A 72 -9.89 -3.82 -1.81
N PRO A 73 -9.37 -4.36 -0.68
CA PRO A 73 -9.11 -3.57 0.53
C PRO A 73 -7.97 -2.55 0.32
N ASP A 74 -8.34 -1.28 0.20
CA ASP A 74 -7.37 -0.21 -0.02
C ASP A 74 -7.02 0.50 1.30
N ASP A 75 -5.76 0.93 1.41
CA ASP A 75 -5.27 1.63 2.61
C ASP A 75 -5.14 0.66 3.80
N ASP A 1 7.69 -7.06 8.80
CA ASP A 1 8.07 -7.65 7.49
C ASP A 1 8.32 -6.57 6.44
N PRO A 2 9.58 -6.07 6.35
CA PRO A 2 9.94 -5.02 5.40
C PRO A 2 9.99 -5.54 3.95
N SER A 3 8.82 -5.67 3.34
CA SER A 3 8.72 -6.15 1.96
C SER A 3 7.54 -5.49 1.24
N LYS A 4 7.71 -5.27 -0.07
CA LYS A 4 6.68 -4.64 -0.90
C LYS A 4 6.36 -3.22 -0.42
N GLY A 5 7.05 -2.23 -0.99
CA GLY A 5 6.83 -0.85 -0.62
C GLY A 5 7.79 0.10 -1.29
N ARG A 6 7.48 0.47 -2.53
CA ARG A 6 8.32 1.40 -3.29
C ARG A 6 7.75 2.82 -3.24
N TRP A 7 7.99 3.50 -2.11
CA TRP A 7 7.50 4.86 -1.92
C TRP A 7 8.64 5.82 -1.64
N VAL A 8 8.52 7.05 -2.15
CA VAL A 8 9.56 8.07 -1.96
C VAL A 8 9.05 9.16 -1.02
N GLU A 9 9.93 9.63 -0.13
CA GLU A 9 9.57 10.67 0.82
C GLU A 9 9.86 12.06 0.26
N GLY A 10 8.90 12.97 0.41
CA GLY A 10 9.05 14.33 -0.09
C GLY A 10 8.61 15.38 0.91
N ILE A 11 9.26 16.53 0.88
CA ILE A 11 8.93 17.63 1.79
C ILE A 11 7.96 18.62 1.14
N THR A 12 7.06 19.18 1.94
CA THR A 12 6.07 20.15 1.46
C THR A 12 6.08 21.41 2.33
N SER A 13 5.52 22.49 1.78
CA SER A 13 5.44 23.77 2.50
C SER A 13 4.93 23.59 3.93
N GLU A 14 5.40 24.46 4.83
CA GLU A 14 5.02 24.41 6.24
C GLU A 14 5.81 23.34 6.99
N GLY A 15 5.72 22.09 6.51
CA GLY A 15 6.44 21.00 7.14
C GLY A 15 5.66 19.69 7.09
N TYR A 16 5.17 19.34 5.90
CA TYR A 16 4.41 18.11 5.71
C TYR A 16 5.21 17.11 4.88
N HIS A 17 5.04 15.83 5.18
CA HIS A 17 5.75 14.78 4.46
C HIS A 17 4.79 14.00 3.57
N TYR A 18 5.03 14.07 2.25
CA TYR A 18 4.21 13.37 1.27
C TYR A 18 4.99 12.22 0.64
N TYR A 19 4.28 11.18 0.22
CA TYR A 19 4.91 10.03 -0.40
C TYR A 19 4.31 9.73 -1.78
N TYR A 20 5.14 9.19 -2.67
CA TYR A 20 4.69 8.86 -4.01
C TYR A 20 4.96 7.39 -4.35
N ASP A 21 4.10 6.80 -5.17
CA ASP A 21 4.24 5.40 -5.58
C ASP A 21 4.48 5.28 -7.08
N LEU A 22 5.57 4.60 -7.44
CA LEU A 22 5.92 4.41 -8.85
C LEU A 22 5.18 3.21 -9.46
N ILE A 23 4.91 2.20 -8.64
CA ILE A 23 4.20 1.00 -9.10
C ILE A 23 2.82 1.36 -9.65
N SER A 24 2.00 1.97 -8.81
CA SER A 24 0.66 2.37 -9.20
C SER A 24 0.65 3.74 -9.89
N GLY A 25 1.44 4.68 -9.33
CA GLY A 25 1.52 6.01 -9.90
C GLY A 25 0.54 6.96 -9.24
N ALA A 26 0.53 6.98 -7.90
CA ALA A 26 -0.37 7.85 -7.16
C ALA A 26 0.36 8.55 -6.01
N SER A 27 -0.03 9.80 -5.74
CA SER A 27 0.59 10.59 -4.68
C SER A 27 -0.19 10.43 -3.37
N GLN A 28 0.55 10.18 -2.28
CA GLN A 28 -0.06 9.99 -0.97
C GLN A 28 0.47 11.03 0.03
N TRP A 29 -0.21 11.16 1.17
CA TRP A 29 0.20 12.12 2.20
C TRP A 29 0.33 11.44 3.57
N GLU A 30 0.20 10.11 3.61
CA GLU A 30 0.30 9.36 4.86
C GLU A 30 1.23 8.16 4.67
N LYS A 31 2.22 8.03 5.55
CA LYS A 31 3.19 6.93 5.47
C LYS A 31 2.48 5.59 5.65
N PRO A 32 2.44 4.76 4.57
CA PRO A 32 1.78 3.45 4.60
C PRO A 32 2.37 2.52 5.67
N GLU A 33 1.70 1.40 5.91
CA GLU A 33 2.15 0.42 6.90
C GLU A 33 3.44 -0.26 6.43
N GLY A 34 4.58 0.37 6.73
CA GLY A 34 5.87 -0.17 6.33
C GLY A 34 6.78 0.88 5.71
N PHE A 35 6.40 1.34 4.51
CA PHE A 35 7.18 2.35 3.79
C PHE A 35 8.54 1.79 3.32
N GLN A 36 9.45 1.56 4.27
CA GLN A 36 10.78 1.03 3.94
C GLN A 36 10.72 -0.50 3.81
N GLY A 37 10.57 -0.97 2.56
CA GLY A 37 10.49 -2.40 2.31
C GLY A 37 11.57 -2.88 1.35
N ASP A 38 12.78 -2.33 1.48
CA ASP A 38 13.89 -2.71 0.62
C ASP A 38 14.73 -3.83 1.26
N LEU A 39 15.79 -4.25 0.56
CA LEU A 39 16.67 -5.32 1.04
C LEU A 39 15.94 -6.66 1.05
N LYS A 40 16.24 -7.49 0.03
CA LYS A 40 15.61 -8.81 -0.11
C LYS A 40 14.14 -8.68 -0.51
N LYS A 41 13.79 -9.23 -1.67
CA LYS A 41 12.42 -9.17 -2.17
C LYS A 41 11.75 -10.55 -2.16
N THR A 42 10.54 -10.60 -1.61
CA THR A 42 9.77 -11.85 -1.54
C THR A 42 8.37 -11.66 -2.10
N ALA A 43 7.69 -10.60 -1.66
CA ALA A 43 6.34 -10.30 -2.13
C ALA A 43 6.36 -9.50 -3.44
N VAL A 44 6.15 -10.20 -4.55
CA VAL A 44 6.15 -9.57 -5.87
C VAL A 44 4.87 -9.89 -6.63
N LYS A 45 4.21 -8.85 -7.15
CA LYS A 45 2.96 -9.00 -7.91
C LYS A 45 1.86 -9.61 -7.04
N THR A 46 1.12 -8.76 -6.34
CA THR A 46 0.03 -9.20 -5.47
C THR A 46 -1.22 -9.57 -6.27
N VAL A 47 -2.04 -10.45 -5.71
CA VAL A 47 -3.28 -10.89 -6.35
C VAL A 47 -4.50 -10.16 -5.79
N TRP A 48 -4.42 -9.74 -4.53
CA TRP A 48 -5.53 -9.05 -3.88
C TRP A 48 -5.58 -7.57 -4.30
N VAL A 49 -6.80 -7.04 -4.43
CA VAL A 49 -6.99 -5.65 -4.81
C VAL A 49 -7.29 -4.78 -3.58
N GLU A 50 -7.01 -3.49 -3.67
CA GLU A 50 -7.26 -2.56 -2.56
C GLU A 50 -8.37 -1.56 -2.91
N GLY A 51 -9.41 -1.55 -2.09
CA GLY A 51 -10.53 -0.64 -2.30
C GLY A 51 -10.73 0.33 -1.16
N LEU A 52 -11.37 1.46 -1.45
CA LEU A 52 -11.63 2.48 -0.42
C LEU A 52 -13.12 2.56 -0.09
N SER A 53 -13.44 2.45 1.21
CA SER A 53 -14.81 2.50 1.68
C SER A 53 -15.01 3.67 2.66
N GLU A 54 -16.23 4.18 2.72
CA GLU A 54 -16.57 5.30 3.60
C GLU A 54 -15.99 5.11 5.00
N ASP A 55 -15.79 6.22 5.71
CA ASP A 55 -15.24 6.20 7.07
C ASP A 55 -13.76 5.77 7.08
N GLY A 56 -13.16 5.61 5.90
CA GLY A 56 -11.76 5.22 5.82
C GLY A 56 -11.56 3.73 6.07
N PHE A 57 -12.31 2.91 5.33
CA PHE A 57 -12.21 1.47 5.45
C PHE A 57 -11.64 0.86 4.17
N THR A 58 -10.57 0.09 4.32
CA THR A 58 -9.93 -0.54 3.17
C THR A 58 -10.35 -2.01 3.03
N TYR A 59 -10.95 -2.34 1.90
CA TYR A 59 -11.39 -3.70 1.63
C TYR A 59 -10.57 -4.32 0.49
N TYR A 60 -10.31 -5.62 0.57
CA TYR A 60 -9.52 -6.31 -0.44
C TYR A 60 -10.31 -7.43 -1.10
N TYR A 61 -10.13 -7.60 -2.41
CA TYR A 61 -10.83 -8.64 -3.17
C TYR A 61 -9.83 -9.57 -3.85
N ASN A 62 -10.20 -10.86 -3.94
CA ASN A 62 -9.35 -11.85 -4.58
C ASN A 62 -9.99 -12.38 -5.87
N THR A 63 -9.22 -12.31 -6.97
CA THR A 63 -9.70 -12.78 -8.27
C THR A 63 -9.62 -14.30 -8.38
N GLU A 64 -8.65 -14.89 -7.68
CA GLU A 64 -8.46 -16.34 -7.70
C GLU A 64 -9.73 -17.07 -7.29
N THR A 65 -10.27 -16.73 -6.12
CA THR A 65 -11.49 -17.36 -5.60
C THR A 65 -12.72 -16.54 -5.97
N GLY A 66 -12.57 -15.22 -6.04
CA GLY A 66 -13.69 -14.35 -6.37
C GLY A 66 -14.57 -14.05 -5.18
N GLU A 67 -13.98 -13.47 -4.13
CA GLU A 67 -14.71 -13.13 -2.93
C GLU A 67 -14.16 -11.86 -2.27
N SER A 68 -15.05 -11.03 -1.74
CA SER A 68 -14.66 -9.80 -1.08
C SER A 68 -14.11 -10.09 0.31
N ARG A 69 -13.10 -9.32 0.72
CA ARG A 69 -12.46 -9.49 2.02
C ARG A 69 -12.27 -8.14 2.71
N TRP A 70 -12.13 -8.18 4.04
CA TRP A 70 -11.95 -6.96 4.82
C TRP A 70 -10.70 -7.07 5.69
N GLU A 71 -10.56 -8.21 6.39
CA GLU A 71 -9.40 -8.45 7.24
C GLU A 71 -8.14 -8.65 6.40
N LYS A 72 -7.05 -7.99 6.78
CA LYS A 72 -5.79 -8.11 6.04
C LYS A 72 -5.15 -9.48 6.27
N PRO A 73 -4.67 -10.13 5.19
CA PRO A 73 -4.03 -11.46 5.28
C PRO A 73 -2.65 -11.40 5.91
N ASP A 74 -2.17 -12.54 6.39
CA ASP A 74 -0.86 -12.62 7.02
C ASP A 74 0.01 -13.71 6.40
N ASP A 75 1.17 -13.31 5.88
CA ASP A 75 2.12 -14.23 5.23
C ASP A 75 1.52 -14.78 3.93
N ASP A 1 8.55 24.88 5.70
CA ASP A 1 7.50 24.89 4.64
C ASP A 1 6.71 23.59 4.62
N PRO A 2 5.49 23.61 4.03
CA PRO A 2 4.63 22.42 3.95
C PRO A 2 5.21 21.35 3.03
N SER A 3 5.60 20.22 3.61
CA SER A 3 6.18 19.12 2.85
C SER A 3 5.26 17.89 2.88
N LYS A 4 4.62 17.60 1.73
CA LYS A 4 3.71 16.46 1.63
C LYS A 4 3.58 16.00 0.18
N GLY A 5 3.44 14.68 -0.01
CA GLY A 5 3.30 14.13 -1.35
C GLY A 5 2.45 12.86 -1.38
N ARG A 6 2.38 12.25 -2.56
CA ARG A 6 1.62 11.01 -2.73
C ARG A 6 2.55 9.86 -3.07
N TRP A 7 2.87 9.04 -2.06
CA TRP A 7 3.77 7.90 -2.24
C TRP A 7 3.04 6.58 -1.98
N VAL A 8 3.48 5.53 -2.67
CA VAL A 8 2.88 4.21 -2.52
C VAL A 8 3.87 3.23 -1.89
N GLU A 9 3.35 2.24 -1.17
CA GLU A 9 4.19 1.23 -0.51
C GLU A 9 4.19 -0.08 -1.30
N GLY A 10 5.39 -0.60 -1.57
CA GLY A 10 5.52 -1.85 -2.30
C GLY A 10 6.54 -2.80 -1.67
N ILE A 11 6.28 -4.10 -1.81
CA ILE A 11 7.18 -5.12 -1.26
C ILE A 11 7.98 -5.82 -2.36
N THR A 12 9.21 -6.20 -2.04
CA THR A 12 10.08 -6.88 -3.00
C THR A 12 10.69 -8.15 -2.38
N SER A 13 11.18 -9.04 -3.25
CA SER A 13 11.79 -10.30 -2.81
C SER A 13 12.79 -10.07 -1.68
N GLU A 14 12.98 -11.11 -0.85
CA GLU A 14 13.90 -11.04 0.29
C GLU A 14 13.25 -10.36 1.49
N GLY A 15 12.77 -9.12 1.28
CA GLY A 15 12.13 -8.38 2.35
C GLY A 15 12.49 -6.91 2.35
N TYR A 16 12.34 -6.27 1.18
CA TYR A 16 12.66 -4.85 1.04
C TYR A 16 11.39 -4.05 0.72
N HIS A 17 11.29 -2.86 1.32
CA HIS A 17 10.13 -2.01 1.09
C HIS A 17 10.50 -0.81 0.20
N TYR A 18 9.88 -0.75 -0.97
CA TYR A 18 10.12 0.33 -1.92
C TYR A 18 8.91 1.24 -2.04
N TYR A 19 9.14 2.51 -2.35
CA TYR A 19 8.05 3.48 -2.50
C TYR A 19 8.11 4.15 -3.86
N TYR A 20 6.94 4.54 -4.38
CA TYR A 20 6.85 5.19 -5.68
C TYR A 20 6.05 6.49 -5.61
N ASP A 21 6.42 7.45 -6.46
CA ASP A 21 5.74 8.74 -6.51
C ASP A 21 5.01 8.92 -7.84
N LEU A 22 3.72 9.25 -7.77
CA LEU A 22 2.92 9.47 -8.98
C LEU A 22 3.10 10.87 -9.53
N ILE A 23 3.19 11.86 -8.63
CA ILE A 23 3.37 13.25 -9.04
C ILE A 23 4.67 13.44 -9.82
N SER A 24 5.78 12.95 -9.26
CA SER A 24 7.08 13.05 -9.89
C SER A 24 7.31 11.89 -10.87
N GLY A 25 6.89 10.69 -10.49
CA GLY A 25 7.07 9.52 -11.34
C GLY A 25 8.42 8.86 -11.15
N ALA A 26 8.91 8.84 -9.91
CA ALA A 26 10.20 8.24 -9.60
C ALA A 26 10.08 7.22 -8.46
N SER A 27 10.92 6.19 -8.51
CA SER A 27 10.91 5.14 -7.49
C SER A 27 11.93 5.44 -6.40
N GLN A 28 11.57 5.14 -5.15
CA GLN A 28 12.44 5.40 -4.01
C GLN A 28 12.44 4.18 -3.06
N TRP A 29 13.39 4.18 -2.12
CA TRP A 29 13.50 3.09 -1.15
C TRP A 29 13.53 3.61 0.29
N GLU A 30 13.32 4.92 0.47
CA GLU A 30 13.31 5.53 1.79
C GLU A 30 11.96 6.21 2.05
N LYS A 31 11.28 5.79 3.12
CA LYS A 31 9.98 6.35 3.47
C LYS A 31 10.10 7.83 3.82
N PRO A 32 9.41 8.72 3.07
CA PRO A 32 9.45 10.16 3.31
C PRO A 32 8.91 10.55 4.68
N GLU A 33 8.96 11.85 4.99
CA GLU A 33 8.47 12.35 6.27
C GLU A 33 6.95 12.20 6.37
N GLY A 34 6.26 12.38 5.24
CA GLY A 34 4.81 12.27 5.22
C GLY A 34 4.35 11.03 4.48
N PHE A 35 4.17 9.93 5.22
CA PHE A 35 3.71 8.67 4.62
C PHE A 35 2.70 7.98 5.55
N GLN A 36 1.96 7.03 4.99
CA GLN A 36 0.95 6.29 5.75
C GLN A 36 -0.21 7.23 6.14
N GLY A 37 -0.92 6.89 7.22
CA GLY A 37 -2.03 7.71 7.68
C GLY A 37 -1.98 7.99 9.17
N ASP A 38 -3.15 8.00 9.80
CA ASP A 38 -3.26 8.26 11.24
C ASP A 38 -4.64 7.87 11.77
N LEU A 39 -4.81 7.93 13.10
CA LEU A 39 -6.09 7.57 13.73
C LEU A 39 -6.36 6.06 13.62
N LYS A 40 -7.35 5.59 14.37
CA LYS A 40 -7.72 4.17 14.35
C LYS A 40 -9.11 3.98 13.75
N LYS A 41 -9.48 2.72 13.54
CA LYS A 41 -10.79 2.37 12.96
C LYS A 41 -10.83 2.70 11.47
N THR A 42 -11.25 1.72 10.66
CA THR A 42 -11.33 1.91 9.21
C THR A 42 -12.47 1.09 8.61
N ALA A 43 -13.40 1.77 7.94
CA ALA A 43 -14.53 1.11 7.31
C ALA A 43 -14.95 1.82 6.02
N VAL A 44 -14.44 1.32 4.89
CA VAL A 44 -14.76 1.90 3.59
C VAL A 44 -14.97 0.81 2.54
N LYS A 45 -16.01 0.96 1.73
CA LYS A 45 -16.32 -0.02 0.69
C LYS A 45 -15.36 0.13 -0.50
N THR A 46 -14.41 -0.80 -0.60
CA THR A 46 -13.42 -0.78 -1.67
C THR A 46 -13.71 -1.86 -2.73
N VAL A 47 -12.89 -1.89 -3.77
CA VAL A 47 -13.04 -2.87 -4.85
C VAL A 47 -12.08 -4.07 -4.67
N TRP A 48 -11.65 -4.29 -3.43
CA TRP A 48 -10.74 -5.39 -3.13
C TRP A 48 -11.41 -6.43 -2.24
N VAL A 49 -11.14 -7.71 -2.52
CA VAL A 49 -11.72 -8.80 -1.75
C VAL A 49 -10.70 -9.32 -0.72
N GLU A 50 -11.18 -9.64 0.48
CA GLU A 50 -10.31 -10.14 1.54
C GLU A 50 -10.22 -11.66 1.51
N GLY A 51 -8.99 -12.17 1.37
CA GLY A 51 -8.77 -13.60 1.33
C GLY A 51 -7.89 -14.08 2.48
N LEU A 52 -7.97 -15.38 2.78
CA LEU A 52 -7.18 -15.96 3.87
C LEU A 52 -6.10 -16.89 3.31
N SER A 53 -4.89 -16.79 3.87
CA SER A 53 -3.77 -17.61 3.44
C SER A 53 -3.15 -18.34 4.63
N GLU A 54 -2.55 -19.50 4.36
CA GLU A 54 -1.91 -20.32 5.39
C GLU A 54 -1.04 -19.48 6.31
N ASP A 55 -0.86 -19.95 7.55
CA ASP A 55 -0.05 -19.26 8.56
C ASP A 55 -0.68 -17.92 9.00
N GLY A 56 -1.95 -17.69 8.61
CA GLY A 56 -2.63 -16.47 8.99
C GLY A 56 -2.14 -15.25 8.24
N PHE A 57 -2.40 -15.22 6.93
CA PHE A 57 -1.98 -14.10 6.08
C PHE A 57 -3.15 -13.63 5.22
N THR A 58 -3.64 -12.42 5.50
CA THR A 58 -4.76 -11.86 4.75
C THR A 58 -4.27 -11.24 3.44
N TYR A 59 -4.79 -11.74 2.32
CA TYR A 59 -4.43 -11.24 1.00
C TYR A 59 -5.63 -10.57 0.33
N TYR A 60 -5.36 -9.52 -0.45
CA TYR A 60 -6.43 -8.78 -1.13
C TYR A 60 -6.24 -8.82 -2.64
N TYR A 61 -7.35 -8.94 -3.36
CA TYR A 61 -7.31 -8.98 -4.83
C TYR A 61 -8.25 -7.94 -5.43
N ASN A 62 -7.87 -7.42 -6.61
CA ASN A 62 -8.68 -6.41 -7.31
C ASN A 62 -9.20 -6.95 -8.63
N THR A 63 -10.51 -6.75 -8.87
CA THR A 63 -11.15 -7.20 -10.11
C THR A 63 -10.88 -6.23 -11.26
N GLU A 64 -10.71 -4.95 -10.93
CA GLU A 64 -10.46 -3.92 -11.95
C GLU A 64 -9.19 -4.24 -12.75
N THR A 65 -8.05 -4.21 -12.07
CA THR A 65 -6.76 -4.50 -12.72
C THR A 65 -6.52 -6.01 -12.83
N GLY A 66 -6.98 -6.76 -11.82
CA GLY A 66 -6.80 -8.20 -11.83
C GLY A 66 -5.45 -8.63 -11.31
N GLU A 67 -5.03 -8.06 -10.19
CA GLU A 67 -3.74 -8.39 -9.58
C GLU A 67 -3.88 -8.63 -8.08
N SER A 68 -3.21 -9.68 -7.60
CA SER A 68 -3.26 -10.03 -6.19
C SER A 68 -2.30 -9.15 -5.37
N ARG A 69 -2.72 -8.80 -4.16
CA ARG A 69 -1.92 -7.97 -3.27
C ARG A 69 -1.87 -8.55 -1.86
N TRP A 70 -0.85 -8.18 -1.09
CA TRP A 70 -0.70 -8.67 0.28
C TRP A 70 -0.55 -7.50 1.26
N GLU A 71 -1.31 -6.43 1.03
CA GLU A 71 -1.28 -5.25 1.88
C GLU A 71 -2.65 -4.60 1.96
N LYS A 72 -3.03 -4.17 3.17
CA LYS A 72 -4.32 -3.52 3.39
C LYS A 72 -4.32 -2.11 2.81
N PRO A 73 -5.17 -1.85 1.79
CA PRO A 73 -5.26 -0.52 1.13
C PRO A 73 -5.46 0.61 2.14
N ASP A 74 -4.36 1.31 2.43
CA ASP A 74 -4.38 2.43 3.38
C ASP A 74 -4.98 3.68 2.74
N ASP A 75 -5.30 4.67 3.58
CA ASP A 75 -5.88 5.94 3.12
C ASP A 75 -7.34 5.75 2.64
N ASP A 1 9.54 16.70 13.11
CA ASP A 1 10.13 15.49 12.46
C ASP A 1 9.21 14.27 12.56
N PRO A 2 8.78 13.88 13.78
CA PRO A 2 7.90 12.73 13.96
C PRO A 2 6.43 13.07 13.66
N SER A 3 5.65 12.06 13.32
CA SER A 3 4.24 12.23 13.00
C SER A 3 4.04 13.20 11.82
N LYS A 4 4.84 13.02 10.77
CA LYS A 4 4.74 13.86 9.59
C LYS A 4 5.62 13.33 8.45
N GLY A 5 5.14 12.28 7.78
CA GLY A 5 5.87 11.69 6.68
C GLY A 5 5.12 11.77 5.37
N ARG A 6 5.37 12.82 4.60
CA ARG A 6 4.72 13.01 3.30
C ARG A 6 5.38 12.16 2.22
N TRP A 7 5.06 10.86 2.21
CA TRP A 7 5.62 9.93 1.24
C TRP A 7 4.54 9.43 0.28
N VAL A 8 4.85 9.42 -1.02
CA VAL A 8 3.92 8.97 -2.04
C VAL A 8 4.40 7.67 -2.70
N GLU A 9 3.46 6.78 -2.99
CA GLU A 9 3.79 5.49 -3.62
C GLU A 9 3.71 5.59 -5.14
N GLY A 10 4.75 5.10 -5.81
CA GLY A 10 4.80 5.12 -7.26
C GLY A 10 5.23 3.79 -7.85
N ILE A 11 4.72 3.48 -9.05
CA ILE A 11 5.06 2.22 -9.72
C ILE A 11 6.13 2.45 -10.79
N THR A 12 7.02 1.47 -10.94
CA THR A 12 8.09 1.57 -11.94
C THR A 12 8.11 0.34 -12.84
N SER A 13 8.76 0.48 -13.99
CA SER A 13 8.87 -0.61 -14.97
C SER A 13 9.25 -1.93 -14.31
N GLU A 14 8.82 -3.04 -14.93
CA GLU A 14 9.09 -4.39 -14.41
C GLU A 14 8.10 -4.78 -13.31
N GLY A 15 8.00 -3.95 -12.28
CA GLY A 15 7.09 -4.22 -11.17
C GLY A 15 7.69 -3.87 -9.82
N TYR A 16 8.20 -2.64 -9.70
CA TYR A 16 8.80 -2.18 -8.45
C TYR A 16 8.04 -0.98 -7.89
N HIS A 17 8.07 -0.82 -6.57
CA HIS A 17 7.39 0.29 -5.92
C HIS A 17 8.40 1.27 -5.33
N TYR A 18 8.39 2.49 -5.83
CA TYR A 18 9.30 3.54 -5.35
C TYR A 18 8.51 4.62 -4.60
N TYR A 19 9.18 5.26 -3.64
CA TYR A 19 8.53 6.31 -2.85
C TYR A 19 9.33 7.62 -2.94
N TYR A 20 8.62 8.74 -2.84
CA TYR A 20 9.26 10.06 -2.91
C TYR A 20 8.80 10.96 -1.76
N ASP A 21 9.72 11.82 -1.32
CA ASP A 21 9.43 12.75 -0.23
C ASP A 21 9.46 14.19 -0.72
N LEU A 22 8.35 14.91 -0.55
CA LEU A 22 8.26 16.30 -0.98
C LEU A 22 8.97 17.24 0.01
N ILE A 23 9.00 16.84 1.29
CA ILE A 23 9.65 17.64 2.32
C ILE A 23 11.13 17.83 2.02
N SER A 24 11.86 16.71 1.95
CA SER A 24 13.29 16.75 1.67
C SER A 24 13.57 16.82 0.17
N GLY A 25 12.68 16.24 -0.63
CA GLY A 25 12.87 16.25 -2.09
C GLY A 25 13.83 15.17 -2.54
N ALA A 26 13.65 13.96 -2.02
CA ALA A 26 14.52 12.84 -2.39
C ALA A 26 13.71 11.58 -2.73
N SER A 27 14.27 10.74 -3.59
CA SER A 27 13.62 9.50 -4.02
C SER A 27 14.04 8.34 -3.12
N GLN A 28 13.11 7.40 -2.89
CA GLN A 28 13.38 6.23 -2.06
C GLN A 28 12.88 4.96 -2.71
N TRP A 29 13.27 3.81 -2.15
CA TRP A 29 12.86 2.52 -2.69
C TRP A 29 12.24 1.65 -1.59
N GLU A 30 12.82 1.68 -0.39
CA GLU A 30 12.30 0.91 0.74
C GLU A 30 11.18 1.67 1.43
N LYS A 31 10.12 0.95 1.79
CA LYS A 31 8.96 1.56 2.46
C LYS A 31 9.36 2.14 3.82
N PRO A 32 8.83 3.33 4.18
CA PRO A 32 9.13 3.99 5.46
C PRO A 32 8.57 3.22 6.65
N GLU A 33 8.75 3.79 7.85
CA GLU A 33 8.26 3.16 9.07
C GLU A 33 6.74 3.30 9.18
N GLY A 34 6.01 2.36 8.59
CA GLY A 34 4.56 2.40 8.64
C GLY A 34 3.92 2.66 7.29
N PHE A 35 3.88 3.94 6.89
CA PHE A 35 3.28 4.34 5.61
C PHE A 35 1.76 4.16 5.63
N GLN A 36 1.06 5.04 4.91
CA GLN A 36 -0.41 5.01 4.84
C GLN A 36 -1.01 5.32 6.21
N GLY A 37 -1.34 6.61 6.42
CA GLY A 37 -1.91 7.05 7.68
C GLY A 37 -3.18 6.30 8.07
N ASP A 38 -4.32 6.73 7.53
CA ASP A 38 -5.59 6.10 7.82
C ASP A 38 -6.63 6.42 6.74
N LEU A 39 -7.50 5.45 6.47
CA LEU A 39 -8.55 5.61 5.46
C LEU A 39 -9.91 5.17 6.01
N LYS A 40 -10.85 6.12 6.10
CA LYS A 40 -12.19 5.83 6.60
C LYS A 40 -13.14 5.44 5.46
N LYS A 41 -12.98 4.22 4.94
CA LYS A 41 -13.82 3.72 3.85
C LYS A 41 -13.64 2.21 3.66
N THR A 42 -14.70 1.55 3.18
CA THR A 42 -14.66 0.11 2.94
C THR A 42 -15.50 -0.27 1.72
N ALA A 43 -15.25 -1.46 1.17
CA ALA A 43 -15.98 -1.94 0.00
C ALA A 43 -16.53 -3.34 0.22
N VAL A 44 -17.85 -3.44 0.39
CA VAL A 44 -18.50 -4.73 0.60
C VAL A 44 -18.67 -5.48 -0.71
N LYS A 45 -17.55 -5.92 -1.28
CA LYS A 45 -17.55 -6.64 -2.56
C LYS A 45 -16.74 -7.94 -2.45
N THR A 46 -16.94 -8.84 -3.40
CA THR A 46 -16.23 -10.12 -3.42
C THR A 46 -15.35 -10.24 -4.67
N VAL A 47 -14.73 -9.12 -5.07
CA VAL A 47 -13.86 -9.09 -6.24
C VAL A 47 -12.38 -9.04 -5.83
N TRP A 48 -12.09 -9.56 -4.63
CA TRP A 48 -10.72 -9.59 -4.10
C TRP A 48 -10.18 -11.01 -4.08
N VAL A 49 -8.88 -11.14 -4.38
CA VAL A 49 -8.21 -12.44 -4.39
C VAL A 49 -7.31 -12.61 -3.17
N GLU A 50 -7.16 -13.86 -2.71
CA GLU A 50 -6.33 -14.16 -1.54
C GLU A 50 -4.93 -14.61 -1.96
N GLY A 51 -3.91 -13.88 -1.47
CA GLY A 51 -2.53 -14.21 -1.78
C GLY A 51 -1.72 -14.56 -0.54
N LEU A 52 -0.63 -15.30 -0.73
CA LEU A 52 0.25 -15.69 0.38
C LEU A 52 1.55 -14.90 0.37
N SER A 53 1.90 -14.33 1.52
CA SER A 53 3.13 -13.54 1.66
C SER A 53 4.06 -14.15 2.71
N GLU A 54 5.36 -13.91 2.54
CA GLU A 54 6.37 -14.44 3.46
C GLU A 54 6.00 -14.17 4.91
N ASP A 55 6.51 -15.03 5.81
CA ASP A 55 6.25 -14.91 7.24
C ASP A 55 4.78 -15.18 7.60
N GLY A 56 4.00 -15.68 6.63
CA GLY A 56 2.60 -15.99 6.88
C GLY A 56 1.72 -14.76 6.97
N PHE A 57 1.59 -14.04 5.85
CA PHE A 57 0.75 -12.83 5.81
C PHE A 57 -0.18 -12.87 4.61
N THR A 58 -1.47 -13.10 4.86
CA THR A 58 -2.45 -13.16 3.78
C THR A 58 -2.77 -11.76 3.25
N TYR A 59 -2.50 -11.55 1.95
CA TYR A 59 -2.76 -10.27 1.31
C TYR A 59 -3.89 -10.38 0.29
N TYR A 60 -4.67 -9.32 0.15
CA TYR A 60 -5.79 -9.33 -0.80
C TYR A 60 -5.62 -8.23 -1.85
N TYR A 61 -6.00 -8.52 -3.09
CA TYR A 61 -5.88 -7.57 -4.18
C TYR A 61 -7.20 -7.43 -4.96
N ASN A 62 -7.46 -6.23 -5.47
CA ASN A 62 -8.67 -5.95 -6.23
C ASN A 62 -8.34 -5.65 -7.69
N THR A 63 -9.02 -6.36 -8.61
CA THR A 63 -8.80 -6.17 -10.04
C THR A 63 -9.54 -4.93 -10.55
N GLU A 64 -10.59 -4.53 -9.83
CA GLU A 64 -11.39 -3.36 -10.22
C GLU A 64 -10.53 -2.09 -10.26
N THR A 65 -10.03 -1.68 -9.09
CA THR A 65 -9.19 -0.48 -9.00
C THR A 65 -7.71 -0.82 -9.18
N GLY A 66 -7.29 -2.00 -8.73
CA GLY A 66 -5.90 -2.41 -8.86
C GLY A 66 -5.05 -1.96 -7.70
N GLU A 67 -5.48 -2.30 -6.48
CA GLU A 67 -4.75 -1.93 -5.27
C GLU A 67 -4.65 -3.10 -4.30
N SER A 68 -3.50 -3.22 -3.64
CA SER A 68 -3.27 -4.28 -2.66
C SER A 68 -3.80 -3.89 -1.29
N ARG A 69 -4.33 -4.86 -0.56
CA ARG A 69 -4.89 -4.64 0.78
C ARG A 69 -4.38 -5.69 1.77
N TRP A 70 -4.41 -5.36 3.06
CA TRP A 70 -3.97 -6.29 4.10
C TRP A 70 -5.06 -6.49 5.16
N GLU A 71 -6.32 -6.52 4.70
CA GLU A 71 -7.46 -6.71 5.60
C GLU A 71 -8.62 -7.36 4.83
N LYS A 72 -9.23 -8.38 5.44
CA LYS A 72 -10.35 -9.08 4.81
C LYS A 72 -11.53 -8.13 4.58
N PRO A 73 -11.86 -7.83 3.30
CA PRO A 73 -12.96 -6.92 2.96
C PRO A 73 -14.33 -7.56 3.19
N ASP A 74 -14.90 -7.32 4.37
CA ASP A 74 -16.20 -7.87 4.72
C ASP A 74 -16.81 -7.10 5.91
N ASP A 75 -17.57 -6.05 5.60
CA ASP A 75 -18.20 -5.23 6.64
C ASP A 75 -19.70 -5.46 6.66
N ASP A 1 22.90 8.56 -13.68
CA ASP A 1 22.33 7.61 -12.70
C ASP A 1 20.90 8.00 -12.31
N PRO A 2 19.91 7.59 -13.12
CA PRO A 2 18.49 7.90 -12.86
C PRO A 2 17.93 7.13 -11.66
N SER A 3 17.06 7.79 -10.89
CA SER A 3 16.45 7.16 -9.72
C SER A 3 14.96 7.50 -9.63
N LYS A 4 14.19 6.59 -9.04
CA LYS A 4 12.75 6.79 -8.88
C LYS A 4 12.32 6.55 -7.43
N GLY A 5 11.19 7.11 -7.05
CA GLY A 5 10.68 6.95 -5.70
C GLY A 5 11.21 8.02 -4.76
N ARG A 6 11.14 9.27 -5.21
CA ARG A 6 11.60 10.41 -4.41
C ARG A 6 10.60 10.72 -3.32
N TRP A 7 10.67 9.96 -2.21
CA TRP A 7 9.77 10.15 -1.09
C TRP A 7 10.54 10.47 0.19
N VAL A 8 10.03 11.43 0.95
CA VAL A 8 10.66 11.84 2.20
C VAL A 8 9.79 11.47 3.41
N GLU A 9 10.40 10.83 4.40
CA GLU A 9 9.69 10.43 5.61
C GLU A 9 9.74 11.53 6.67
N GLY A 10 8.57 11.86 7.20
CA GLY A 10 8.47 12.89 8.22
C GLY A 10 7.58 12.49 9.38
N ILE A 11 7.90 12.99 10.58
CA ILE A 11 7.11 12.69 11.77
C ILE A 11 6.13 13.80 12.08
N THR A 12 4.85 13.45 12.27
CA THR A 12 3.82 14.44 12.59
C THR A 12 2.98 14.00 13.77
N SER A 13 2.40 14.98 14.48
CA SER A 13 1.56 14.69 15.64
C SER A 13 2.36 13.96 16.72
N GLU A 14 1.68 13.14 17.52
CA GLU A 14 2.35 12.39 18.59
C GLU A 14 3.06 11.13 18.09
N GLY A 15 3.05 10.90 16.78
CA GLY A 15 3.72 9.72 16.25
C GLY A 15 3.08 9.18 14.99
N TYR A 16 3.20 9.93 13.90
CA TYR A 16 2.62 9.53 12.63
C TYR A 16 3.58 9.83 11.48
N HIS A 17 4.15 8.78 10.89
CA HIS A 17 5.10 8.93 9.80
C HIS A 17 4.37 9.23 8.48
N TYR A 18 4.63 10.41 7.93
CA TYR A 18 4.02 10.83 6.67
C TYR A 18 5.06 10.90 5.56
N TYR A 19 4.62 10.70 4.31
CA TYR A 19 5.53 10.73 3.17
C TYR A 19 5.06 11.76 2.14
N TYR A 20 6.03 12.35 1.42
CA TYR A 20 5.72 13.35 0.40
C TYR A 20 6.54 13.11 -0.87
N ASP A 21 5.94 13.40 -2.02
CA ASP A 21 6.60 13.23 -3.32
C ASP A 21 6.86 14.58 -3.99
N LEU A 22 8.12 14.85 -4.32
CA LEU A 22 8.50 16.10 -4.97
C LEU A 22 8.23 16.06 -6.48
N ILE A 23 8.29 14.88 -7.07
CA ILE A 23 8.05 14.73 -8.50
C ILE A 23 6.65 15.19 -8.89
N SER A 24 5.64 14.67 -8.19
CA SER A 24 4.25 15.03 -8.45
C SER A 24 3.80 16.18 -7.54
N GLY A 25 4.35 16.25 -6.33
CA GLY A 25 3.99 17.29 -5.39
C GLY A 25 2.74 16.96 -4.61
N ALA A 26 2.69 15.74 -4.06
CA ALA A 26 1.53 15.29 -3.29
C ALA A 26 1.94 14.67 -1.96
N SER A 27 1.09 14.84 -0.94
CA SER A 27 1.36 14.29 0.38
C SER A 27 0.69 12.93 0.56
N GLN A 28 1.45 11.95 1.03
CA GLN A 28 0.95 10.60 1.24
C GLN A 28 1.11 10.18 2.70
N TRP A 29 0.48 9.06 3.06
CA TRP A 29 0.55 8.55 4.43
C TRP A 29 1.00 7.08 4.44
N GLU A 30 0.59 6.31 3.43
CA GLU A 30 0.98 4.90 3.35
C GLU A 30 2.37 4.75 2.72
N LYS A 31 3.12 3.76 3.18
CA LYS A 31 4.47 3.52 2.67
C LYS A 31 4.44 2.99 1.24
N PRO A 32 5.30 3.53 0.35
CA PRO A 32 5.36 3.10 -1.07
C PRO A 32 5.70 1.62 -1.22
N GLU A 33 5.76 1.17 -2.48
CA GLU A 33 6.07 -0.24 -2.79
C GLU A 33 7.46 -0.61 -2.30
N GLY A 34 8.41 0.32 -2.42
CA GLY A 34 9.78 0.06 -2.01
C GLY A 34 10.47 1.29 -1.42
N PHE A 35 10.21 1.57 -0.15
CA PHE A 35 10.83 2.71 0.52
C PHE A 35 12.02 2.28 1.37
N GLN A 36 11.76 1.41 2.35
CA GLN A 36 12.82 0.90 3.23
C GLN A 36 12.99 -0.61 3.09
N GLY A 37 11.87 -1.32 3.01
CA GLY A 37 11.92 -2.77 2.88
C GLY A 37 11.92 -3.23 1.42
N ASP A 38 12.64 -4.31 1.15
CA ASP A 38 12.74 -4.85 -0.21
C ASP A 38 12.30 -6.32 -0.26
N LEU A 39 11.12 -6.56 -0.84
CA LEU A 39 10.59 -7.92 -0.95
C LEU A 39 10.63 -8.40 -2.40
N LYS A 40 11.79 -8.87 -2.85
CA LYS A 40 11.97 -9.36 -4.21
C LYS A 40 11.81 -10.88 -4.28
N LYS A 41 10.80 -11.35 -5.01
CA LYS A 41 10.54 -12.78 -5.16
C LYS A 41 10.04 -13.13 -6.56
N THR A 42 10.14 -14.40 -6.92
CA THR A 42 9.69 -14.88 -8.23
C THR A 42 8.19 -15.11 -8.25
N ALA A 43 7.64 -15.59 -7.13
CA ALA A 43 6.21 -15.85 -7.01
C ALA A 43 5.50 -14.74 -6.25
N VAL A 44 4.20 -14.60 -6.50
CA VAL A 44 3.39 -13.58 -5.83
C VAL A 44 2.23 -14.23 -5.08
N LYS A 45 2.42 -14.46 -3.78
CA LYS A 45 1.39 -15.09 -2.95
C LYS A 45 0.20 -14.15 -2.73
N THR A 46 -0.77 -14.23 -3.64
CA THR A 46 -1.97 -13.39 -3.56
C THR A 46 -3.23 -14.16 -3.95
N VAL A 47 -3.84 -14.83 -2.97
CA VAL A 47 -5.06 -15.58 -3.20
C VAL A 47 -6.30 -14.68 -3.14
N TRP A 48 -6.19 -13.56 -2.42
CA TRP A 48 -7.30 -12.62 -2.27
C TRP A 48 -7.43 -11.74 -3.51
N VAL A 49 -8.68 -11.45 -3.89
CA VAL A 49 -8.96 -10.61 -5.05
C VAL A 49 -9.38 -9.21 -4.62
N GLU A 50 -9.18 -8.23 -5.51
CA GLU A 50 -9.54 -6.85 -5.21
C GLU A 50 -10.70 -6.36 -6.09
N GLY A 51 -11.79 -5.93 -5.44
CA GLY A 51 -12.95 -5.45 -6.17
C GLY A 51 -13.29 -4.00 -5.83
N LEU A 52 -14.02 -3.34 -6.73
CA LEU A 52 -14.41 -1.95 -6.53
C LEU A 52 -15.93 -1.83 -6.32
N SER A 53 -16.32 -1.16 -5.24
CA SER A 53 -17.73 -0.97 -4.91
C SER A 53 -17.97 0.44 -4.35
N GLU A 54 -19.18 0.95 -4.55
CA GLU A 54 -19.55 2.28 -4.07
C GLU A 54 -18.71 3.36 -4.76
N ASP A 55 -18.61 4.53 -4.13
CA ASP A 55 -17.83 5.65 -4.70
C ASP A 55 -16.37 5.26 -4.94
N GLY A 56 -15.88 4.27 -4.19
CA GLY A 56 -14.50 3.83 -4.33
C GLY A 56 -14.05 2.98 -3.15
N PHE A 57 -14.87 1.99 -2.79
CA PHE A 57 -14.55 1.11 -1.68
C PHE A 57 -13.95 -0.20 -2.21
N THR A 58 -12.76 -0.53 -1.73
CA THR A 58 -12.08 -1.75 -2.15
C THR A 58 -12.43 -2.93 -1.25
N TYR A 59 -13.01 -3.98 -1.84
CA TYR A 59 -13.38 -5.18 -1.11
C TYR A 59 -12.52 -6.36 -1.55
N TYR A 60 -12.21 -7.26 -0.62
CA TYR A 60 -11.39 -8.42 -0.92
C TYR A 60 -12.14 -9.71 -0.63
N TYR A 61 -11.94 -10.71 -1.49
CA TYR A 61 -12.60 -12.00 -1.33
C TYR A 61 -11.57 -13.14 -1.31
N ASN A 62 -11.86 -14.19 -0.53
CA ASN A 62 -10.96 -15.33 -0.42
C ASN A 62 -11.60 -16.58 -1.02
N THR A 63 -10.92 -17.17 -2.00
CA THR A 63 -11.41 -18.37 -2.67
C THR A 63 -11.26 -19.61 -1.79
N GLU A 64 -10.31 -19.56 -0.86
CA GLU A 64 -10.06 -20.67 0.05
C GLU A 64 -11.33 -21.08 0.80
N THR A 65 -11.86 -20.16 1.60
CA THR A 65 -13.08 -20.42 2.38
C THR A 65 -14.33 -19.89 1.67
N GLY A 66 -14.17 -18.79 0.93
CA GLY A 66 -15.30 -18.21 0.22
C GLY A 66 -16.04 -17.17 1.04
N GLU A 67 -15.35 -16.08 1.39
CA GLU A 67 -15.96 -15.01 2.18
C GLU A 67 -15.43 -13.64 1.77
N SER A 68 -16.31 -12.65 1.79
CA SER A 68 -15.95 -11.28 1.44
C SER A 68 -15.42 -10.52 2.67
N ARG A 69 -14.40 -9.70 2.45
CA ARG A 69 -13.78 -8.91 3.51
C ARG A 69 -13.56 -7.46 3.07
N TRP A 70 -13.48 -6.55 4.04
CA TRP A 70 -13.26 -5.14 3.75
C TRP A 70 -12.05 -4.60 4.51
N GLU A 71 -11.06 -5.48 4.74
CA GLU A 71 -9.85 -5.10 5.46
C GLU A 71 -8.65 -5.83 4.87
N LYS A 72 -7.54 -5.10 4.70
CA LYS A 72 -6.31 -5.68 4.15
C LYS A 72 -5.67 -6.65 5.15
N PRO A 73 -5.22 -7.83 4.68
CA PRO A 73 -4.59 -8.85 5.53
C PRO A 73 -3.36 -8.32 6.28
N ASP A 74 -3.46 -8.30 7.61
CA ASP A 74 -2.37 -7.82 8.45
C ASP A 74 -2.16 -8.74 9.65
N ASP A 75 -0.97 -9.35 9.74
CA ASP A 75 -0.64 -10.24 10.84
C ASP A 75 0.78 -10.00 11.35
N ASP A 1 4.45 -1.00 -14.74
CA ASP A 1 3.81 -1.79 -13.64
C ASP A 1 4.16 -1.19 -12.27
N PRO A 2 3.16 -1.10 -11.37
CA PRO A 2 3.38 -0.54 -10.03
C PRO A 2 4.15 -1.49 -9.13
N SER A 3 5.47 -1.29 -9.04
CA SER A 3 6.32 -2.13 -8.21
C SER A 3 7.45 -1.33 -7.56
N LYS A 4 8.33 -0.78 -8.39
CA LYS A 4 9.46 0.01 -7.91
C LYS A 4 9.01 1.42 -7.54
N GLY A 5 9.09 1.75 -6.25
CA GLY A 5 8.68 3.07 -5.79
C GLY A 5 9.86 3.95 -5.41
N ARG A 6 9.73 5.25 -5.66
CA ARG A 6 10.78 6.21 -5.34
C ARG A 6 10.22 7.33 -4.46
N TRP A 7 10.29 7.12 -3.15
CA TRP A 7 9.78 8.10 -2.18
C TRP A 7 10.93 8.75 -1.41
N VAL A 8 10.75 10.02 -1.05
CA VAL A 8 11.76 10.76 -0.31
C VAL A 8 11.26 11.09 1.10
N GLU A 9 12.16 10.97 2.09
CA GLU A 9 11.79 11.25 3.48
C GLU A 9 12.05 12.70 3.83
N GLY A 10 11.05 13.35 4.42
CA GLY A 10 11.16 14.75 4.80
C GLY A 10 10.63 15.02 6.19
N ILE A 11 11.24 16.01 6.87
CA ILE A 11 10.83 16.38 8.22
C ILE A 11 9.82 17.52 8.19
N THR A 12 8.85 17.48 9.10
CA THR A 12 7.83 18.52 9.18
C THR A 12 7.78 19.11 10.58
N SER A 13 7.17 20.28 10.70
CA SER A 13 7.04 20.98 11.98
C SER A 13 6.49 20.05 13.07
N GLU A 14 6.87 20.32 14.32
CA GLU A 14 6.45 19.52 15.46
C GLU A 14 7.28 18.25 15.59
N GLY A 15 7.34 17.45 14.52
CA GLY A 15 8.11 16.22 14.55
C GLY A 15 7.42 15.09 13.81
N TYR A 16 7.02 15.36 12.56
CA TYR A 16 6.34 14.36 11.75
C TYR A 16 7.16 14.04 10.50
N HIS A 17 7.09 12.79 10.05
CA HIS A 17 7.82 12.35 8.87
C HIS A 17 6.88 12.17 7.68
N TYR A 18 7.10 12.98 6.65
CA TYR A 18 6.28 12.92 5.44
C TYR A 18 7.10 12.38 4.26
N TYR A 19 6.40 11.74 3.32
CA TYR A 19 7.07 11.17 2.15
C TYR A 19 6.45 11.71 0.86
N TYR A 20 7.28 11.80 -0.19
CA TYR A 20 6.82 12.31 -1.48
C TYR A 20 7.32 11.43 -2.62
N ASP A 21 6.49 11.27 -3.65
CA ASP A 21 6.85 10.44 -4.81
C ASP A 21 7.08 11.31 -6.04
N LEU A 22 8.26 11.18 -6.64
CA LEU A 22 8.61 11.96 -7.83
C LEU A 22 8.01 11.36 -9.10
N ILE A 23 7.87 10.04 -9.14
CA ILE A 23 7.32 9.36 -10.31
C ILE A 23 5.91 9.85 -10.61
N SER A 24 5.03 9.77 -9.61
CA SER A 24 3.65 10.20 -9.76
C SER A 24 3.51 11.70 -9.49
N GLY A 25 4.29 12.21 -8.54
CA GLY A 25 4.23 13.62 -8.19
C GLY A 25 3.13 13.92 -7.20
N ALA A 26 3.14 13.21 -6.06
CA ALA A 26 2.13 13.41 -5.03
C ALA A 26 2.73 13.32 -3.64
N SER A 27 2.18 14.10 -2.70
CA SER A 27 2.64 14.11 -1.32
C SER A 27 1.94 13.04 -0.50
N GLN A 28 2.72 12.27 0.26
CA GLN A 28 2.20 11.20 1.09
C GLN A 28 2.66 11.36 2.54
N TRP A 29 2.04 10.60 3.45
CA TRP A 29 2.38 10.66 4.86
C TRP A 29 2.68 9.27 5.41
N GLU A 30 1.84 8.30 5.06
CA GLU A 30 2.02 6.92 5.51
C GLU A 30 3.24 6.28 4.84
N LYS A 31 3.88 5.34 5.54
CA LYS A 31 5.05 4.66 5.00
C LYS A 31 4.68 3.30 4.41
N PRO A 32 4.60 3.21 3.07
CA PRO A 32 4.25 1.96 2.38
C PRO A 32 5.37 0.91 2.46
N GLU A 33 5.16 -0.22 1.79
CA GLU A 33 6.13 -1.30 1.77
C GLU A 33 7.20 -1.05 0.71
N GLY A 34 8.47 -1.19 1.11
CA GLY A 34 9.57 -0.98 0.18
C GLY A 34 10.29 0.35 0.40
N PHE A 35 10.15 0.93 1.59
CA PHE A 35 10.79 2.20 1.90
C PHE A 35 11.94 2.00 2.90
N GLN A 36 11.64 1.32 4.01
CA GLN A 36 12.64 1.06 5.04
C GLN A 36 12.63 -0.42 5.44
N GLY A 37 13.71 -1.14 5.14
CA GLY A 37 13.79 -2.55 5.49
C GLY A 37 15.04 -3.23 4.96
N ASP A 38 15.61 -4.12 5.75
CA ASP A 38 16.82 -4.85 5.36
C ASP A 38 16.77 -6.33 5.75
N LEU A 39 15.65 -6.98 5.43
CA LEU A 39 15.47 -8.40 5.75
C LEU A 39 14.34 -9.00 4.92
N LYS A 40 14.63 -9.28 3.64
CA LYS A 40 13.62 -9.85 2.72
C LYS A 40 12.46 -8.88 2.49
N LYS A 41 11.63 -9.19 1.48
CA LYS A 41 10.47 -8.35 1.15
C LYS A 41 9.20 -9.20 1.07
N THR A 42 8.06 -8.55 0.79
CA THR A 42 6.78 -9.24 0.68
C THR A 42 6.55 -9.77 -0.73
N ALA A 43 6.51 -8.85 -1.70
CA ALA A 43 6.30 -9.21 -3.10
C ALA A 43 4.95 -9.89 -3.31
N VAL A 44 3.98 -9.14 -3.84
CA VAL A 44 2.63 -9.68 -4.10
C VAL A 44 2.34 -9.77 -5.60
N LYS A 45 1.76 -10.89 -6.01
CA LYS A 45 1.42 -11.10 -7.42
C LYS A 45 -0.08 -10.85 -7.66
N THR A 46 -0.64 -9.86 -6.94
CA THR A 46 -2.05 -9.49 -7.05
C THR A 46 -2.97 -10.71 -7.15
N VAL A 47 -3.33 -11.26 -6.00
CA VAL A 47 -4.21 -12.43 -5.95
C VAL A 47 -5.48 -12.15 -5.12
N TRP A 48 -6.02 -10.93 -5.25
CA TRP A 48 -7.22 -10.55 -4.51
C TRP A 48 -8.32 -10.08 -5.47
N VAL A 49 -9.56 -10.41 -5.13
CA VAL A 49 -10.72 -10.03 -5.94
C VAL A 49 -11.50 -8.90 -5.28
N GLU A 50 -11.85 -7.88 -6.06
CA GLU A 50 -12.61 -6.75 -5.53
C GLU A 50 -14.11 -6.98 -5.67
N GLY A 51 -14.81 -6.93 -4.54
CA GLY A 51 -16.25 -7.13 -4.53
C GLY A 51 -17.01 -5.91 -4.02
N LEU A 52 -18.29 -5.81 -4.38
CA LEU A 52 -19.12 -4.69 -3.95
C LEU A 52 -20.16 -5.14 -2.93
N SER A 53 -20.33 -4.35 -1.86
CA SER A 53 -21.30 -4.66 -0.82
C SER A 53 -22.27 -3.49 -0.63
N GLU A 54 -23.49 -3.81 -0.17
CA GLU A 54 -24.52 -2.79 0.06
C GLU A 54 -23.98 -1.62 0.88
N ASP A 55 -24.62 -0.46 0.71
CA ASP A 55 -24.22 0.76 1.43
C ASP A 55 -22.87 1.31 0.94
N GLY A 56 -22.32 0.73 -0.13
CA GLY A 56 -21.06 1.21 -0.67
C GLY A 56 -19.86 0.71 0.12
N PHE A 57 -19.67 -0.60 0.14
CA PHE A 57 -18.54 -1.21 0.86
C PHE A 57 -17.77 -2.14 -0.06
N THR A 58 -16.44 -1.96 -0.12
CA THR A 58 -15.61 -2.80 -0.97
C THR A 58 -14.94 -3.90 -0.16
N TYR A 59 -15.20 -5.14 -0.53
CA TYR A 59 -14.63 -6.31 0.15
C TYR A 59 -13.67 -7.04 -0.78
N TYR A 60 -12.60 -7.62 -0.21
CA TYR A 60 -11.61 -8.34 -1.00
C TYR A 60 -11.52 -9.80 -0.56
N TYR A 61 -11.35 -10.70 -1.52
CA TYR A 61 -11.25 -12.13 -1.23
C TYR A 61 -10.00 -12.73 -1.87
N ASN A 62 -9.43 -13.74 -1.22
CA ASN A 62 -8.23 -14.41 -1.72
C ASN A 62 -8.55 -15.86 -2.09
N THR A 63 -8.14 -16.27 -3.29
CA THR A 63 -8.38 -17.63 -3.78
C THR A 63 -7.40 -18.63 -3.17
N GLU A 64 -6.19 -18.16 -2.84
CA GLU A 64 -5.17 -19.02 -2.26
C GLU A 64 -5.63 -19.63 -0.93
N THR A 65 -5.83 -18.79 0.08
CA THR A 65 -6.26 -19.24 1.40
C THR A 65 -7.78 -19.43 1.44
N GLY A 66 -8.51 -18.53 0.81
CA GLY A 66 -9.96 -18.62 0.80
C GLY A 66 -10.61 -17.88 1.96
N GLU A 67 -10.08 -16.71 2.30
CA GLU A 67 -10.61 -15.91 3.40
C GLU A 67 -10.97 -14.51 2.94
N SER A 68 -12.15 -14.03 3.32
CA SER A 68 -12.61 -12.70 2.96
C SER A 68 -11.90 -11.63 3.79
N ARG A 69 -11.69 -10.46 3.19
CA ARG A 69 -11.02 -9.35 3.86
C ARG A 69 -11.79 -8.04 3.66
N TRP A 70 -11.64 -7.12 4.60
CA TRP A 70 -12.31 -5.82 4.52
C TRP A 70 -11.31 -4.67 4.65
N GLU A 71 -10.07 -4.92 4.19
CA GLU A 71 -9.01 -3.91 4.24
C GLU A 71 -8.16 -3.99 2.98
N LYS A 72 -7.84 -2.84 2.40
CA LYS A 72 -7.02 -2.79 1.19
C LYS A 72 -5.63 -3.37 1.45
N PRO A 73 -5.31 -4.53 0.86
CA PRO A 73 -4.00 -5.17 1.04
C PRO A 73 -2.88 -4.41 0.36
N ASP A 74 -1.64 -4.81 0.65
CA ASP A 74 -0.46 -4.17 0.07
C ASP A 74 -0.06 -4.87 -1.23
N ASP A 75 -0.43 -4.25 -2.35
CA ASP A 75 -0.12 -4.81 -3.68
C ASP A 75 1.36 -4.59 -4.03
N ASP A 1 -10.63 9.39 -1.51
CA ASP A 1 -9.96 9.19 -2.83
C ASP A 1 -8.49 8.82 -2.63
N PRO A 2 -8.13 7.54 -2.92
CA PRO A 2 -6.75 7.05 -2.77
C PRO A 2 -5.80 7.65 -3.81
N SER A 3 -5.01 8.63 -3.39
CA SER A 3 -4.06 9.29 -4.27
C SER A 3 -2.65 8.73 -4.10
N LYS A 4 -2.15 8.79 -2.88
CA LYS A 4 -0.81 8.28 -2.57
C LYS A 4 -0.77 7.65 -1.18
N GLY A 5 0.44 7.31 -0.71
CA GLY A 5 0.57 6.70 0.61
C GLY A 5 1.57 5.57 0.63
N ARG A 6 1.70 4.86 -0.50
CA ARG A 6 2.63 3.75 -0.61
C ARG A 6 4.06 4.26 -0.82
N TRP A 7 4.65 4.81 0.25
CA TRP A 7 6.00 5.35 0.21
C TRP A 7 6.93 4.57 1.13
N VAL A 8 8.22 4.53 0.79
CA VAL A 8 9.22 3.83 1.57
C VAL A 8 10.37 4.77 1.95
N GLU A 9 10.73 4.78 3.22
CA GLU A 9 11.82 5.64 3.70
C GLU A 9 13.17 4.93 3.62
N GLY A 10 14.15 5.60 3.02
CA GLY A 10 15.48 5.03 2.88
C GLY A 10 16.57 6.02 3.23
N ILE A 11 17.68 5.50 3.75
CA ILE A 11 18.82 6.34 4.14
C ILE A 11 19.89 6.34 3.04
N THR A 12 20.54 7.49 2.86
CA THR A 12 21.59 7.63 1.86
C THR A 12 22.85 8.23 2.46
N SER A 13 23.98 8.07 1.76
CA SER A 13 25.27 8.59 2.22
C SER A 13 25.17 10.03 2.71
N GLU A 14 26.02 10.38 3.67
CA GLU A 14 26.05 11.73 4.25
C GLU A 14 24.93 11.90 5.29
N GLY A 15 23.69 11.67 4.88
CA GLY A 15 22.57 11.81 5.79
C GLY A 15 21.34 12.40 5.12
N TYR A 16 20.94 11.80 3.99
CA TYR A 16 19.79 12.27 3.24
C TYR A 16 18.70 11.21 3.22
N HIS A 17 17.46 11.63 3.46
CA HIS A 17 16.33 10.70 3.48
C HIS A 17 15.60 10.74 2.15
N TYR A 18 15.60 9.61 1.45
CA TYR A 18 14.92 9.49 0.16
C TYR A 18 13.70 8.59 0.26
N TYR A 19 12.70 8.84 -0.58
CA TYR A 19 11.47 8.05 -0.57
C TYR A 19 11.19 7.45 -1.94
N TYR A 20 10.55 6.28 -1.95
CA TYR A 20 10.23 5.60 -3.20
C TYR A 20 8.73 5.28 -3.28
N ASP A 21 8.19 5.30 -4.50
CA ASP A 21 6.78 5.01 -4.72
C ASP A 21 6.62 3.80 -5.63
N LEU A 22 5.91 2.78 -5.13
CA LEU A 22 5.69 1.56 -5.90
C LEU A 22 4.53 1.72 -6.89
N ILE A 23 3.59 2.63 -6.57
CA ILE A 23 2.45 2.88 -7.43
C ILE A 23 2.90 3.34 -8.83
N SER A 24 3.81 4.32 -8.85
CA SER A 24 4.33 4.85 -10.11
C SER A 24 5.70 4.28 -10.44
N GLY A 25 6.51 4.04 -9.40
CA GLY A 25 7.84 3.50 -9.61
C GLY A 25 8.87 4.59 -9.82
N ALA A 26 8.90 5.57 -8.93
CA ALA A 26 9.84 6.68 -9.04
C ALA A 26 10.46 7.05 -7.69
N SER A 27 11.65 7.64 -7.73
CA SER A 27 12.35 8.05 -6.52
C SER A 27 12.02 9.50 -6.14
N GLN A 28 11.91 9.77 -4.85
CA GLN A 28 11.59 11.11 -4.35
C GLN A 28 12.52 11.50 -3.21
N TRP A 29 12.48 12.78 -2.83
CA TRP A 29 13.31 13.28 -1.74
C TRP A 29 12.45 14.02 -0.70
N GLU A 30 11.58 14.91 -1.18
CA GLU A 30 10.69 15.66 -0.29
C GLU A 30 9.58 14.75 0.24
N LYS A 31 9.45 14.69 1.57
CA LYS A 31 8.43 13.85 2.20
C LYS A 31 7.02 14.28 1.77
N PRO A 32 6.13 13.30 1.50
CA PRO A 32 4.74 13.60 1.07
C PRO A 32 3.96 14.38 2.12
N GLU A 33 2.69 14.65 1.82
CA GLU A 33 1.83 15.40 2.73
C GLU A 33 1.02 14.45 3.63
N GLY A 34 1.68 13.39 4.11
CA GLY A 34 1.01 12.43 4.97
C GLY A 34 1.82 11.15 5.19
N PHE A 35 2.42 10.64 4.11
CA PHE A 35 3.21 9.42 4.18
C PHE A 35 2.33 8.19 4.35
N GLN A 36 1.70 8.06 5.51
CA GLN A 36 0.81 6.93 5.79
C GLN A 36 -0.57 7.42 6.21
N GLY A 37 -1.61 6.92 5.53
CA GLY A 37 -2.97 7.31 5.85
C GLY A 37 -4.00 6.53 5.05
N ASP A 38 -4.22 5.28 5.44
CA ASP A 38 -5.19 4.43 4.75
C ASP A 38 -6.51 4.41 5.51
N LEU A 39 -7.59 4.79 4.82
CA LEU A 39 -8.93 4.81 5.43
C LEU A 39 -9.50 3.41 5.55
N LYS A 40 -9.19 2.74 6.65
CA LYS A 40 -9.68 1.39 6.90
C LYS A 40 -10.93 1.40 7.79
N LYS A 41 -11.75 2.43 7.65
CA LYS A 41 -12.98 2.56 8.44
C LYS A 41 -14.19 2.75 7.55
N THR A 42 -14.15 2.15 6.36
CA THR A 42 -15.26 2.23 5.40
C THR A 42 -16.33 1.19 5.70
N ALA A 43 -15.90 -0.02 6.08
CA ALA A 43 -16.82 -1.10 6.40
C ALA A 43 -16.24 -2.04 7.45
N VAL A 44 -17.00 -2.26 8.53
CA VAL A 44 -16.55 -3.14 9.61
C VAL A 44 -16.95 -4.59 9.31
N LYS A 45 -16.40 -5.14 8.23
CA LYS A 45 -16.69 -6.51 7.82
C LYS A 45 -15.67 -7.01 6.81
N THR A 46 -15.56 -8.34 6.68
CA THR A 46 -14.62 -8.95 5.73
C THR A 46 -15.24 -9.11 4.35
N VAL A 47 -15.14 -8.06 3.53
CA VAL A 47 -15.70 -8.09 2.17
C VAL A 47 -14.61 -8.43 1.15
N TRP A 48 -13.56 -9.11 1.59
CA TRP A 48 -12.46 -9.50 0.71
C TRP A 48 -12.37 -11.03 0.62
N VAL A 49 -12.10 -11.53 -0.59
CA VAL A 49 -11.97 -12.97 -0.83
C VAL A 49 -10.51 -13.40 -0.78
N GLU A 50 -10.26 -14.61 -0.28
CA GLU A 50 -8.90 -15.13 -0.18
C GLU A 50 -8.56 -16.00 -1.40
N GLY A 51 -7.49 -15.60 -2.11
CA GLY A 51 -7.05 -16.34 -3.29
C GLY A 51 -5.65 -16.89 -3.14
N LEU A 52 -5.36 -17.98 -3.84
CA LEU A 52 -4.03 -18.60 -3.79
C LEU A 52 -3.25 -18.42 -5.09
N SER A 53 -1.96 -18.12 -4.95
CA SER A 53 -1.09 -17.91 -6.09
C SER A 53 0.08 -18.91 -6.06
N GLU A 54 0.61 -19.23 -7.25
CA GLU A 54 1.72 -20.18 -7.38
C GLU A 54 2.82 -19.91 -6.35
N ASP A 55 3.55 -20.96 -5.98
CA ASP A 55 4.64 -20.87 -5.00
C ASP A 55 4.09 -20.89 -3.57
N GLY A 56 3.01 -20.13 -3.33
CA GLY A 56 2.42 -20.08 -2.00
C GLY A 56 2.15 -18.65 -1.54
N PHE A 57 1.54 -17.85 -2.41
CA PHE A 57 1.21 -16.47 -2.08
C PHE A 57 -0.29 -16.27 -2.01
N THR A 58 -0.77 -15.67 -0.93
CA THR A 58 -2.20 -15.43 -0.76
C THR A 58 -2.57 -13.99 -1.12
N TYR A 59 -3.46 -13.86 -2.11
CA TYR A 59 -3.92 -12.54 -2.57
C TYR A 59 -5.40 -12.35 -2.22
N TYR A 60 -5.78 -11.11 -1.91
CA TYR A 60 -7.16 -10.80 -1.55
C TYR A 60 -7.76 -9.77 -2.51
N TYR A 61 -9.04 -9.94 -2.85
CA TYR A 61 -9.74 -9.03 -3.75
C TYR A 61 -10.95 -8.40 -3.08
N ASN A 62 -11.30 -7.19 -3.51
CA ASN A 62 -12.44 -6.46 -2.95
C ASN A 62 -13.54 -6.27 -3.99
N THR A 63 -14.77 -6.63 -3.62
CA THR A 63 -15.92 -6.49 -4.51
C THR A 63 -16.48 -5.07 -4.51
N GLU A 64 -16.27 -4.35 -3.39
CA GLU A 64 -16.77 -2.98 -3.26
C GLU A 64 -16.23 -2.08 -4.38
N THR A 65 -14.91 -1.93 -4.45
CA THR A 65 -14.28 -1.10 -5.47
C THR A 65 -13.88 -1.93 -6.68
N GLY A 66 -13.23 -3.07 -6.43
CA GLY A 66 -12.79 -3.95 -7.50
C GLY A 66 -11.32 -3.81 -7.79
N GLU A 67 -10.49 -4.01 -6.76
CA GLU A 67 -9.04 -3.91 -6.92
C GLU A 67 -8.34 -5.08 -6.21
N SER A 68 -7.41 -5.71 -6.92
CA SER A 68 -6.66 -6.85 -6.36
C SER A 68 -5.68 -6.38 -5.29
N ARG A 69 -5.43 -7.22 -4.30
CA ARG A 69 -4.51 -6.89 -3.22
C ARG A 69 -3.57 -8.06 -2.92
N TRP A 70 -2.42 -7.75 -2.31
CA TRP A 70 -1.44 -8.77 -1.95
C TRP A 70 -1.09 -8.69 -0.47
N GLU A 71 -2.05 -8.24 0.34
CA GLU A 71 -1.88 -8.12 1.78
C GLU A 71 -3.19 -8.42 2.50
N LYS A 72 -3.11 -8.70 3.80
CA LYS A 72 -4.31 -9.00 4.60
C LYS A 72 -4.77 -7.77 5.38
N PRO A 73 -5.80 -7.05 4.87
CA PRO A 73 -6.33 -5.86 5.52
C PRO A 73 -7.20 -6.17 6.73
N ASP A 74 -6.87 -5.59 7.87
CA ASP A 74 -7.63 -5.81 9.11
C ASP A 74 -7.16 -4.87 10.22
N ASP A 75 -8.06 -4.01 10.70
CA ASP A 75 -7.73 -3.05 11.75
C ASP A 75 -8.10 -3.60 13.12
N ASP A 1 22.16 14.40 10.41
CA ASP A 1 20.84 14.25 9.73
C ASP A 1 20.72 12.91 9.02
N PRO A 2 20.20 11.87 9.72
CA PRO A 2 20.04 10.53 9.13
C PRO A 2 19.28 10.55 7.82
N SER A 3 19.81 9.85 6.82
CA SER A 3 19.17 9.78 5.50
C SER A 3 17.92 8.90 5.54
N LYS A 4 17.38 8.60 4.35
CA LYS A 4 16.17 7.77 4.24
C LYS A 4 14.97 8.46 4.87
N GLY A 5 14.80 9.75 4.57
CA GLY A 5 13.68 10.50 5.11
C GLY A 5 13.24 11.65 4.23
N ARG A 6 13.32 11.43 2.91
CA ARG A 6 12.93 12.44 1.94
C ARG A 6 12.13 11.79 0.80
N TRP A 7 10.90 11.38 1.10
CA TRP A 7 10.03 10.74 0.12
C TRP A 7 8.73 11.52 -0.04
N VAL A 8 8.30 11.71 -1.28
CA VAL A 8 7.07 12.44 -1.58
C VAL A 8 6.06 11.55 -2.32
N GLU A 9 4.77 11.71 -2.00
CA GLU A 9 3.73 10.92 -2.64
C GLU A 9 3.09 11.68 -3.79
N GLY A 10 2.92 10.99 -4.92
CA GLY A 10 2.33 11.60 -6.10
C GLY A 10 1.30 10.70 -6.77
N ILE A 11 0.28 11.32 -7.39
CA ILE A 11 -0.77 10.56 -8.07
C ILE A 11 -0.56 10.59 -9.58
N THR A 12 -0.46 9.41 -10.19
CA THR A 12 -0.27 9.30 -11.64
C THR A 12 -1.21 8.28 -12.24
N SER A 13 -1.47 8.40 -13.55
CA SER A 13 -2.36 7.47 -14.25
C SER A 13 -3.77 7.51 -13.66
N GLU A 14 -4.47 6.39 -13.69
CA GLU A 14 -5.83 6.29 -13.15
C GLU A 14 -5.87 6.78 -11.70
N GLY A 15 -4.77 6.61 -10.98
CA GLY A 15 -4.71 7.04 -9.59
C GLY A 15 -3.79 6.16 -8.76
N TYR A 16 -2.59 5.90 -9.29
CA TYR A 16 -1.61 5.08 -8.59
C TYR A 16 -0.64 5.96 -7.82
N HIS A 17 -0.59 5.78 -6.50
CA HIS A 17 0.29 6.57 -5.65
C HIS A 17 1.75 6.13 -5.82
N TYR A 18 2.57 7.06 -6.31
CA TYR A 18 4.00 6.80 -6.53
C TYR A 18 4.85 7.61 -5.55
N TYR A 19 6.02 7.08 -5.22
CA TYR A 19 6.93 7.75 -4.30
C TYR A 19 8.29 7.98 -4.96
N TYR A 20 8.97 9.05 -4.55
CA TYR A 20 10.28 9.39 -5.11
C TYR A 20 11.26 9.80 -4.02
N ASP A 21 12.53 9.51 -4.24
CA ASP A 21 13.58 9.85 -3.27
C ASP A 21 14.54 10.88 -3.86
N LEU A 22 14.69 12.02 -3.17
CA LEU A 22 15.59 13.08 -3.62
C LEU A 22 17.03 12.82 -3.18
N ILE A 23 17.20 11.99 -2.16
CA ILE A 23 18.53 11.65 -1.65
C ILE A 23 19.44 11.18 -2.78
N SER A 24 18.99 10.15 -3.50
CA SER A 24 19.77 9.60 -4.62
C SER A 24 19.09 9.90 -5.95
N GLY A 25 17.77 9.79 -5.99
CA GLY A 25 17.03 10.05 -7.21
C GLY A 25 16.50 8.78 -7.86
N ALA A 26 15.77 7.99 -7.09
CA ALA A 26 15.20 6.74 -7.60
C ALA A 26 13.70 6.66 -7.32
N SER A 27 12.91 6.76 -8.38
CA SER A 27 11.45 6.70 -8.26
C SER A 27 11.00 5.29 -7.86
N GLN A 28 10.12 5.23 -6.86
CA GLN A 28 9.61 3.95 -6.37
C GLN A 28 8.08 3.96 -6.30
N TRP A 29 7.49 2.78 -6.10
CA TRP A 29 6.03 2.66 -6.01
C TRP A 29 5.62 1.91 -4.74
N GLU A 30 6.58 1.61 -3.86
CA GLU A 30 6.30 0.92 -2.62
C GLU A 30 6.66 1.79 -1.42
N LYS A 31 5.73 1.93 -0.48
CA LYS A 31 5.95 2.75 0.70
C LYS A 31 6.96 2.09 1.64
N PRO A 32 8.14 2.71 1.83
CA PRO A 32 9.19 2.18 2.70
C PRO A 32 8.83 2.27 4.18
N GLU A 33 9.79 1.94 5.05
CA GLU A 33 9.58 1.99 6.50
C GLU A 33 9.92 3.37 7.08
N GLY A 34 9.75 4.42 6.28
CA GLY A 34 10.05 5.76 6.73
C GLY A 34 9.09 6.80 6.17
N PHE A 35 7.84 6.41 5.95
CA PHE A 35 6.82 7.31 5.41
C PHE A 35 5.76 7.62 6.47
N GLN A 36 5.09 6.58 6.96
CA GLN A 36 4.05 6.73 7.97
C GLN A 36 4.18 5.65 9.04
N GLY A 37 5.00 5.92 10.05
CA GLY A 37 5.21 4.96 11.12
C GLY A 37 4.01 4.84 12.05
N ASP A 38 3.59 3.60 12.31
CA ASP A 38 2.44 3.35 13.18
C ASP A 38 2.89 3.11 14.61
N LEU A 39 2.51 4.03 15.50
CA LEU A 39 2.86 3.92 16.92
C LEU A 39 1.60 3.74 17.77
N LYS A 40 0.90 2.62 17.55
CA LYS A 40 -0.33 2.32 18.29
C LYS A 40 -1.37 3.43 18.11
N LYS A 41 -1.42 4.00 16.91
CA LYS A 41 -2.37 5.08 16.60
C LYS A 41 -3.73 4.52 16.21
N THR A 42 -4.72 5.41 16.13
CA THR A 42 -6.09 5.00 15.77
C THR A 42 -6.19 4.62 14.29
N ALA A 43 -5.35 5.25 13.45
CA ALA A 43 -5.36 4.98 12.01
C ALA A 43 -5.00 3.52 11.73
N VAL A 44 -5.61 2.95 10.70
CA VAL A 44 -5.36 1.56 10.32
C VAL A 44 -5.07 1.45 8.83
N LYS A 45 -4.11 0.59 8.48
CA LYS A 45 -3.74 0.39 7.08
C LYS A 45 -4.20 -0.99 6.58
N THR A 46 -5.52 -1.17 6.47
CA THR A 46 -6.07 -2.44 5.99
C THR A 46 -7.56 -2.32 5.70
N VAL A 47 -7.92 -2.30 4.42
CA VAL A 47 -9.31 -2.18 3.99
C VAL A 47 -9.83 -3.49 3.39
N TRP A 48 -8.90 -4.31 2.87
CA TRP A 48 -9.28 -5.60 2.26
C TRP A 48 -9.73 -6.60 3.33
N VAL A 49 -10.72 -7.41 2.97
CA VAL A 49 -11.27 -8.42 3.88
C VAL A 49 -10.90 -9.82 3.40
N GLU A 50 -10.55 -10.70 4.34
CA GLU A 50 -10.18 -12.07 3.99
C GLU A 50 -11.40 -12.99 4.03
N GLY A 51 -11.67 -13.64 2.90
CA GLY A 51 -12.81 -14.55 2.82
C GLY A 51 -12.38 -15.98 2.49
N LEU A 52 -13.25 -16.94 2.79
CA LEU A 52 -12.96 -18.34 2.51
C LEU A 52 -13.88 -18.90 1.43
N SER A 53 -13.30 -19.64 0.49
CA SER A 53 -14.06 -20.24 -0.61
C SER A 53 -13.88 -21.76 -0.62
N GLU A 54 -14.89 -22.47 -1.14
CA GLU A 54 -14.85 -23.93 -1.22
C GLU A 54 -13.53 -24.43 -1.79
N ASP A 55 -13.18 -25.67 -1.44
CA ASP A 55 -11.94 -26.30 -1.90
C ASP A 55 -10.69 -25.62 -1.31
N GLY A 56 -10.89 -24.76 -0.31
CA GLY A 56 -9.76 -24.09 0.33
C GLY A 56 -9.17 -22.99 -0.53
N PHE A 57 -9.94 -21.92 -0.75
CA PHE A 57 -9.48 -20.79 -1.54
C PHE A 57 -9.77 -19.47 -0.82
N THR A 58 -8.71 -18.71 -0.53
CA THR A 58 -8.86 -17.44 0.16
C THR A 58 -9.08 -16.30 -0.83
N TYR A 59 -10.22 -15.62 -0.69
CA TYR A 59 -10.56 -14.49 -1.56
C TYR A 59 -10.57 -13.18 -0.76
N TYR A 60 -10.18 -12.09 -1.39
CA TYR A 60 -10.14 -10.79 -0.72
C TYR A 60 -11.05 -9.78 -1.42
N TYR A 61 -11.73 -8.96 -0.62
CA TYR A 61 -12.63 -7.95 -1.16
C TYR A 61 -12.31 -6.56 -0.60
N ASN A 62 -12.55 -5.54 -1.40
CA ASN A 62 -12.29 -4.15 -0.99
C ASN A 62 -13.57 -3.33 -0.99
N THR A 63 -13.83 -2.63 0.12
CA THR A 63 -15.04 -1.80 0.24
C THR A 63 -14.91 -0.52 -0.57
N GLU A 64 -13.70 0.04 -0.62
CA GLU A 64 -13.44 1.28 -1.37
C GLU A 64 -13.80 1.12 -2.84
N THR A 65 -13.14 0.19 -3.51
CA THR A 65 -13.38 -0.06 -4.94
C THR A 65 -14.65 -0.90 -5.14
N GLY A 66 -14.91 -1.81 -4.21
CA GLY A 66 -16.08 -2.66 -4.31
C GLY A 66 -15.92 -3.76 -5.34
N GLU A 67 -14.76 -4.41 -5.35
CA GLU A 67 -14.48 -5.49 -6.30
C GLU A 67 -13.79 -6.67 -5.60
N SER A 68 -14.27 -7.87 -5.90
CA SER A 68 -13.70 -9.08 -5.32
C SER A 68 -12.38 -9.45 -5.99
N ARG A 69 -11.46 -10.00 -5.21
CA ARG A 69 -10.14 -10.38 -5.71
C ARG A 69 -9.77 -11.79 -5.26
N TRP A 70 -8.86 -12.42 -6.00
CA TRP A 70 -8.40 -13.78 -5.68
C TRP A 70 -6.88 -13.83 -5.57
N GLU A 71 -6.27 -12.72 -5.15
CA GLU A 71 -4.82 -12.63 -5.02
C GLU A 71 -4.44 -11.62 -3.94
N LYS A 72 -3.48 -12.01 -3.09
CA LYS A 72 -3.02 -11.13 -2.01
C LYS A 72 -2.44 -9.83 -2.58
N PRO A 73 -2.61 -8.70 -1.86
CA PRO A 73 -2.11 -7.39 -2.30
C PRO A 73 -0.61 -7.41 -2.63
N ASP A 74 -0.30 -7.59 -3.91
CA ASP A 74 1.09 -7.63 -4.36
C ASP A 74 1.16 -7.64 -5.89
N ASP A 75 1.33 -6.45 -6.47
CA ASP A 75 1.41 -6.32 -7.94
C ASP A 75 2.77 -6.78 -8.47
N ASP A 1 24.03 -1.18 -0.21
CA ASP A 1 23.51 0.05 0.47
C ASP A 1 22.53 0.80 -0.44
N PRO A 2 21.23 0.47 -0.35
CA PRO A 2 20.18 1.11 -1.16
C PRO A 2 19.95 2.57 -0.77
N SER A 3 19.88 3.44 -1.77
CA SER A 3 19.66 4.86 -1.54
C SER A 3 18.16 5.19 -1.48
N LYS A 4 17.63 5.28 -0.25
CA LYS A 4 16.22 5.59 -0.04
C LYS A 4 16.00 7.09 0.19
N GLY A 5 14.73 7.48 0.34
CA GLY A 5 14.41 8.88 0.57
C GLY A 5 13.42 9.06 1.71
N ARG A 6 13.54 10.17 2.44
CA ARG A 6 12.62 10.44 3.55
C ARG A 6 11.23 10.81 3.02
N TRP A 7 10.46 9.78 2.67
CA TRP A 7 9.11 9.97 2.14
C TRP A 7 8.06 9.42 3.11
N VAL A 8 6.95 10.14 3.24
CA VAL A 8 5.86 9.72 4.12
C VAL A 8 4.65 9.31 3.30
N GLU A 9 4.05 8.16 3.64
CA GLU A 9 2.88 7.66 2.93
C GLU A 9 1.58 8.18 3.55
N GLY A 10 0.71 8.72 2.71
CA GLY A 10 -0.56 9.24 3.18
C GLY A 10 -1.72 8.80 2.30
N ILE A 11 -2.90 8.65 2.92
CA ILE A 11 -4.09 8.22 2.19
C ILE A 11 -5.01 9.41 1.89
N THR A 12 -5.55 9.45 0.67
CA THR A 12 -6.45 10.53 0.25
C THR A 12 -7.82 9.99 -0.11
N SER A 13 -8.81 10.90 -0.14
CA SER A 13 -10.19 10.55 -0.47
C SER A 13 -10.26 9.57 -1.64
N GLU A 14 -11.29 8.72 -1.63
CA GLU A 14 -11.49 7.71 -2.67
C GLU A 14 -10.63 6.48 -2.43
N GLY A 15 -9.32 6.67 -2.33
CA GLY A 15 -8.40 5.56 -2.09
C GLY A 15 -7.10 5.70 -2.86
N TYR A 16 -6.39 6.79 -2.62
CA TYR A 16 -5.12 7.06 -3.31
C TYR A 16 -4.00 7.29 -2.31
N HIS A 17 -2.83 6.73 -2.59
CA HIS A 17 -1.67 6.88 -1.71
C HIS A 17 -0.72 7.94 -2.24
N TYR A 18 -0.54 9.01 -1.46
CA TYR A 18 0.34 10.10 -1.83
C TYR A 18 1.57 10.13 -0.92
N TYR A 19 2.69 10.64 -1.46
CA TYR A 19 3.93 10.70 -0.69
C TYR A 19 4.46 12.14 -0.65
N TYR A 20 5.15 12.47 0.44
CA TYR A 20 5.72 13.82 0.59
C TYR A 20 7.18 13.76 1.02
N ASP A 21 7.97 14.72 0.55
CA ASP A 21 9.39 14.78 0.90
C ASP A 21 9.69 15.99 1.80
N LEU A 22 10.26 15.71 2.97
CA LEU A 22 10.60 16.78 3.92
C LEU A 22 11.96 17.39 3.59
N ILE A 23 12.82 16.62 2.93
CA ILE A 23 14.16 17.10 2.57
C ILE A 23 14.07 18.37 1.72
N SER A 24 13.33 18.29 0.62
CA SER A 24 13.17 19.43 -0.28
C SER A 24 11.86 20.18 0.01
N GLY A 25 10.80 19.42 0.32
CA GLY A 25 9.51 20.03 0.60
C GLY A 25 8.61 20.05 -0.62
N ALA A 26 8.42 18.89 -1.24
CA ALA A 26 7.56 18.78 -2.42
C ALA A 26 6.65 17.56 -2.34
N SER A 27 5.36 17.78 -2.57
CA SER A 27 4.37 16.70 -2.52
C SER A 27 4.45 15.84 -3.78
N GLN A 28 4.20 14.55 -3.62
CA GLN A 28 4.24 13.61 -4.75
C GLN A 28 3.01 12.70 -4.75
N TRP A 29 2.82 11.97 -5.84
CA TRP A 29 1.69 11.06 -5.99
C TRP A 29 2.17 9.66 -6.38
N GLU A 30 3.04 9.60 -7.39
CA GLU A 30 3.59 8.32 -7.86
C GLU A 30 4.69 7.82 -6.93
N LYS A 31 4.63 6.53 -6.57
CA LYS A 31 5.62 5.94 -5.67
C LYS A 31 7.00 5.86 -6.35
N PRO A 32 8.06 6.27 -5.62
CA PRO A 32 9.44 6.25 -6.15
C PRO A 32 9.99 4.83 -6.29
N GLU A 33 11.26 4.73 -6.69
CA GLU A 33 11.91 3.43 -6.85
C GLU A 33 12.75 3.08 -5.61
N GLY A 34 12.22 3.37 -4.43
CA GLY A 34 12.94 3.07 -3.20
C GLY A 34 12.11 3.36 -1.95
N PHE A 35 10.83 2.99 -1.98
CA PHE A 35 9.94 3.22 -0.86
C PHE A 35 9.48 1.89 -0.25
N GLN A 36 8.83 1.06 -1.07
CA GLN A 36 8.34 -0.24 -0.62
C GLN A 36 8.91 -1.36 -1.50
N GLY A 37 10.04 -1.93 -1.08
CA GLY A 37 10.66 -3.00 -1.84
C GLY A 37 10.66 -4.32 -1.10
N ASP A 38 10.43 -5.41 -1.84
CA ASP A 38 10.40 -6.74 -1.25
C ASP A 38 10.99 -7.77 -2.20
N LEU A 39 12.27 -8.11 -1.98
CA LEU A 39 12.96 -9.10 -2.82
C LEU A 39 13.83 -10.02 -1.97
N LYS A 40 13.19 -11.00 -1.30
CA LYS A 40 13.91 -11.96 -0.45
C LYS A 40 12.95 -13.01 0.11
N LYS A 41 13.49 -14.17 0.47
CA LYS A 41 12.69 -15.27 1.03
C LYS A 41 11.60 -15.72 0.04
N THR A 42 10.60 -16.45 0.54
CA THR A 42 9.51 -16.94 -0.31
C THR A 42 8.81 -15.77 -1.02
N ALA A 43 8.46 -15.99 -2.29
CA ALA A 43 7.79 -14.95 -3.08
C ALA A 43 6.43 -14.57 -2.49
N VAL A 44 5.92 -13.40 -2.89
CA VAL A 44 4.64 -12.90 -2.41
C VAL A 44 3.46 -13.66 -3.03
N LYS A 45 2.40 -13.82 -2.24
CA LYS A 45 1.20 -14.52 -2.70
C LYS A 45 0.00 -13.57 -2.69
N THR A 46 -0.95 -13.81 -3.60
CA THR A 46 -2.18 -13.00 -3.74
C THR A 46 -1.86 -11.50 -3.82
N VAL A 47 -2.92 -10.68 -3.84
CA VAL A 47 -2.76 -9.23 -3.93
C VAL A 47 -3.86 -8.52 -3.11
N TRP A 48 -4.30 -9.16 -2.03
CA TRP A 48 -5.35 -8.59 -1.19
C TRP A 48 -4.83 -8.36 0.24
N VAL A 49 -5.28 -7.27 0.85
CA VAL A 49 -4.88 -6.93 2.22
C VAL A 49 -5.99 -7.26 3.22
N GLU A 50 -5.63 -7.80 4.37
CA GLU A 50 -6.60 -8.15 5.40
C GLU A 50 -6.82 -6.99 6.36
N GLY A 51 -8.08 -6.55 6.47
CA GLY A 51 -8.41 -5.45 7.35
C GLY A 51 -9.39 -5.86 8.44
N LEU A 52 -9.40 -5.13 9.54
CA LEU A 52 -10.31 -5.41 10.65
C LEU A 52 -11.40 -4.35 10.76
N SER A 53 -12.63 -4.80 11.02
CA SER A 53 -13.78 -3.90 11.15
C SER A 53 -14.54 -4.18 12.44
N GLU A 54 -15.20 -3.14 12.98
CA GLU A 54 -15.95 -3.25 14.22
C GLU A 54 -16.86 -4.49 14.23
N ASP A 55 -17.17 -4.98 15.43
CA ASP A 55 -18.02 -6.16 15.60
C ASP A 55 -17.36 -7.44 15.08
N GLY A 56 -16.06 -7.36 14.76
CA GLY A 56 -15.33 -8.53 14.28
C GLY A 56 -15.68 -8.90 12.86
N PHE A 57 -15.31 -8.03 11.92
CA PHE A 57 -15.57 -8.27 10.49
C PHE A 57 -14.31 -8.05 9.67
N THR A 58 -13.72 -9.14 9.18
CA THR A 58 -12.51 -9.07 8.37
C THR A 58 -12.84 -8.70 6.93
N TYR A 59 -12.28 -7.58 6.47
CA TYR A 59 -12.50 -7.09 5.10
C TYR A 59 -11.21 -7.16 4.28
N TYR A 60 -11.35 -7.44 2.99
CA TYR A 60 -10.18 -7.54 2.11
C TYR A 60 -10.27 -6.51 0.98
N TYR A 61 -9.13 -5.94 0.61
CA TYR A 61 -9.07 -4.93 -0.44
C TYR A 61 -8.03 -5.30 -1.51
N ASN A 62 -8.32 -4.96 -2.76
CA ASN A 62 -7.41 -5.25 -3.88
C ASN A 62 -6.85 -3.96 -4.48
N THR A 63 -5.53 -3.89 -4.57
CA THR A 63 -4.86 -2.72 -5.14
C THR A 63 -4.97 -2.70 -6.67
N GLU A 64 -5.14 -3.89 -7.26
CA GLU A 64 -5.24 -4.02 -8.71
C GLU A 64 -6.37 -3.14 -9.27
N THR A 65 -7.61 -3.43 -8.85
CA THR A 65 -8.77 -2.68 -9.31
C THR A 65 -9.08 -1.51 -8.36
N GLY A 66 -8.89 -1.75 -7.07
CA GLY A 66 -9.15 -0.72 -6.08
C GLY A 66 -10.57 -0.78 -5.54
N GLU A 67 -11.00 -1.98 -5.14
CA GLU A 67 -12.35 -2.17 -4.61
C GLU A 67 -12.33 -3.04 -3.35
N SER A 68 -13.13 -2.64 -2.36
CA SER A 68 -13.23 -3.36 -1.10
C SER A 68 -14.10 -4.60 -1.25
N ARG A 69 -13.68 -5.70 -0.61
CA ARG A 69 -14.41 -6.96 -0.67
C ARG A 69 -14.56 -7.57 0.73
N TRP A 70 -15.54 -8.44 0.89
CA TRP A 70 -15.78 -9.09 2.18
C TRP A 70 -15.83 -10.61 2.02
N GLU A 71 -15.02 -11.12 1.08
CA GLU A 71 -14.95 -12.56 0.81
C GLU A 71 -13.54 -12.96 0.41
N LYS A 72 -12.96 -13.91 1.14
CA LYS A 72 -11.60 -14.39 0.87
C LYS A 72 -11.49 -14.96 -0.54
N PRO A 73 -10.72 -14.30 -1.43
CA PRO A 73 -10.54 -14.74 -2.83
C PRO A 73 -9.89 -16.13 -2.93
N ASP A 74 -9.66 -16.59 -4.16
CA ASP A 74 -9.05 -17.90 -4.40
C ASP A 74 -7.81 -17.79 -5.29
N ASP A 75 -7.01 -18.86 -5.29
CA ASP A 75 -5.80 -18.90 -6.10
C ASP A 75 -5.73 -20.19 -6.92
N ASP A 1 22.62 5.76 -9.91
CA ASP A 1 21.54 6.24 -9.01
C ASP A 1 21.14 5.17 -7.99
N PRO A 2 20.45 5.58 -6.91
CA PRO A 2 20.00 4.66 -5.85
C PRO A 2 18.90 3.73 -6.32
N SER A 3 19.10 2.42 -6.10
CA SER A 3 18.10 1.42 -6.51
C SER A 3 16.91 1.43 -5.56
N LYS A 4 17.17 1.65 -4.26
CA LYS A 4 16.12 1.68 -3.25
C LYS A 4 15.91 3.11 -2.74
N GLY A 5 14.78 3.32 -2.06
CA GLY A 5 14.47 4.64 -1.52
C GLY A 5 13.68 4.59 -0.23
N ARG A 6 14.15 5.32 0.78
CA ARG A 6 13.47 5.36 2.08
C ARG A 6 12.48 6.51 2.13
N TRP A 7 11.26 6.24 1.65
CA TRP A 7 10.20 7.25 1.63
C TRP A 7 9.13 6.93 2.66
N VAL A 8 8.75 7.94 3.45
CA VAL A 8 7.73 7.77 4.47
C VAL A 8 6.41 8.38 4.02
N GLU A 9 5.32 7.62 4.17
CA GLU A 9 4.00 8.09 3.76
C GLU A 9 3.29 8.81 4.90
N GLY A 10 2.79 10.00 4.61
CA GLY A 10 2.09 10.79 5.61
C GLY A 10 0.82 11.41 5.06
N ILE A 11 -0.18 11.58 5.93
CA ILE A 11 -1.46 12.17 5.53
C ILE A 11 -1.48 13.67 5.84
N THR A 12 -1.78 14.48 4.83
CA THR A 12 -1.83 15.94 5.00
C THR A 12 -3.10 16.50 4.36
N SER A 13 -3.62 17.58 4.95
CA SER A 13 -4.83 18.24 4.44
C SER A 13 -6.02 17.27 4.49
N GLU A 14 -6.97 17.45 3.57
CA GLU A 14 -8.15 16.59 3.51
C GLU A 14 -7.78 15.11 3.37
N GLY A 15 -6.61 14.83 2.79
CA GLY A 15 -6.17 13.46 2.61
C GLY A 15 -5.16 13.32 1.49
N TYR A 16 -4.20 14.24 1.44
CA TYR A 16 -3.16 14.21 0.42
C TYR A 16 -1.94 13.47 0.94
N HIS A 17 -1.67 12.30 0.36
CA HIS A 17 -0.53 11.48 0.78
C HIS A 17 0.78 12.09 0.32
N TYR A 18 1.62 12.48 1.28
CA TYR A 18 2.91 13.08 0.98
C TYR A 18 4.03 12.12 1.39
N TYR A 19 5.17 12.21 0.71
CA TYR A 19 6.30 11.34 1.01
C TYR A 19 7.54 12.16 1.31
N TYR A 20 8.40 11.62 2.17
CA TYR A 20 9.63 12.30 2.56
C TYR A 20 10.82 11.33 2.51
N ASP A 21 11.94 11.82 2.03
CA ASP A 21 13.16 11.03 1.93
C ASP A 21 14.21 11.51 2.91
N LEU A 22 14.72 10.59 3.74
CA LEU A 22 15.72 10.93 4.74
C LEU A 22 17.13 10.94 4.15
N ILE A 23 17.37 10.10 3.14
CA ILE A 23 18.68 10.03 2.49
C ILE A 23 19.11 11.39 1.95
N SER A 24 18.18 12.07 1.29
CA SER A 24 18.45 13.40 0.73
C SER A 24 17.88 14.50 1.63
N GLY A 25 16.73 14.24 2.26
CA GLY A 25 16.12 15.22 3.13
C GLY A 25 15.19 16.16 2.37
N ALA A 26 14.42 15.59 1.44
CA ALA A 26 13.48 16.38 0.64
C ALA A 26 12.07 15.78 0.67
N SER A 27 11.07 16.62 0.47
CA SER A 27 9.67 16.19 0.47
C SER A 27 9.18 15.90 -0.96
N GLN A 28 8.25 14.97 -1.08
CA GLN A 28 7.70 14.60 -2.38
C GLN A 28 6.17 14.48 -2.31
N TRP A 29 5.53 14.40 -3.48
CA TRP A 29 4.07 14.29 -3.55
C TRP A 29 3.63 13.11 -4.42
N GLU A 30 4.59 12.29 -4.86
CA GLU A 30 4.30 11.12 -5.69
C GLU A 30 5.11 9.92 -5.22
N LYS A 31 4.47 8.75 -5.17
CA LYS A 31 5.14 7.53 -4.73
C LYS A 31 5.98 6.93 -5.86
N PRO A 32 7.33 6.91 -5.70
CA PRO A 32 8.24 6.36 -6.71
C PRO A 32 8.05 4.86 -6.93
N GLU A 33 8.84 4.29 -7.83
CA GLU A 33 8.76 2.86 -8.13
C GLU A 33 9.34 2.02 -6.98
N GLY A 34 8.45 1.38 -6.22
CA GLY A 34 8.88 0.55 -5.11
C GLY A 34 8.40 1.08 -3.77
N PHE A 35 8.78 2.32 -3.44
CA PHE A 35 8.40 2.96 -2.18
C PHE A 35 9.05 2.25 -0.98
N GLN A 36 8.53 1.08 -0.62
CA GLN A 36 9.07 0.31 0.50
C GLN A 36 10.12 -0.70 0.01
N GLY A 37 9.91 -1.23 -1.20
CA GLY A 37 10.85 -2.19 -1.76
C GLY A 37 10.30 -3.61 -1.72
N ASP A 38 10.90 -4.44 -0.87
CA ASP A 38 10.47 -5.83 -0.73
C ASP A 38 9.43 -5.97 0.39
N LEU A 39 8.36 -5.17 0.31
CA LEU A 39 7.30 -5.19 1.31
C LEU A 39 5.93 -4.97 0.65
N LYS A 40 5.12 -6.03 0.60
CA LYS A 40 3.77 -5.96 0.01
C LYS A 40 3.84 -5.60 -1.48
N LYS A 41 3.86 -6.63 -2.33
CA LYS A 41 3.92 -6.42 -3.78
C LYS A 41 2.58 -6.76 -4.44
N THR A 42 1.74 -5.74 -4.63
CA THR A 42 0.42 -5.92 -5.24
C THR A 42 0.53 -5.89 -6.76
N ALA A 43 -0.56 -6.28 -7.45
CA ALA A 43 -0.58 -6.30 -8.91
C ALA A 43 -1.99 -6.08 -9.45
N VAL A 44 -2.09 -5.93 -10.77
CA VAL A 44 -3.39 -5.73 -11.44
C VAL A 44 -3.98 -7.06 -11.92
N LYS A 45 -3.89 -8.09 -11.06
CA LYS A 45 -4.43 -9.41 -11.40
C LYS A 45 -5.34 -9.92 -10.29
N THR A 46 -5.98 -9.00 -9.56
CA THR A 46 -6.88 -9.36 -8.46
C THR A 46 -7.81 -8.19 -8.12
N VAL A 47 -9.11 -8.47 -8.03
CA VAL A 47 -10.10 -7.44 -7.70
C VAL A 47 -10.46 -7.49 -6.21
N TRP A 48 -9.46 -7.77 -5.37
CA TRP A 48 -9.67 -7.86 -3.93
C TRP A 48 -8.55 -7.16 -3.17
N VAL A 49 -8.90 -6.46 -2.09
CA VAL A 49 -7.93 -5.75 -1.27
C VAL A 49 -7.65 -6.49 0.03
N GLU A 50 -6.41 -6.41 0.52
CA GLU A 50 -6.02 -7.09 1.75
C GLU A 50 -6.07 -6.13 2.94
N GLY A 51 -6.86 -6.49 3.95
CA GLY A 51 -6.99 -5.67 5.15
C GLY A 51 -6.53 -6.38 6.40
N LEU A 52 -6.19 -5.61 7.43
CA LEU A 52 -5.73 -6.17 8.70
C LEU A 52 -6.79 -6.04 9.78
N SER A 53 -6.91 -7.08 10.62
CA SER A 53 -7.89 -7.09 11.70
C SER A 53 -7.25 -7.56 13.00
N GLU A 54 -7.79 -7.10 14.13
CA GLU A 54 -7.29 -7.46 15.46
C GLU A 54 -7.03 -8.96 15.57
N ASP A 55 -6.10 -9.33 16.46
CA ASP A 55 -5.74 -10.73 16.70
C ASP A 55 -5.06 -11.36 15.47
N GLY A 56 -4.68 -10.53 14.48
CA GLY A 56 -4.01 -11.03 13.29
C GLY A 56 -4.94 -11.80 12.37
N PHE A 57 -5.92 -11.11 11.80
CA PHE A 57 -6.88 -11.74 10.88
C PHE A 57 -6.97 -10.97 9.57
N THR A 58 -6.35 -11.50 8.53
CA THR A 58 -6.35 -10.87 7.22
C THR A 58 -7.70 -11.06 6.53
N TYR A 59 -8.37 -9.94 6.22
CA TYR A 59 -9.67 -9.97 5.55
C TYR A 59 -9.56 -9.38 4.15
N TYR A 60 -10.35 -9.92 3.22
CA TYR A 60 -10.33 -9.44 1.83
C TYR A 60 -11.71 -8.93 1.42
N TYR A 61 -11.73 -7.86 0.63
CA TYR A 61 -12.98 -7.27 0.17
C TYR A 61 -13.01 -7.17 -1.36
N ASN A 62 -14.21 -7.20 -1.92
CA ASN A 62 -14.37 -7.11 -3.37
C ASN A 62 -15.08 -5.82 -3.76
N THR A 63 -14.58 -5.16 -4.81
CA THR A 63 -15.16 -3.90 -5.27
C THR A 63 -16.29 -4.13 -6.28
N GLU A 64 -16.20 -5.23 -7.04
CA GLU A 64 -17.22 -5.55 -8.04
C GLU A 64 -18.58 -5.75 -7.39
N THR A 65 -18.70 -6.76 -6.52
CA THR A 65 -19.95 -7.05 -5.84
C THR A 65 -20.11 -6.18 -4.59
N GLY A 66 -19.03 -6.05 -3.81
CA GLY A 66 -19.07 -5.26 -2.60
C GLY A 66 -19.37 -6.08 -1.37
N GLU A 67 -18.66 -7.20 -1.21
CA GLU A 67 -18.84 -8.08 -0.06
C GLU A 67 -17.49 -8.47 0.54
N SER A 68 -17.44 -8.54 1.88
CA SER A 68 -16.21 -8.91 2.58
C SER A 68 -16.04 -10.43 2.59
N ARG A 69 -14.78 -10.87 2.59
CA ARG A 69 -14.45 -12.29 2.60
C ARG A 69 -13.36 -12.59 3.63
N TRP A 70 -13.31 -13.83 4.11
CA TRP A 70 -12.31 -14.23 5.09
C TRP A 70 -11.54 -15.46 4.62
N GLU A 71 -11.47 -15.66 3.30
CA GLU A 71 -10.76 -16.79 2.72
C GLU A 71 -10.14 -16.39 1.39
N LYS A 72 -8.87 -16.75 1.20
CA LYS A 72 -8.16 -16.42 -0.05
C LYS A 72 -8.86 -17.05 -1.24
N PRO A 73 -9.47 -16.22 -2.12
CA PRO A 73 -10.18 -16.70 -3.32
C PRO A 73 -9.30 -17.56 -4.22
N ASP A 74 -9.48 -18.88 -4.14
CA ASP A 74 -8.71 -19.81 -4.95
C ASP A 74 -9.40 -20.10 -6.28
N ASP A 75 -8.66 -19.90 -7.37
CA ASP A 75 -9.22 -20.13 -8.71
C ASP A 75 -8.12 -20.63 -9.65
N ASP A 1 13.99 9.08 -18.45
CA ASP A 1 14.47 9.23 -17.05
C ASP A 1 14.31 7.93 -16.27
N PRO A 2 15.19 7.70 -15.26
CA PRO A 2 15.15 6.49 -14.43
C PRO A 2 13.96 6.49 -13.47
N SER A 3 13.55 5.30 -13.04
CA SER A 3 12.43 5.16 -12.12
C SER A 3 12.63 3.99 -11.17
N LYS A 4 12.98 4.29 -9.93
CA LYS A 4 13.20 3.27 -8.91
C LYS A 4 12.51 3.65 -7.59
N GLY A 5 11.36 4.32 -7.70
CA GLY A 5 10.61 4.73 -6.53
C GLY A 5 10.91 6.17 -6.12
N ARG A 6 10.24 7.11 -6.78
CA ARG A 6 10.43 8.53 -6.49
C ARG A 6 9.64 8.95 -5.25
N TRP A 7 10.15 8.57 -4.07
CA TRP A 7 9.50 8.90 -2.81
C TRP A 7 10.43 9.71 -1.90
N VAL A 8 9.88 10.75 -1.26
CA VAL A 8 10.65 11.61 -0.37
C VAL A 8 10.15 11.49 1.07
N GLU A 9 11.08 11.35 2.02
CA GLU A 9 10.71 11.23 3.43
C GLU A 9 10.67 12.59 4.10
N GLY A 10 9.59 12.84 4.84
CA GLY A 10 9.42 14.10 5.54
C GLY A 10 9.02 13.91 6.99
N ILE A 11 9.46 14.82 7.86
CA ILE A 11 9.14 14.76 9.28
C ILE A 11 7.94 15.64 9.61
N THR A 12 7.07 15.16 10.51
CA THR A 12 5.88 15.91 10.91
C THR A 12 5.85 16.09 12.42
N SER A 13 5.03 17.05 12.87
CA SER A 13 4.89 17.34 14.30
C SER A 13 4.71 16.06 15.12
N GLU A 14 5.12 16.12 16.39
CA GLU A 14 5.02 14.97 17.31
C GLU A 14 6.12 13.94 17.04
N GLY A 15 6.21 13.46 15.80
CA GLY A 15 7.22 12.49 15.46
C GLY A 15 6.72 11.44 14.48
N TYR A 16 6.12 11.90 13.38
CA TYR A 16 5.58 11.01 12.36
C TYR A 16 6.32 11.19 11.03
N HIS A 17 6.57 10.10 10.33
CA HIS A 17 7.28 10.16 9.06
C HIS A 17 6.32 9.95 7.90
N TYR A 18 6.19 10.97 7.06
CA TYR A 18 5.32 10.91 5.89
C TYR A 18 6.12 10.88 4.61
N TYR A 19 5.56 10.25 3.57
CA TYR A 19 6.23 10.15 2.28
C TYR A 19 5.35 10.70 1.16
N TYR A 20 5.99 11.25 0.13
CA TYR A 20 5.25 11.82 -1.00
C TYR A 20 5.75 11.25 -2.31
N ASP A 21 4.83 11.06 -3.25
CA ASP A 21 5.15 10.53 -4.57
C ASP A 21 4.85 11.54 -5.66
N LEU A 22 5.87 11.88 -6.45
CA LEU A 22 5.70 12.84 -7.54
C LEU A 22 5.16 12.17 -8.80
N ILE A 23 5.41 10.87 -8.94
CA ILE A 23 4.94 10.11 -10.10
C ILE A 23 3.41 10.18 -10.21
N SER A 24 2.73 9.97 -9.08
CA SER A 24 1.27 10.00 -9.07
C SER A 24 0.75 11.29 -8.42
N GLY A 25 1.50 11.82 -7.44
CA GLY A 25 1.09 13.04 -6.76
C GLY A 25 0.18 12.75 -5.57
N ALA A 26 0.57 11.76 -4.76
CA ALA A 26 -0.21 11.39 -3.58
C ALA A 26 0.67 11.24 -2.35
N SER A 27 0.23 11.85 -1.24
CA SER A 27 0.98 11.78 0.01
C SER A 27 0.61 10.52 0.81
N GLN A 28 1.60 9.91 1.45
CA GLN A 28 1.38 8.70 2.24
C GLN A 28 2.01 8.82 3.62
N TRP A 29 1.67 7.89 4.51
CA TRP A 29 2.20 7.89 5.88
C TRP A 29 2.80 6.53 6.25
N GLU A 30 2.90 5.61 5.28
CA GLU A 30 3.46 4.29 5.50
C GLU A 30 4.60 4.04 4.52
N LYS A 31 5.75 3.59 5.04
CA LYS A 31 6.92 3.32 4.20
C LYS A 31 6.66 2.14 3.25
N PRO A 32 6.61 2.41 1.93
CA PRO A 32 6.36 1.37 0.91
C PRO A 32 7.48 0.33 0.84
N GLU A 33 7.37 -0.59 -0.13
CA GLU A 33 8.37 -1.65 -0.30
C GLU A 33 9.45 -1.23 -1.31
N GLY A 34 9.73 0.08 -1.39
CA GLY A 34 10.74 0.58 -2.31
C GLY A 34 11.68 1.57 -1.64
N PHE A 35 11.12 2.54 -0.91
CA PHE A 35 11.92 3.56 -0.23
C PHE A 35 13.00 2.92 0.65
N GLN A 36 12.56 2.18 1.68
CA GLN A 36 13.49 1.52 2.60
C GLN A 36 12.83 0.28 3.23
N GLY A 37 12.84 -0.83 2.49
CA GLY A 37 12.24 -2.07 2.98
C GLY A 37 13.05 -3.30 2.62
N ASP A 38 12.64 -4.45 3.16
CA ASP A 38 13.35 -5.72 2.91
C ASP A 38 13.09 -6.21 1.48
N LEU A 39 13.75 -7.30 1.10
CA LEU A 39 13.61 -7.87 -0.24
C LEU A 39 12.18 -8.34 -0.49
N LYS A 40 11.82 -8.46 -1.77
CA LYS A 40 10.47 -8.89 -2.15
C LYS A 40 10.31 -10.41 -2.03
N LYS A 41 9.07 -10.88 -1.90
CA LYS A 41 8.79 -12.30 -1.76
C LYS A 41 7.32 -12.61 -2.07
N THR A 42 7.00 -13.90 -2.19
CA THR A 42 5.63 -14.34 -2.48
C THR A 42 4.74 -14.22 -1.24
N ALA A 43 5.30 -14.50 -0.07
CA ALA A 43 4.56 -14.42 1.18
C ALA A 43 4.68 -13.04 1.80
N VAL A 44 3.65 -12.21 1.60
CA VAL A 44 3.63 -10.85 2.14
C VAL A 44 2.33 -10.57 2.90
N LYS A 45 2.48 -10.05 4.12
CA LYS A 45 1.31 -9.74 4.95
C LYS A 45 0.62 -8.46 4.47
N THR A 46 -0.63 -8.29 4.88
CA THR A 46 -1.44 -7.12 4.51
C THR A 46 -1.35 -6.84 3.00
N VAL A 47 -1.63 -7.85 2.19
CA VAL A 47 -1.59 -7.72 0.73
C VAL A 47 -3.00 -7.59 0.13
N TRP A 48 -4.01 -7.41 0.98
CA TRP A 48 -5.39 -7.25 0.51
C TRP A 48 -5.95 -5.89 0.89
N VAL A 49 -6.73 -5.31 -0.02
CA VAL A 49 -7.34 -3.99 0.21
C VAL A 49 -8.85 -4.12 0.48
N GLU A 50 -9.36 -3.31 1.40
CA GLU A 50 -10.79 -3.34 1.74
C GLU A 50 -11.58 -2.35 0.88
N GLY A 51 -12.57 -2.88 0.16
CA GLY A 51 -13.41 -2.05 -0.69
C GLY A 51 -14.87 -2.08 -0.27
N LEU A 52 -15.62 -1.06 -0.68
CA LEU A 52 -17.05 -0.98 -0.34
C LEU A 52 -17.93 -1.12 -1.59
N SER A 53 -18.93 -2.00 -1.48
CA SER A 53 -19.86 -2.25 -2.59
C SER A 53 -21.25 -1.71 -2.26
N GLU A 54 -22.00 -1.34 -3.30
CA GLU A 54 -23.35 -0.80 -3.14
C GLU A 54 -24.16 -1.62 -2.12
N ASP A 55 -25.08 -0.94 -1.42
CA ASP A 55 -25.92 -1.57 -0.40
C ASP A 55 -25.18 -1.69 0.93
N GLY A 56 -23.97 -2.26 0.90
CA GLY A 56 -23.19 -2.41 2.10
C GLY A 56 -22.47 -3.74 2.15
N PHE A 57 -21.74 -4.06 1.08
CA PHE A 57 -20.99 -5.32 1.00
C PHE A 57 -19.49 -5.03 0.88
N THR A 58 -18.73 -5.50 1.86
CA THR A 58 -17.27 -5.29 1.85
C THR A 58 -16.57 -6.33 0.98
N TYR A 59 -15.87 -5.84 -0.04
CA TYR A 59 -15.12 -6.70 -0.95
C TYR A 59 -13.61 -6.49 -0.78
N TYR A 60 -12.84 -7.55 -0.96
CA TYR A 60 -11.38 -7.47 -0.82
C TYR A 60 -10.69 -7.85 -2.12
N TYR A 61 -9.60 -7.15 -2.43
CA TYR A 61 -8.84 -7.40 -3.66
C TYR A 61 -7.37 -7.71 -3.32
N ASN A 62 -6.71 -8.44 -4.21
CA ASN A 62 -5.30 -8.80 -4.02
C ASN A 62 -4.42 -8.13 -5.06
N THR A 63 -3.44 -7.34 -4.60
CA THR A 63 -2.51 -6.63 -5.47
C THR A 63 -1.49 -7.58 -6.10
N GLU A 64 -1.14 -8.65 -5.38
CA GLU A 64 -0.16 -9.62 -5.85
C GLU A 64 -0.67 -10.36 -7.10
N THR A 65 -1.72 -11.16 -6.92
CA THR A 65 -2.30 -11.93 -8.02
C THR A 65 -3.19 -11.06 -8.91
N GLY A 66 -4.08 -10.31 -8.28
CA GLY A 66 -4.99 -9.44 -9.03
C GLY A 66 -6.37 -10.05 -9.21
N GLU A 67 -6.89 -10.66 -8.14
CA GLU A 67 -8.21 -11.29 -8.17
C GLU A 67 -9.07 -10.82 -7.00
N SER A 68 -10.31 -10.44 -7.30
CA SER A 68 -11.23 -9.98 -6.27
C SER A 68 -11.72 -11.14 -5.40
N ARG A 69 -11.96 -10.87 -4.12
CA ARG A 69 -12.43 -11.87 -3.17
C ARG A 69 -13.61 -11.36 -2.35
N TRP A 70 -14.39 -12.28 -1.80
CA TRP A 70 -15.55 -11.93 -0.99
C TRP A 70 -15.49 -12.63 0.38
N GLU A 71 -14.27 -12.87 0.87
CA GLU A 71 -14.06 -13.53 2.15
C GLU A 71 -12.79 -13.02 2.82
N LYS A 72 -12.92 -12.48 4.02
CA LYS A 72 -11.77 -11.96 4.77
C LYS A 72 -10.80 -13.08 5.12
N PRO A 73 -9.52 -12.98 4.72
CA PRO A 73 -8.50 -14.00 5.01
C PRO A 73 -8.28 -14.18 6.51
N ASP A 74 -9.12 -15.02 7.12
CA ASP A 74 -9.06 -15.28 8.55
C ASP A 74 -8.39 -16.63 8.83
N ASP A 75 -7.27 -16.62 9.55
CA ASP A 75 -6.56 -17.85 9.88
C ASP A 75 -6.15 -17.87 11.35
N ASP A 1 16.48 13.07 -17.53
CA ASP A 1 16.34 11.64 -17.16
C ASP A 1 16.74 11.39 -15.71
N PRO A 2 15.78 11.45 -14.78
CA PRO A 2 16.04 11.25 -13.35
C PRO A 2 16.38 9.79 -13.00
N SER A 3 17.16 9.62 -11.94
CA SER A 3 17.58 8.28 -11.50
C SER A 3 16.77 7.83 -10.27
N LYS A 4 16.44 8.78 -9.39
CA LYS A 4 15.68 8.46 -8.18
C LYS A 4 14.88 9.68 -7.70
N GLY A 5 14.13 9.50 -6.61
CA GLY A 5 13.34 10.59 -6.06
C GLY A 5 13.67 10.88 -4.61
N ARG A 6 13.72 12.17 -4.26
CA ARG A 6 14.03 12.59 -2.90
C ARG A 6 12.80 12.44 -2.00
N TRP A 7 12.70 11.28 -1.33
CA TRP A 7 11.58 11.00 -0.44
C TRP A 7 12.07 10.56 0.94
N VAL A 8 11.43 11.10 1.99
CA VAL A 8 11.80 10.76 3.37
C VAL A 8 10.64 10.08 4.10
N GLU A 9 10.97 9.18 5.03
CA GLU A 9 9.97 8.45 5.80
C GLU A 9 9.80 9.05 7.19
N GLY A 10 8.54 9.28 7.58
CA GLY A 10 8.25 9.85 8.89
C GLY A 10 7.11 9.16 9.60
N ILE A 11 7.18 9.12 10.93
CA ILE A 11 6.13 8.48 11.74
C ILE A 11 5.09 9.50 12.20
N THR A 12 3.83 9.06 12.26
CA THR A 12 2.73 9.93 12.68
C THR A 12 1.92 9.28 13.81
N SER A 13 1.16 10.11 14.53
CA SER A 13 0.33 9.63 15.65
C SER A 13 -0.45 8.38 15.27
N GLU A 14 -0.75 7.55 16.28
CA GLU A 14 -1.49 6.30 16.10
C GLU A 14 -0.56 5.18 15.61
N GLY A 15 0.13 5.42 14.49
CA GLY A 15 1.03 4.42 13.95
C GLY A 15 0.97 4.34 12.43
N TYR A 16 1.12 5.49 11.78
CA TYR A 16 1.08 5.56 10.33
C TYR A 16 2.40 6.08 9.77
N HIS A 17 2.75 5.67 8.56
CA HIS A 17 3.99 6.10 7.93
C HIS A 17 3.72 7.05 6.78
N TYR A 18 4.19 8.29 6.91
CA TYR A 18 4.00 9.30 5.87
C TYR A 18 5.32 9.65 5.20
N TYR A 19 5.26 10.05 3.93
CA TYR A 19 6.45 10.42 3.18
C TYR A 19 6.35 11.83 2.63
N TYR A 20 7.49 12.51 2.49
CA TYR A 20 7.50 13.88 1.98
C TYR A 20 8.46 14.01 0.79
N ASP A 21 8.13 14.93 -0.12
CA ASP A 21 8.93 15.17 -1.31
C ASP A 21 9.45 16.60 -1.33
N LEU A 22 10.78 16.75 -1.39
CA LEU A 22 11.40 18.09 -1.42
C LEU A 22 11.42 18.67 -2.84
N ILE A 23 11.43 17.80 -3.85
CA ILE A 23 11.45 18.25 -5.25
C ILE A 23 10.29 19.18 -5.54
N SER A 24 9.09 18.77 -5.12
CA SER A 24 7.88 19.56 -5.34
C SER A 24 7.45 20.27 -4.06
N GLY A 25 7.48 19.55 -2.93
CA GLY A 25 7.09 20.12 -1.66
C GLY A 25 5.70 19.68 -1.23
N ALA A 26 5.36 18.42 -1.50
CA ALA A 26 4.05 17.87 -1.15
C ALA A 26 4.19 16.69 -0.19
N SER A 27 3.13 16.41 0.57
CA SER A 27 3.13 15.30 1.53
C SER A 27 2.39 14.10 0.95
N GLN A 28 3.03 12.93 1.05
CA GLN A 28 2.44 11.68 0.54
C GLN A 28 2.33 10.64 1.66
N TRP A 29 1.61 9.56 1.39
CA TRP A 29 1.42 8.49 2.37
C TRP A 29 1.80 7.13 1.78
N GLU A 30 1.34 6.86 0.56
CA GLU A 30 1.63 5.60 -0.11
C GLU A 30 3.09 5.57 -0.57
N LYS A 31 3.86 4.61 -0.08
CA LYS A 31 5.26 4.48 -0.45
C LYS A 31 5.40 4.07 -1.92
N PRO A 32 6.15 4.84 -2.72
CA PRO A 32 6.37 4.55 -4.14
C PRO A 32 7.30 3.35 -4.36
N GLU A 33 7.33 2.84 -5.59
CA GLU A 33 8.18 1.69 -5.91
C GLU A 33 9.66 2.08 -5.82
N GLY A 34 10.38 1.39 -4.94
CA GLY A 34 11.79 1.67 -4.75
C GLY A 34 12.09 2.24 -3.39
N PHE A 35 12.20 3.57 -3.32
CA PHE A 35 12.49 4.27 -2.06
C PHE A 35 13.90 3.95 -1.57
N GLN A 36 14.43 4.80 -0.68
CA GLN A 36 15.78 4.61 -0.14
C GLN A 36 15.86 3.28 0.63
N GLY A 37 16.43 2.26 -0.02
CA GLY A 37 16.56 0.96 0.60
C GLY A 37 15.71 -0.09 -0.11
N ASP A 38 14.82 -0.75 0.65
CA ASP A 38 13.95 -1.78 0.10
C ASP A 38 14.75 -2.96 -0.46
N LEU A 39 14.83 -4.03 0.32
CA LEU A 39 15.55 -5.23 -0.09
C LEU A 39 14.59 -6.36 -0.47
N LYS A 40 13.48 -6.00 -1.12
CA LYS A 40 12.49 -6.99 -1.54
C LYS A 40 11.93 -6.63 -2.92
N LYS A 41 11.80 -7.64 -3.79
CA LYS A 41 11.28 -7.41 -5.15
C LYS A 41 9.75 -7.35 -5.15
N THR A 42 9.18 -6.44 -4.36
CA THR A 42 7.73 -6.27 -4.29
C THR A 42 7.06 -7.51 -3.69
N ALA A 43 5.78 -7.37 -3.31
CA ALA A 43 5.04 -8.47 -2.71
C ALA A 43 4.67 -9.54 -3.75
N VAL A 44 4.69 -10.79 -3.33
CA VAL A 44 4.38 -11.91 -4.22
C VAL A 44 3.48 -12.94 -3.52
N LYS A 45 2.56 -12.47 -2.68
CA LYS A 45 1.65 -13.35 -1.96
C LYS A 45 0.27 -12.71 -1.83
N THR A 46 -0.55 -12.81 -2.89
CA THR A 46 -1.89 -12.23 -2.90
C THR A 46 -2.93 -13.27 -3.32
N VAL A 47 -3.69 -13.76 -2.35
CA VAL A 47 -4.73 -14.76 -2.60
C VAL A 47 -6.14 -14.13 -2.58
N TRP A 48 -6.27 -12.93 -1.98
CA TRP A 48 -7.54 -12.24 -1.91
C TRP A 48 -7.52 -10.96 -2.72
N VAL A 49 -8.66 -10.62 -3.34
CA VAL A 49 -8.77 -9.40 -4.15
C VAL A 49 -9.69 -8.39 -3.46
N GLU A 50 -9.24 -7.14 -3.37
CA GLU A 50 -10.03 -6.10 -2.73
C GLU A 50 -10.85 -5.31 -3.75
N GLY A 51 -12.18 -5.30 -3.55
CA GLY A 51 -13.07 -4.58 -4.44
C GLY A 51 -13.85 -3.48 -3.72
N LEU A 52 -14.33 -2.49 -4.47
CA LEU A 52 -15.09 -1.39 -3.89
C LEU A 52 -16.57 -1.50 -4.26
N SER A 53 -17.44 -1.57 -3.25
CA SER A 53 -18.87 -1.68 -3.48
C SER A 53 -19.69 -0.90 -2.44
N GLU A 54 -20.78 -0.27 -2.89
CA GLU A 54 -21.66 0.50 -2.02
C GLU A 54 -20.89 1.59 -1.26
N ASP A 55 -20.89 2.80 -1.82
CA ASP A 55 -20.20 3.94 -1.22
C ASP A 55 -18.68 3.76 -1.28
N GLY A 56 -18.19 2.73 -0.59
CA GLY A 56 -16.76 2.46 -0.58
C GLY A 56 -16.41 1.32 0.37
N PHE A 57 -17.22 0.27 0.40
CA PHE A 57 -16.98 -0.87 1.26
C PHE A 57 -16.04 -1.85 0.58
N THR A 58 -14.90 -2.12 1.21
CA THR A 58 -13.92 -3.04 0.64
C THR A 58 -14.33 -4.50 0.89
N TYR A 59 -14.50 -5.24 -0.19
CA TYR A 59 -14.86 -6.65 -0.13
C TYR A 59 -13.72 -7.51 -0.65
N TYR A 60 -13.54 -8.69 -0.08
CA TYR A 60 -12.45 -9.58 -0.50
C TYR A 60 -12.99 -10.90 -1.03
N TYR A 61 -12.36 -11.42 -2.08
CA TYR A 61 -12.76 -12.69 -2.70
C TYR A 61 -11.56 -13.62 -2.86
N ASN A 62 -11.82 -14.93 -2.90
CA ASN A 62 -10.77 -15.92 -3.04
C ASN A 62 -10.85 -16.64 -4.38
N THR A 63 -9.72 -16.68 -5.09
CA THR A 63 -9.65 -17.34 -6.40
C THR A 63 -9.20 -18.80 -6.29
N GLU A 64 -9.38 -19.39 -5.10
CA GLU A 64 -8.98 -20.77 -4.87
C GLU A 64 -10.18 -21.72 -5.05
N THR A 65 -11.21 -21.51 -4.25
CA THR A 65 -12.43 -22.32 -4.32
C THR A 65 -13.60 -21.51 -4.88
N GLY A 66 -13.67 -20.23 -4.53
CA GLY A 66 -14.75 -19.38 -5.01
C GLY A 66 -15.71 -18.97 -3.90
N GLU A 67 -15.27 -18.05 -3.04
CA GLU A 67 -16.10 -17.58 -1.93
C GLU A 67 -15.75 -16.14 -1.57
N SER A 68 -16.77 -15.28 -1.53
CA SER A 68 -16.57 -13.87 -1.19
C SER A 68 -16.55 -13.67 0.32
N ARG A 69 -15.82 -12.66 0.77
CA ARG A 69 -15.71 -12.36 2.20
C ARG A 69 -15.97 -10.88 2.48
N TRP A 70 -16.39 -10.59 3.71
CA TRP A 70 -16.67 -9.20 4.11
C TRP A 70 -15.90 -8.84 5.39
N GLU A 71 -14.75 -9.50 5.59
CA GLU A 71 -13.92 -9.25 6.77
C GLU A 71 -12.44 -9.50 6.44
N LYS A 72 -11.56 -8.97 7.28
CA LYS A 72 -10.12 -9.12 7.09
C LYS A 72 -9.61 -10.43 7.71
N PRO A 73 -9.26 -11.42 6.87
CA PRO A 73 -8.77 -12.73 7.34
C PRO A 73 -7.38 -12.64 7.96
N ASP A 74 -7.15 -13.42 9.01
CA ASP A 74 -5.85 -13.44 9.70
C ASP A 74 -5.77 -14.63 10.67
N ASP A 75 -4.91 -15.59 10.33
CA ASP A 75 -4.72 -16.78 11.17
C ASP A 75 -3.85 -16.48 12.38
N ASP A 1 -3.22 1.14 -15.19
CA ASP A 1 -2.64 2.49 -15.41
C ASP A 1 -1.21 2.58 -14.88
N PRO A 2 -0.37 3.43 -15.51
CA PRO A 2 1.03 3.60 -15.11
C PRO A 2 1.16 4.40 -13.81
N SER A 3 2.15 4.03 -12.99
CA SER A 3 2.38 4.70 -11.72
C SER A 3 3.82 5.20 -11.62
N LYS A 4 3.98 6.39 -11.04
CA LYS A 4 5.31 6.99 -10.88
C LYS A 4 5.53 7.41 -9.42
N GLY A 5 6.62 6.90 -8.83
CA GLY A 5 6.93 7.23 -7.46
C GLY A 5 7.98 6.32 -6.86
N ARG A 6 9.25 6.58 -7.19
CA ARG A 6 10.36 5.79 -6.67
C ARG A 6 10.83 6.33 -5.32
N TRP A 7 9.98 6.18 -4.32
CA TRP A 7 10.29 6.64 -2.96
C TRP A 7 10.62 5.47 -2.05
N VAL A 8 11.62 5.66 -1.19
CA VAL A 8 12.04 4.63 -0.25
C VAL A 8 11.81 5.06 1.20
N GLU A 9 11.23 4.16 2.00
CA GLU A 9 10.96 4.46 3.40
C GLU A 9 12.13 4.05 4.29
N GLY A 10 12.54 4.96 5.17
CA GLY A 10 13.64 4.68 6.08
C GLY A 10 13.34 5.12 7.50
N ILE A 11 13.91 4.40 8.48
CA ILE A 11 13.71 4.73 9.88
C ILE A 11 14.88 5.54 10.43
N THR A 12 14.58 6.68 11.04
CA THR A 12 15.62 7.55 11.61
C THR A 12 15.24 8.00 13.01
N SER A 13 16.25 8.24 13.85
CA SER A 13 16.02 8.69 15.23
C SER A 13 15.21 7.64 16.00
N GLU A 14 14.42 8.10 16.98
CA GLU A 14 13.59 7.20 17.78
C GLU A 14 12.70 6.31 16.91
N GLY A 15 12.32 6.80 15.74
CA GLY A 15 11.47 6.04 14.85
C GLY A 15 10.70 6.91 13.88
N TYR A 16 11.39 7.90 13.30
CA TYR A 16 10.77 8.81 12.34
C TYR A 16 10.96 8.29 10.93
N HIS A 17 9.88 7.89 10.28
CA HIS A 17 9.93 7.36 8.93
C HIS A 17 10.16 8.48 7.91
N TYR A 18 11.30 8.41 7.23
CA TYR A 18 11.65 9.42 6.22
C TYR A 18 11.61 8.80 4.83
N TYR A 19 11.33 9.63 3.82
CA TYR A 19 11.27 9.15 2.44
C TYR A 19 12.21 9.94 1.54
N TYR A 20 12.72 9.28 0.52
CA TYR A 20 13.66 9.91 -0.42
C TYR A 20 13.31 9.55 -1.87
N ASP A 21 13.57 10.47 -2.78
CA ASP A 21 13.31 10.26 -4.20
C ASP A 21 14.62 10.19 -4.98
N LEU A 22 14.83 9.08 -5.67
CA LEU A 22 16.05 8.88 -6.46
C LEU A 22 15.90 9.50 -7.86
N ILE A 23 14.67 9.59 -8.35
CA ILE A 23 14.40 10.17 -9.66
C ILE A 23 14.87 11.62 -9.73
N SER A 24 14.41 12.42 -8.78
CA SER A 24 14.77 13.84 -8.72
C SER A 24 15.97 14.07 -7.80
N GLY A 25 16.04 13.30 -6.70
CA GLY A 25 17.14 13.44 -5.76
C GLY A 25 16.83 14.44 -4.67
N ALA A 26 15.77 14.17 -3.89
CA ALA A 26 15.38 15.05 -2.80
C ALA A 26 14.87 14.25 -1.61
N SER A 27 15.42 14.56 -0.42
CA SER A 27 15.02 13.88 0.81
C SER A 27 13.79 14.55 1.41
N GLN A 28 12.80 13.73 1.78
CA GLN A 28 11.55 14.23 2.37
C GLN A 28 11.18 13.45 3.63
N TRP A 29 10.21 13.98 4.37
CA TRP A 29 9.76 13.34 5.60
C TRP A 29 8.24 13.13 5.61
N GLU A 30 7.59 13.41 4.48
CA GLU A 30 6.13 13.26 4.37
C GLU A 30 5.78 12.27 3.26
N LYS A 31 4.78 11.43 3.52
CA LYS A 31 4.35 10.42 2.55
C LYS A 31 3.50 11.06 1.46
N PRO A 32 3.80 10.76 0.17
CA PRO A 32 3.05 11.31 -0.97
C PRO A 32 1.66 10.68 -1.11
N GLU A 33 0.98 10.98 -2.22
CA GLU A 33 -0.35 10.43 -2.46
C GLU A 33 -0.29 8.92 -2.64
N GLY A 34 -0.43 8.19 -1.52
CA GLY A 34 -0.38 6.75 -1.57
C GLY A 34 0.90 6.18 -1.00
N PHE A 35 1.89 5.98 -1.86
CA PHE A 35 3.19 5.44 -1.46
C PHE A 35 3.06 3.99 -1.00
N GLN A 36 2.56 3.80 0.23
CA GLN A 36 2.37 2.45 0.79
C GLN A 36 1.09 2.41 1.63
N GLY A 37 0.09 3.20 1.25
CA GLY A 37 -1.17 3.24 1.97
C GLY A 37 -2.35 2.94 1.07
N ASP A 38 -3.03 1.82 1.31
CA ASP A 38 -4.18 1.42 0.51
C ASP A 38 -5.32 2.43 0.65
N LEU A 39 -5.78 2.96 -0.48
CA LEU A 39 -6.85 3.95 -0.50
C LEU A 39 -8.16 3.30 -0.96
N LYS A 40 -9.10 3.12 -0.02
CA LYS A 40 -10.39 2.52 -0.33
C LYS A 40 -11.20 3.43 -1.25
N LYS A 41 -11.82 2.84 -2.27
CA LYS A 41 -12.62 3.58 -3.26
C LYS A 41 -11.85 4.76 -3.85
N THR A 42 -12.53 5.61 -4.61
CA THR A 42 -11.90 6.76 -5.25
C THR A 42 -10.74 6.33 -6.14
N ALA A 43 -10.79 5.09 -6.64
CA ALA A 43 -9.75 4.55 -7.50
C ALA A 43 -10.22 3.29 -8.22
N VAL A 44 -9.33 2.67 -8.99
CA VAL A 44 -9.65 1.45 -9.73
C VAL A 44 -10.09 0.32 -8.79
N LYS A 45 -11.10 -0.45 -9.22
CA LYS A 45 -11.61 -1.55 -8.42
C LYS A 45 -11.21 -2.90 -9.02
N THR A 46 -10.61 -3.76 -8.20
CA THR A 46 -10.18 -5.09 -8.65
C THR A 46 -11.24 -6.15 -8.31
N VAL A 47 -10.93 -7.40 -8.62
CA VAL A 47 -11.86 -8.51 -8.36
C VAL A 47 -11.82 -8.94 -6.89
N TRP A 48 -10.66 -8.78 -6.27
CA TRP A 48 -10.49 -9.15 -4.87
C TRP A 48 -10.71 -7.93 -3.96
N VAL A 49 -11.32 -8.17 -2.80
CA VAL A 49 -11.59 -7.11 -1.84
C VAL A 49 -10.67 -7.22 -0.61
N GLU A 50 -10.14 -6.09 -0.14
CA GLU A 50 -9.26 -6.09 1.02
C GLU A 50 -10.06 -5.90 2.31
N GLY A 51 -9.92 -6.86 3.22
CA GLY A 51 -10.62 -6.79 4.49
C GLY A 51 -9.66 -6.76 5.67
N LEU A 52 -10.08 -6.14 6.77
CA LEU A 52 -9.24 -6.05 7.97
C LEU A 52 -9.83 -6.85 9.12
N SER A 53 -8.98 -7.64 9.78
CA SER A 53 -9.40 -8.47 10.90
C SER A 53 -8.77 -7.98 12.21
N GLU A 54 -9.46 -8.22 13.32
CA GLU A 54 -8.99 -7.81 14.64
C GLU A 54 -7.51 -8.14 14.83
N ASP A 55 -6.85 -7.38 15.71
CA ASP A 55 -5.42 -7.56 16.00
C ASP A 55 -4.56 -6.89 14.92
N GLY A 56 -4.79 -7.27 13.66
CA GLY A 56 -4.02 -6.69 12.57
C GLY A 56 -3.73 -7.69 11.46
N PHE A 57 -4.80 -8.31 10.95
CA PHE A 57 -4.67 -9.30 9.88
C PHE A 57 -5.53 -8.92 8.68
N THR A 58 -4.89 -8.81 7.51
CA THR A 58 -5.61 -8.45 6.29
C THR A 58 -6.06 -9.70 5.52
N TYR A 59 -7.37 -9.81 5.31
CA TYR A 59 -7.94 -10.95 4.59
C TYR A 59 -8.53 -10.49 3.26
N TYR A 60 -8.45 -11.35 2.25
CA TYR A 60 -8.98 -11.02 0.92
C TYR A 60 -10.06 -12.00 0.49
N TYR A 61 -11.10 -11.48 -0.17
CA TYR A 61 -12.21 -12.31 -0.62
C TYR A 61 -12.44 -12.12 -2.12
N ASN A 62 -12.88 -13.20 -2.78
CA ASN A 62 -13.15 -13.15 -4.21
C ASN A 62 -14.65 -13.32 -4.49
N THR A 63 -15.24 -12.35 -5.17
CA THR A 63 -16.67 -12.39 -5.50
C THR A 63 -16.95 -13.33 -6.66
N GLU A 64 -15.93 -13.58 -7.49
CA GLU A 64 -16.07 -14.45 -8.65
C GLU A 64 -16.59 -15.84 -8.25
N THR A 65 -15.84 -16.54 -7.40
CA THR A 65 -16.23 -17.88 -6.94
C THR A 65 -16.80 -17.83 -5.53
N GLY A 66 -16.22 -17.00 -4.67
CA GLY A 66 -16.70 -16.88 -3.30
C GLY A 66 -15.83 -17.65 -2.32
N GLU A 67 -14.50 -17.49 -2.44
CA GLU A 67 -13.57 -18.17 -1.56
C GLU A 67 -12.66 -17.17 -0.85
N SER A 68 -12.69 -17.18 0.48
CA SER A 68 -11.87 -16.27 1.26
C SER A 68 -10.40 -16.66 1.19
N ARG A 69 -9.51 -15.66 1.30
CA ARG A 69 -8.08 -15.89 1.24
C ARG A 69 -7.35 -15.14 2.36
N TRP A 70 -6.15 -15.61 2.70
CA TRP A 70 -5.36 -14.98 3.76
C TRP A 70 -3.95 -14.62 3.25
N GLU A 71 -3.84 -14.38 1.94
CA GLU A 71 -2.57 -14.02 1.32
C GLU A 71 -2.80 -13.14 0.10
N LYS A 72 -2.01 -12.06 -0.03
CA LYS A 72 -2.14 -11.14 -1.15
C LYS A 72 -1.97 -11.88 -2.48
N PRO A 73 -3.06 -12.04 -3.27
CA PRO A 73 -3.02 -12.72 -4.55
C PRO A 73 -2.44 -11.86 -5.67
N ASP A 74 -1.20 -12.15 -6.06
CA ASP A 74 -0.52 -11.41 -7.12
C ASP A 74 -0.20 -9.97 -6.68
N ASP A 75 0.78 -9.37 -7.35
CA ASP A 75 1.17 -8.00 -7.03
C ASP A 75 1.35 -7.16 -8.30
N ASP A 1 9.32 -6.41 -9.67
CA ASP A 1 8.36 -5.89 -8.66
C ASP A 1 8.59 -4.40 -8.40
N PRO A 2 7.67 -3.54 -8.87
CA PRO A 2 7.77 -2.08 -8.70
C PRO A 2 7.96 -1.69 -7.24
N SER A 3 9.21 -1.51 -6.84
CA SER A 3 9.54 -1.14 -5.46
C SER A 3 10.61 -0.04 -5.44
N LYS A 4 10.42 0.98 -6.28
CA LYS A 4 11.38 2.08 -6.35
C LYS A 4 10.72 3.34 -6.92
N GLY A 5 10.51 4.34 -6.06
CA GLY A 5 9.90 5.58 -6.49
C GLY A 5 10.55 6.81 -5.85
N ARG A 6 10.57 7.92 -6.59
CA ARG A 6 11.16 9.16 -6.09
C ARG A 6 10.23 9.82 -5.07
N TRP A 7 10.34 9.39 -3.82
CA TRP A 7 9.50 9.92 -2.75
C TRP A 7 10.36 10.43 -1.58
N VAL A 8 9.86 11.46 -0.90
CA VAL A 8 10.57 12.05 0.24
C VAL A 8 9.74 11.89 1.52
N GLU A 9 10.38 11.44 2.60
CA GLU A 9 9.69 11.26 3.87
C GLU A 9 9.76 12.51 4.74
N GLY A 10 8.60 12.93 5.24
CA GLY A 10 8.53 14.12 6.08
C GLY A 10 7.64 13.91 7.30
N ILE A 11 7.98 14.58 8.41
CA ILE A 11 7.21 14.48 9.64
C ILE A 11 6.36 15.73 9.87
N THR A 12 5.05 15.54 10.05
CA THR A 12 4.14 16.66 10.27
C THR A 12 3.19 16.38 11.44
N SER A 13 2.70 17.45 12.08
CA SER A 13 1.79 17.33 13.21
C SER A 13 2.43 16.56 14.36
N GLU A 14 1.62 15.81 15.12
CA GLU A 14 2.13 15.02 16.25
C GLU A 14 3.25 14.08 15.82
N GLY A 15 3.21 13.64 14.57
CA GLY A 15 4.22 12.72 14.06
C GLY A 15 3.70 11.87 12.91
N TYR A 16 2.98 12.49 11.99
CA TYR A 16 2.43 11.79 10.83
C TYR A 16 3.40 11.85 9.67
N HIS A 17 3.95 10.70 9.29
CA HIS A 17 4.90 10.64 8.18
C HIS A 17 4.20 10.82 6.84
N TYR A 18 4.55 11.90 6.15
CA TYR A 18 3.97 12.19 4.84
C TYR A 18 5.02 12.03 3.74
N TYR A 19 4.58 11.69 2.54
CA TYR A 19 5.50 11.49 1.43
C TYR A 19 5.13 12.38 0.25
N TYR A 20 6.13 12.79 -0.53
CA TYR A 20 5.92 13.64 -1.69
C TYR A 20 6.66 13.09 -2.91
N ASP A 21 6.01 13.18 -4.07
CA ASP A 21 6.60 12.68 -5.32
C ASP A 21 6.97 13.85 -6.23
N LEU A 22 8.22 13.89 -6.67
CA LEU A 22 8.70 14.95 -7.54
C LEU A 22 8.37 14.67 -9.01
N ILE A 23 8.30 13.39 -9.38
CA ILE A 23 7.99 13.00 -10.75
C ILE A 23 6.68 13.64 -11.22
N SER A 24 5.64 13.52 -10.40
CA SER A 24 4.33 14.08 -10.72
C SER A 24 4.08 15.38 -9.95
N GLY A 25 4.51 15.43 -8.69
CA GLY A 25 4.32 16.61 -7.88
C GLY A 25 3.07 16.53 -7.02
N ALA A 26 2.86 15.38 -6.39
CA ALA A 26 1.68 15.18 -5.54
C ALA A 26 2.08 14.67 -4.16
N SER A 27 1.47 15.25 -3.12
CA SER A 27 1.74 14.85 -1.75
C SER A 27 0.87 13.65 -1.33
N GLN A 28 1.41 12.80 -0.47
CA GLN A 28 0.70 11.62 0.00
C GLN A 28 0.82 11.47 1.52
N TRP A 29 0.02 10.58 2.10
CA TRP A 29 0.04 10.34 3.55
C TRP A 29 0.21 8.86 3.88
N GLU A 30 0.49 8.04 2.86
CA GLU A 30 0.70 6.61 3.04
C GLU A 30 1.97 6.15 2.33
N LYS A 31 2.74 5.29 2.98
CA LYS A 31 3.98 4.79 2.41
C LYS A 31 3.73 4.01 1.12
N PRO A 32 4.52 4.31 0.06
CA PRO A 32 4.38 3.63 -1.24
C PRO A 32 4.91 2.20 -1.20
N GLU A 33 4.88 1.53 -2.35
CA GLU A 33 5.38 0.16 -2.44
C GLU A 33 6.91 0.15 -2.43
N GLY A 34 7.49 -0.30 -1.32
CA GLY A 34 8.93 -0.35 -1.19
C GLY A 34 9.52 0.88 -0.52
N PHE A 35 9.75 1.93 -1.31
CA PHE A 35 10.31 3.18 -0.78
C PHE A 35 11.78 2.99 -0.38
N GLN A 36 12.52 4.09 -0.26
CA GLN A 36 13.93 4.04 0.12
C GLN A 36 14.10 3.54 1.54
N GLY A 37 14.19 2.22 1.70
CA GLY A 37 14.35 1.61 3.01
C GLY A 37 14.38 0.09 2.93
N ASP A 38 15.47 -0.51 3.42
CA ASP A 38 15.61 -1.96 3.41
C ASP A 38 14.81 -2.62 4.53
N LEU A 39 13.60 -3.07 4.19
CA LEU A 39 12.71 -3.71 5.16
C LEU A 39 13.20 -5.11 5.54
N LYS A 40 12.53 -5.73 6.51
CA LYS A 40 12.89 -7.08 6.97
C LYS A 40 11.86 -8.12 6.49
N LYS A 41 12.17 -9.40 6.73
CA LYS A 41 11.29 -10.51 6.33
C LYS A 41 11.27 -10.66 4.80
N THR A 42 12.14 -11.52 4.28
CA THR A 42 12.22 -11.76 2.83
C THR A 42 10.91 -12.36 2.30
N ALA A 43 10.26 -13.18 3.11
CA ALA A 43 9.00 -13.80 2.72
C ALA A 43 7.81 -12.92 3.10
N VAL A 44 6.94 -12.64 2.12
CA VAL A 44 5.76 -11.81 2.36
C VAL A 44 4.50 -12.66 2.53
N LYS A 45 3.60 -12.22 3.41
CA LYS A 45 2.35 -12.95 3.67
C LYS A 45 1.27 -12.58 2.64
N THR A 46 0.37 -13.53 2.39
CA THR A 46 -0.71 -13.31 1.43
C THR A 46 -1.85 -14.33 1.61
N VAL A 47 -2.88 -13.92 2.34
CA VAL A 47 -4.03 -14.79 2.60
C VAL A 47 -5.32 -14.16 2.04
N TRP A 48 -5.20 -13.41 0.95
CA TRP A 48 -6.34 -12.75 0.32
C TRP A 48 -6.32 -12.96 -1.19
N VAL A 49 -7.49 -13.12 -1.78
CA VAL A 49 -7.62 -13.32 -3.23
C VAL A 49 -8.15 -12.05 -3.90
N GLU A 50 -7.50 -11.62 -4.98
CA GLU A 50 -7.92 -10.41 -5.69
C GLU A 50 -8.93 -10.75 -6.79
N GLY A 51 -10.11 -10.14 -6.70
CA GLY A 51 -11.15 -10.36 -7.69
C GLY A 51 -11.53 -9.09 -8.42
N LEU A 52 -12.01 -9.23 -9.65
CA LEU A 52 -12.42 -8.07 -10.44
C LEU A 52 -13.94 -8.03 -10.61
N SER A 53 -14.51 -6.86 -10.31
CA SER A 53 -15.96 -6.67 -10.42
C SER A 53 -16.29 -5.73 -11.58
N GLU A 54 -17.48 -5.91 -12.16
CA GLU A 54 -17.93 -5.09 -13.29
C GLU A 54 -17.66 -3.61 -13.04
N ASP A 55 -17.48 -2.86 -14.14
CA ASP A 55 -17.18 -1.42 -14.08
C ASP A 55 -15.69 -1.17 -13.84
N GLY A 56 -15.16 -1.78 -12.78
CA GLY A 56 -13.75 -1.62 -12.45
C GLY A 56 -13.51 -1.52 -10.96
N PHE A 57 -13.97 -2.52 -10.21
CA PHE A 57 -13.81 -2.55 -8.76
C PHE A 57 -13.09 -3.82 -8.33
N THR A 58 -12.05 -3.67 -7.52
CA THR A 58 -11.28 -4.82 -7.03
C THR A 58 -11.71 -5.21 -5.62
N TYR A 59 -12.18 -6.46 -5.48
CA TYR A 59 -12.62 -6.98 -4.19
C TYR A 59 -11.68 -8.08 -3.70
N TYR A 60 -11.50 -8.16 -2.38
CA TYR A 60 -10.61 -9.16 -1.79
C TYR A 60 -11.38 -10.07 -0.82
N TYR A 61 -11.03 -11.35 -0.83
CA TYR A 61 -11.69 -12.33 0.03
C TYR A 61 -10.68 -13.06 0.92
N ASN A 62 -11.13 -13.51 2.08
CA ASN A 62 -10.27 -14.23 3.03
C ASN A 62 -10.72 -15.69 3.13
N THR A 63 -9.80 -16.60 2.85
CA THR A 63 -10.10 -18.03 2.91
C THR A 63 -10.09 -18.55 4.35
N GLU A 64 -9.36 -17.87 5.21
CA GLU A 64 -9.25 -18.25 6.62
C GLU A 64 -10.62 -18.25 7.30
N THR A 65 -11.25 -17.09 7.38
CA THR A 65 -12.57 -16.97 8.01
C THR A 65 -13.69 -17.14 7.00
N GLY A 66 -13.52 -16.58 5.80
CA GLY A 66 -14.54 -16.68 4.77
C GLY A 66 -15.44 -15.46 4.70
N GLU A 67 -14.84 -14.28 4.52
CA GLU A 67 -15.59 -13.04 4.44
C GLU A 67 -15.07 -12.16 3.30
N SER A 68 -15.99 -11.54 2.57
CA SER A 68 -15.63 -10.67 1.45
C SER A 68 -15.20 -9.29 1.95
N ARG A 69 -14.26 -8.67 1.25
CA ARG A 69 -13.75 -7.35 1.62
C ARG A 69 -13.63 -6.45 0.39
N TRP A 70 -13.80 -5.15 0.59
CA TRP A 70 -13.70 -4.17 -0.49
C TRP A 70 -12.72 -3.06 -0.15
N GLU A 71 -11.72 -3.39 0.68
CA GLU A 71 -10.70 -2.42 1.10
C GLU A 71 -9.35 -3.11 1.27
N LYS A 72 -8.33 -2.61 0.56
CA LYS A 72 -6.99 -3.19 0.64
C LYS A 72 -6.41 -3.02 2.05
N PRO A 73 -6.05 -4.15 2.70
CA PRO A 73 -5.49 -4.13 4.06
C PRO A 73 -4.28 -3.20 4.19
N ASP A 74 -4.49 -2.05 4.84
CA ASP A 74 -3.41 -1.07 5.03
C ASP A 74 -3.33 -0.64 6.49
N ASP A 75 -2.26 -1.05 7.16
CA ASP A 75 -2.06 -0.72 8.57
C ASP A 75 -0.78 0.10 8.76
N ASP A 1 -0.71 21.23 0.06
CA ASP A 1 -1.91 21.20 -0.82
C ASP A 1 -1.63 20.50 -2.16
N PRO A 2 -0.71 21.04 -2.98
CA PRO A 2 -0.35 20.44 -4.27
C PRO A 2 0.54 19.20 -4.14
N SER A 3 0.93 18.63 -5.28
CA SER A 3 1.78 17.45 -5.30
C SER A 3 2.85 17.55 -6.39
N LYS A 4 4.12 17.64 -5.97
CA LYS A 4 5.23 17.74 -6.91
C LYS A 4 6.46 17.00 -6.36
N GLY A 5 6.63 15.75 -6.77
CA GLY A 5 7.76 14.96 -6.30
C GLY A 5 7.82 13.59 -6.96
N ARG A 6 8.95 12.90 -6.76
CA ARG A 6 9.14 11.56 -7.34
C ARG A 6 9.73 10.62 -6.30
N TRP A 7 8.89 9.80 -5.69
CA TRP A 7 9.33 8.85 -4.67
C TRP A 7 8.87 7.42 -5.02
N VAL A 8 9.74 6.46 -4.75
CA VAL A 8 9.44 5.05 -5.02
C VAL A 8 9.36 4.25 -3.72
N GLU A 9 8.32 3.42 -3.59
CA GLU A 9 8.14 2.60 -2.39
C GLU A 9 8.82 1.25 -2.53
N GLY A 10 9.59 0.88 -1.51
CA GLY A 10 10.30 -0.38 -1.50
C GLY A 10 10.19 -1.12 -0.17
N ILE A 11 10.20 -2.45 -0.23
CA ILE A 11 10.10 -3.28 0.96
C ILE A 11 11.48 -3.74 1.43
N THR A 12 11.81 -3.47 2.69
CA THR A 12 13.10 -3.88 3.26
C THR A 12 12.92 -4.55 4.62
N SER A 13 13.88 -5.39 5.00
CA SER A 13 13.84 -6.09 6.28
C SER A 13 12.57 -6.94 6.38
N GLU A 14 12.04 -7.09 7.60
CA GLU A 14 10.84 -7.89 7.82
C GLU A 14 9.63 -7.32 7.08
N GLY A 15 9.68 -6.01 6.78
CA GLY A 15 8.58 -5.37 6.08
C GLY A 15 8.53 -3.88 6.31
N TYR A 16 9.70 -3.24 6.27
CA TYR A 16 9.79 -1.79 6.46
C TYR A 16 9.75 -1.08 5.12
N HIS A 17 8.68 -0.35 4.87
CA HIS A 17 8.53 0.38 3.61
C HIS A 17 9.43 1.60 3.59
N TYR A 18 10.37 1.60 2.67
CA TYR A 18 11.31 2.72 2.50
C TYR A 18 11.04 3.46 1.20
N TYR A 19 11.35 4.75 1.18
CA TYR A 19 11.13 5.56 -0.01
C TYR A 19 12.42 6.23 -0.45
N TYR A 20 12.55 6.45 -1.76
CA TYR A 20 13.74 7.07 -2.33
C TYR A 20 13.36 8.15 -3.34
N ASP A 21 14.19 9.18 -3.43
CA ASP A 21 13.94 10.29 -4.35
C ASP A 21 14.96 10.28 -5.49
N LEU A 22 14.46 10.20 -6.73
CA LEU A 22 15.34 10.16 -7.91
C LEU A 22 15.74 11.57 -8.36
N ILE A 23 14.93 12.57 -8.02
CA ILE A 23 15.21 13.95 -8.40
C ILE A 23 16.58 14.40 -7.88
N SER A 24 16.79 14.21 -6.58
CA SER A 24 18.05 14.60 -5.95
C SER A 24 18.94 13.37 -5.69
N GLY A 25 18.32 12.29 -5.23
CA GLY A 25 19.06 11.07 -4.95
C GLY A 25 19.31 10.87 -3.47
N ALA A 26 18.23 10.92 -2.68
CA ALA A 26 18.33 10.74 -1.23
C ALA A 26 17.27 9.78 -0.72
N SER A 27 17.70 8.77 0.04
CA SER A 27 16.79 7.77 0.60
C SER A 27 16.03 8.34 1.80
N GLN A 28 14.79 7.92 1.96
CA GLN A 28 13.93 8.37 3.06
C GLN A 28 13.24 7.20 3.75
N TRP A 29 12.63 7.46 4.90
CA TRP A 29 11.93 6.43 5.66
C TRP A 29 10.51 6.88 5.99
N GLU A 30 10.36 8.12 6.49
CA GLU A 30 9.06 8.66 6.84
C GLU A 30 8.33 9.13 5.58
N LYS A 31 7.07 8.70 5.44
CA LYS A 31 6.26 9.07 4.27
C LYS A 31 5.86 10.55 4.33
N PRO A 32 6.00 11.28 3.21
CA PRO A 32 5.64 12.72 3.15
C PRO A 32 4.13 12.95 3.16
N GLU A 33 3.72 14.21 3.04
CA GLU A 33 2.30 14.57 3.02
C GLU A 33 1.77 14.66 1.59
N GLY A 34 2.32 13.84 0.69
CA GLY A 34 1.88 13.85 -0.69
C GLY A 34 2.28 12.60 -1.45
N PHE A 35 2.32 11.45 -0.75
CA PHE A 35 2.69 10.19 -1.37
C PHE A 35 1.48 9.25 -1.44
N GLN A 36 0.76 9.12 -0.32
CA GLN A 36 -0.42 8.26 -0.25
C GLN A 36 -1.25 8.58 0.99
N GLY A 37 -2.36 7.86 1.16
CA GLY A 37 -3.22 8.08 2.32
C GLY A 37 -4.66 7.69 2.07
N ASP A 38 -5.38 7.35 3.15
CA ASP A 38 -6.79 6.97 3.05
C ASP A 38 -7.48 7.02 4.41
N LEU A 39 -8.68 7.60 4.45
CA LEU A 39 -9.45 7.71 5.68
C LEU A 39 -10.85 7.10 5.52
N LYS A 40 -11.49 6.79 6.65
CA LYS A 40 -12.83 6.21 6.64
C LYS A 40 -13.84 7.12 7.33
N LYS A 41 -15.07 7.17 6.80
CA LYS A 41 -16.12 8.01 7.37
C LYS A 41 -16.84 7.30 8.51
N THR A 42 -16.21 7.32 9.70
CA THR A 42 -16.76 6.69 10.90
C THR A 42 -16.81 5.17 10.75
N ALA A 43 -17.78 4.66 10.00
CA ALA A 43 -17.93 3.23 9.79
C ALA A 43 -17.07 2.76 8.61
N VAL A 44 -16.18 1.81 8.86
CA VAL A 44 -15.29 1.30 7.83
C VAL A 44 -16.03 0.31 6.91
N LYS A 45 -15.97 0.56 5.61
CA LYS A 45 -16.63 -0.31 4.63
C LYS A 45 -15.60 -1.17 3.90
N THR A 46 -15.67 -2.49 4.14
CA THR A 46 -14.74 -3.43 3.51
C THR A 46 -15.28 -3.92 2.17
N VAL A 47 -14.50 -3.70 1.12
CA VAL A 47 -14.88 -4.11 -0.24
C VAL A 47 -13.96 -5.21 -0.77
N TRP A 48 -13.29 -5.93 0.12
CA TRP A 48 -12.38 -7.01 -0.27
C TRP A 48 -12.85 -8.34 0.31
N VAL A 49 -12.67 -9.41 -0.47
CA VAL A 49 -13.05 -10.76 -0.05
C VAL A 49 -11.83 -11.59 0.32
N GLU A 50 -11.93 -12.32 1.43
CA GLU A 50 -10.82 -13.17 1.89
C GLU A 50 -10.94 -14.58 1.32
N GLY A 51 -9.90 -15.00 0.59
CA GLY A 51 -9.89 -16.33 0.01
C GLY A 51 -8.75 -17.18 0.53
N LEU A 52 -8.93 -18.50 0.52
CA LEU A 52 -7.90 -19.42 1.00
C LEU A 52 -7.30 -20.24 -0.15
N SER A 53 -5.99 -20.46 -0.09
CA SER A 53 -5.28 -21.23 -1.09
C SER A 53 -4.53 -22.40 -0.45
N GLU A 54 -4.33 -23.47 -1.23
CA GLU A 54 -3.63 -24.67 -0.74
C GLU A 54 -2.39 -24.31 0.05
N ASP A 55 -1.96 -25.23 0.92
CA ASP A 55 -0.78 -25.04 1.77
C ASP A 55 -1.09 -24.10 2.93
N GLY A 56 -1.59 -22.90 2.61
CA GLY A 56 -1.92 -21.94 3.63
C GLY A 56 -1.62 -20.52 3.20
N PHE A 57 -2.17 -20.11 2.05
CA PHE A 57 -1.95 -18.77 1.53
C PHE A 57 -3.27 -18.03 1.38
N THR A 58 -3.41 -16.91 2.11
CA THR A 58 -4.63 -16.11 2.05
C THR A 58 -4.57 -15.09 0.93
N TYR A 59 -5.51 -15.17 0.00
CA TYR A 59 -5.57 -14.25 -1.13
C TYR A 59 -6.81 -13.34 -1.03
N TYR A 60 -6.69 -12.11 -1.48
CA TYR A 60 -7.80 -11.15 -1.43
C TYR A 60 -8.16 -10.66 -2.83
N TYR A 61 -9.47 -10.49 -3.07
CA TYR A 61 -9.96 -10.03 -4.37
C TYR A 61 -10.93 -8.87 -4.22
N ASN A 62 -10.98 -8.00 -5.25
CA ASN A 62 -11.87 -6.84 -5.23
C ASN A 62 -12.93 -6.97 -6.32
N THR A 63 -14.19 -6.69 -5.94
CA THR A 63 -15.31 -6.77 -6.88
C THR A 63 -15.42 -5.49 -7.73
N GLU A 64 -14.93 -4.37 -7.18
CA GLU A 64 -15.00 -3.08 -7.89
C GLU A 64 -14.19 -3.13 -9.19
N THR A 65 -12.86 -3.26 -9.07
CA THR A 65 -12.00 -3.30 -10.25
C THR A 65 -11.91 -4.73 -10.81
N GLY A 66 -11.93 -5.72 -9.94
CA GLY A 66 -11.86 -7.10 -10.37
C GLY A 66 -10.42 -7.59 -10.51
N GLU A 67 -9.62 -7.37 -9.47
CA GLU A 67 -8.21 -7.79 -9.48
C GLU A 67 -7.87 -8.58 -8.22
N SER A 68 -7.12 -9.66 -8.40
CA SER A 68 -6.71 -10.51 -7.28
C SER A 68 -5.43 -9.97 -6.64
N ARG A 69 -5.31 -10.13 -5.33
CA ARG A 69 -4.15 -9.66 -4.58
C ARG A 69 -3.65 -10.72 -3.60
N TRP A 70 -2.37 -10.64 -3.25
CA TRP A 70 -1.77 -11.59 -2.31
C TRP A 70 -1.08 -10.86 -1.16
N GLU A 71 -1.60 -9.67 -0.81
CA GLU A 71 -1.06 -8.86 0.28
C GLU A 71 -2.16 -8.07 0.96
N LYS A 72 -2.24 -8.17 2.29
CA LYS A 72 -3.26 -7.46 3.06
C LYS A 72 -3.06 -5.94 2.98
N PRO A 73 -4.11 -5.20 2.58
CA PRO A 73 -4.04 -3.73 2.47
C PRO A 73 -3.97 -3.05 3.84
N ASP A 74 -3.94 -1.71 3.85
CA ASP A 74 -3.86 -0.94 5.09
C ASP A 74 -2.46 -0.98 5.68
N ASP A 75 -2.14 0.00 6.53
CA ASP A 75 -0.83 0.08 7.15
C ASP A 75 -0.74 -0.81 8.40
N ASP A 1 -4.25 4.51 -7.82
CA ASP A 1 -4.25 3.54 -6.71
C ASP A 1 -3.04 3.73 -5.79
N PRO A 2 -3.18 4.56 -4.73
CA PRO A 2 -2.09 4.85 -3.78
C PRO A 2 -1.48 3.56 -3.19
N SER A 3 -0.16 3.43 -3.32
CA SER A 3 0.55 2.26 -2.80
C SER A 3 1.30 2.58 -1.51
N LYS A 4 1.92 1.56 -0.91
CA LYS A 4 2.66 1.73 0.34
C LYS A 4 3.90 0.83 0.38
N GLY A 5 4.94 1.21 -0.35
CA GLY A 5 6.16 0.42 -0.38
C GLY A 5 7.33 1.15 -1.02
N ARG A 6 7.46 1.03 -2.35
CA ARG A 6 8.53 1.67 -3.09
C ARG A 6 8.38 3.20 -3.08
N TRP A 7 9.01 3.85 -2.10
CA TRP A 7 8.95 5.30 -1.98
C TRP A 7 10.36 5.89 -1.87
N VAL A 8 10.53 7.12 -2.39
CA VAL A 8 11.82 7.80 -2.34
C VAL A 8 11.71 9.11 -1.57
N GLU A 9 12.61 9.31 -0.60
CA GLU A 9 12.60 10.52 0.22
C GLU A 9 13.48 11.61 -0.40
N GLY A 10 12.92 12.81 -0.48
CA GLY A 10 13.67 13.93 -1.03
C GLY A 10 13.51 15.20 -0.19
N ILE A 11 14.56 16.01 -0.16
CA ILE A 11 14.54 17.26 0.61
C ILE A 11 14.28 18.45 -0.31
N THR A 12 13.23 19.23 0.00
CA THR A 12 12.88 20.40 -0.80
C THR A 12 12.61 21.62 0.10
N SER A 13 12.77 22.81 -0.47
CA SER A 13 12.55 24.05 0.28
C SER A 13 13.44 24.10 1.51
N GLU A 14 12.97 24.74 2.59
CA GLU A 14 13.74 24.85 3.82
C GLU A 14 13.99 23.49 4.45
N GLY A 15 13.16 22.50 4.10
CA GLY A 15 13.32 21.16 4.65
C GLY A 15 12.02 20.37 4.61
N TYR A 16 11.32 20.44 3.48
CA TYR A 16 10.06 19.72 3.31
C TYR A 16 10.32 18.37 2.67
N HIS A 17 10.24 17.31 3.47
CA HIS A 17 10.49 15.96 2.97
C HIS A 17 9.33 15.48 2.10
N TYR A 18 9.63 15.24 0.83
CA TYR A 18 8.64 14.77 -0.13
C TYR A 18 8.92 13.33 -0.53
N TYR A 19 7.87 12.59 -0.89
CA TYR A 19 8.02 11.19 -1.28
C TYR A 19 7.43 10.95 -2.67
N TYR A 20 8.01 9.99 -3.38
CA TYR A 20 7.55 9.65 -4.73
C TYR A 20 7.38 8.14 -4.88
N ASP A 21 6.34 7.73 -5.61
CA ASP A 21 6.06 6.32 -5.86
C ASP A 21 6.34 5.97 -7.31
N LEU A 22 7.20 4.97 -7.51
CA LEU A 22 7.55 4.51 -8.86
C LEU A 22 6.53 3.51 -9.40
N ILE A 23 5.86 2.80 -8.48
CA ILE A 23 4.85 1.81 -8.87
C ILE A 23 3.69 2.48 -9.60
N SER A 24 3.22 3.60 -9.06
CA SER A 24 2.12 4.34 -9.66
C SER A 24 2.63 5.54 -10.47
N GLY A 25 3.70 6.18 -9.99
CA GLY A 25 4.26 7.33 -10.69
C GLY A 25 3.64 8.64 -10.23
N ALA A 26 3.82 8.96 -8.95
CA ALA A 26 3.26 10.19 -8.38
C ALA A 26 4.02 10.64 -7.12
N SER A 27 3.93 11.94 -6.82
CA SER A 27 4.60 12.51 -5.65
C SER A 27 3.59 12.71 -4.50
N GLN A 28 4.11 12.65 -3.27
CA GLN A 28 3.28 12.81 -2.08
C GLN A 28 3.93 13.78 -1.08
N TRP A 29 3.16 14.20 -0.07
CA TRP A 29 3.67 15.11 0.96
C TRP A 29 3.42 14.56 2.37
N GLU A 30 2.94 13.32 2.46
CA GLU A 30 2.67 12.69 3.75
C GLU A 30 3.33 11.31 3.82
N LYS A 31 4.04 11.05 4.92
CA LYS A 31 4.72 9.77 5.10
C LYS A 31 3.72 8.65 5.40
N PRO A 32 3.76 7.55 4.63
CA PRO A 32 2.84 6.41 4.81
C PRO A 32 3.01 5.76 6.18
N GLU A 33 2.29 4.64 6.39
CA GLU A 33 2.36 3.91 7.64
C GLU A 33 3.49 2.87 7.64
N GLY A 34 4.61 3.21 7.00
CA GLY A 34 5.74 2.30 6.94
C GLY A 34 6.71 2.62 5.82
N PHE A 35 7.45 3.71 5.97
CA PHE A 35 8.42 4.12 4.95
C PHE A 35 9.78 3.48 5.20
N GLN A 36 10.48 3.93 6.24
CA GLN A 36 11.79 3.39 6.59
C GLN A 36 12.04 3.48 8.10
N GLY A 37 10.99 3.22 8.88
CA GLY A 37 11.10 3.26 10.33
C GLY A 37 11.65 1.97 10.90
N ASP A 38 12.97 1.91 11.07
CA ASP A 38 13.62 0.71 11.61
C ASP A 38 13.57 0.70 13.14
N LEU A 39 12.46 0.24 13.69
CA LEU A 39 12.29 0.17 15.15
C LEU A 39 11.32 -0.95 15.54
N LYS A 40 11.70 -2.20 15.25
CA LYS A 40 10.87 -3.36 15.57
C LYS A 40 9.50 -3.30 14.88
N LYS A 41 9.43 -3.84 13.66
CA LYS A 41 8.19 -3.84 12.89
C LYS A 41 8.00 -5.16 12.14
N THR A 42 7.21 -6.07 12.73
CA THR A 42 6.93 -7.37 12.11
C THR A 42 5.52 -7.40 11.51
N ALA A 43 4.99 -6.23 11.19
CA ALA A 43 3.66 -6.11 10.60
C ALA A 43 3.73 -6.09 9.08
N VAL A 44 2.79 -6.78 8.43
CA VAL A 44 2.73 -6.85 6.98
C VAL A 44 1.75 -5.82 6.41
N LYS A 45 2.08 -5.28 5.23
CA LYS A 45 1.23 -4.28 4.58
C LYS A 45 0.31 -4.93 3.53
N THR A 46 -0.17 -6.14 3.82
CA THR A 46 -1.06 -6.86 2.90
C THR A 46 -2.20 -7.52 3.66
N VAL A 47 -3.27 -6.77 3.90
CA VAL A 47 -4.44 -7.27 4.63
C VAL A 47 -5.34 -8.09 3.72
N TRP A 48 -5.37 -7.75 2.43
CA TRP A 48 -6.19 -8.45 1.46
C TRP A 48 -5.49 -9.71 0.96
N VAL A 49 -6.25 -10.79 0.82
CA VAL A 49 -5.72 -12.07 0.36
C VAL A 49 -6.32 -12.46 -0.99
N GLU A 50 -5.46 -12.91 -1.92
CA GLU A 50 -5.92 -13.31 -3.24
C GLU A 50 -6.20 -14.82 -3.29
N GLY A 51 -7.44 -15.17 -3.66
CA GLY A 51 -7.84 -16.56 -3.74
C GLY A 51 -8.26 -16.97 -5.14
N LEU A 52 -8.21 -18.28 -5.42
CA LEU A 52 -8.59 -18.79 -6.73
C LEU A 52 -9.94 -19.52 -6.67
N SER A 53 -10.78 -19.28 -7.66
CA SER A 53 -12.10 -19.90 -7.74
C SER A 53 -12.30 -20.60 -9.08
N GLU A 54 -13.14 -21.64 -9.09
CA GLU A 54 -13.42 -22.40 -10.32
C GLU A 54 -13.70 -21.47 -11.50
N ASP A 55 -13.41 -21.98 -12.70
CA ASP A 55 -13.61 -21.22 -13.94
C ASP A 55 -12.66 -20.03 -14.06
N GLY A 56 -11.64 -19.98 -13.18
CA GLY A 56 -10.67 -18.89 -13.23
C GLY A 56 -11.23 -17.56 -12.75
N PHE A 57 -11.58 -17.50 -11.46
CA PHE A 57 -12.12 -16.28 -10.87
C PHE A 57 -11.35 -15.91 -9.61
N THR A 58 -10.53 -14.87 -9.70
CA THR A 58 -9.73 -14.42 -8.55
C THR A 58 -10.59 -13.60 -7.59
N TYR A 59 -10.69 -14.08 -6.35
CA TYR A 59 -11.46 -13.40 -5.31
C TYR A 59 -10.55 -12.84 -4.21
N TYR A 60 -10.92 -11.70 -3.65
CA TYR A 60 -10.13 -11.07 -2.60
C TYR A 60 -10.94 -10.92 -1.32
N TYR A 61 -10.28 -11.14 -0.17
CA TYR A 61 -10.95 -11.04 1.12
C TYR A 61 -10.16 -10.12 2.06
N ASN A 62 -10.87 -9.51 3.01
CA ASN A 62 -10.25 -8.60 3.97
C ASN A 62 -10.30 -9.17 5.39
N THR A 63 -9.17 -9.10 6.10
CA THR A 63 -9.09 -9.60 7.47
C THR A 63 -9.47 -8.54 8.49
N GLU A 64 -9.22 -7.26 8.15
CA GLU A 64 -9.53 -6.15 9.05
C GLU A 64 -11.04 -6.12 9.39
N THR A 65 -11.87 -5.97 8.36
CA THR A 65 -13.33 -5.93 8.55
C THR A 65 -13.94 -7.33 8.43
N GLY A 66 -13.39 -8.15 7.53
CA GLY A 66 -13.90 -9.50 7.34
C GLY A 66 -14.97 -9.58 6.27
N GLU A 67 -14.67 -9.01 5.10
CA GLU A 67 -15.63 -9.01 3.98
C GLU A 67 -14.96 -9.49 2.70
N SER A 68 -15.65 -10.35 1.97
CA SER A 68 -15.14 -10.89 0.71
C SER A 68 -15.51 -9.96 -0.46
N ARG A 69 -14.60 -9.86 -1.44
CA ARG A 69 -14.82 -9.01 -2.61
C ARG A 69 -14.43 -9.75 -3.89
N TRP A 70 -15.19 -9.50 -4.96
CA TRP A 70 -14.93 -10.14 -6.25
C TRP A 70 -14.78 -9.09 -7.37
N GLU A 71 -14.51 -7.84 -6.98
CA GLU A 71 -14.33 -6.75 -7.96
C GLU A 71 -13.16 -5.84 -7.60
N LYS A 72 -12.28 -6.32 -6.73
CA LYS A 72 -11.10 -5.57 -6.29
C LYS A 72 -11.50 -4.40 -5.37
N PRO A 73 -10.75 -4.18 -4.27
CA PRO A 73 -11.04 -3.08 -3.33
C PRO A 73 -10.73 -1.70 -3.91
N ASP A 74 -11.46 -0.69 -3.45
CA ASP A 74 -11.28 0.67 -3.92
C ASP A 74 -11.06 1.65 -2.76
N ASP A 75 -10.63 2.86 -3.08
CA ASP A 75 -10.38 3.89 -2.07
C ASP A 75 -11.12 5.18 -2.41
N ASP A 1 20.26 -6.00 -6.57
CA ASP A 1 20.18 -4.70 -5.84
C ASP A 1 18.75 -4.16 -5.81
N PRO A 2 18.00 -4.46 -4.72
CA PRO A 2 16.61 -4.01 -4.56
C PRO A 2 16.45 -2.50 -4.74
N SER A 3 15.67 -2.11 -5.74
CA SER A 3 15.42 -0.70 -6.01
C SER A 3 14.32 -0.15 -5.10
N LYS A 4 14.70 0.19 -3.87
CA LYS A 4 13.75 0.72 -2.90
C LYS A 4 14.12 2.14 -2.49
N GLY A 5 13.27 3.10 -2.86
CA GLY A 5 13.53 4.49 -2.54
C GLY A 5 13.31 4.80 -1.06
N ARG A 6 13.80 5.97 -0.64
CA ARG A 6 13.66 6.38 0.76
C ARG A 6 12.57 7.46 0.89
N TRP A 7 11.32 7.02 0.88
CA TRP A 7 10.18 7.92 1.00
C TRP A 7 9.50 7.75 2.36
N VAL A 8 9.06 8.87 2.93
CA VAL A 8 8.39 8.86 4.23
C VAL A 8 6.93 9.29 4.10
N GLU A 9 6.03 8.56 4.76
CA GLU A 9 4.61 8.87 4.72
C GLU A 9 4.23 9.83 5.84
N GLY A 10 3.52 10.90 5.47
CA GLY A 10 3.11 11.89 6.45
C GLY A 10 1.64 12.28 6.31
N ILE A 11 1.01 12.62 7.43
CA ILE A 11 -0.40 13.02 7.42
C ILE A 11 -0.53 14.54 7.42
N THR A 12 -1.53 15.03 6.69
CA THR A 12 -1.78 16.47 6.60
C THR A 12 -3.23 16.80 6.99
N SER A 13 -3.46 18.07 7.30
CA SER A 13 -4.80 18.54 7.71
C SER A 13 -5.88 17.98 6.79
N GLU A 14 -7.09 17.81 7.36
CA GLU A 14 -8.23 17.28 6.61
C GLU A 14 -8.18 15.75 6.53
N GLY A 15 -7.09 15.22 6.00
CA GLY A 15 -6.93 13.78 5.86
C GLY A 15 -6.27 13.37 4.57
N TYR A 16 -5.14 14.01 4.26
CA TYR A 16 -4.39 13.71 3.05
C TYR A 16 -3.05 13.09 3.38
N HIS A 17 -2.56 12.21 2.50
CA HIS A 17 -1.28 11.55 2.71
C HIS A 17 -0.22 12.08 1.75
N TYR A 18 0.81 12.69 2.30
CA TYR A 18 1.90 13.25 1.51
C TYR A 18 3.19 12.47 1.72
N TYR A 19 4.05 12.45 0.70
CA TYR A 19 5.32 11.75 0.77
C TYR A 19 6.49 12.69 0.48
N TYR A 20 7.64 12.41 1.08
CA TYR A 20 8.83 13.24 0.89
C TYR A 20 10.07 12.39 0.66
N ASP A 21 11.00 12.92 -0.14
CA ASP A 21 12.24 12.22 -0.45
C ASP A 21 13.44 12.96 0.13
N LEU A 22 14.21 12.26 0.97
CA LEU A 22 15.39 12.86 1.60
C LEU A 22 16.60 12.79 0.68
N ILE A 23 16.62 11.81 -0.22
CA ILE A 23 17.73 11.64 -1.16
C ILE A 23 17.91 12.89 -2.02
N SER A 24 16.81 13.35 -2.63
CA SER A 24 16.85 14.54 -3.47
C SER A 24 16.37 15.78 -2.71
N GLY A 25 15.21 15.66 -2.05
CA GLY A 25 14.67 16.77 -1.29
C GLY A 25 13.47 17.41 -1.98
N ALA A 26 12.45 16.59 -2.28
CA ALA A 26 11.25 17.08 -2.94
C ALA A 26 10.00 16.47 -2.33
N SER A 27 8.94 17.28 -2.23
CA SER A 27 7.67 16.82 -1.66
C SER A 27 6.77 16.23 -2.74
N GLN A 28 6.24 15.04 -2.48
CA GLN A 28 5.37 14.35 -3.42
C GLN A 28 4.02 14.01 -2.76
N TRP A 29 3.07 13.59 -3.58
CA TRP A 29 1.74 13.24 -3.08
C TRP A 29 1.34 11.84 -3.55
N GLU A 30 1.55 11.56 -4.85
CA GLU A 30 1.23 10.26 -5.42
C GLU A 30 2.21 9.20 -4.92
N LYS A 31 1.70 8.04 -4.56
CA LYS A 31 2.53 6.94 -4.06
C LYS A 31 3.46 6.43 -5.17
N PRO A 32 4.80 6.52 -4.96
CA PRO A 32 5.80 6.08 -5.94
C PRO A 32 5.62 4.61 -6.36
N GLU A 33 6.36 4.18 -7.37
CA GLU A 33 6.28 2.81 -7.86
C GLU A 33 6.85 1.84 -6.82
N GLY A 34 6.00 1.44 -5.86
CA GLY A 34 6.42 0.52 -4.83
C GLY A 34 6.25 1.10 -3.44
N PHE A 35 7.18 1.96 -3.02
CA PHE A 35 7.15 2.59 -1.70
C PHE A 35 7.38 1.55 -0.60
N GLN A 36 6.37 0.73 -0.31
CA GLN A 36 6.47 -0.31 0.72
C GLN A 36 5.49 -1.45 0.43
N GLY A 37 6.02 -2.54 -0.12
CA GLY A 37 5.18 -3.69 -0.45
C GLY A 37 5.86 -5.01 -0.14
N ASP A 38 5.36 -6.08 -0.77
CA ASP A 38 5.92 -7.42 -0.56
C ASP A 38 6.88 -7.80 -1.68
N LEU A 39 7.58 -8.91 -1.50
CA LEU A 39 8.53 -9.40 -2.51
C LEU A 39 7.89 -10.45 -3.41
N LYS A 40 6.58 -10.31 -3.66
CA LYS A 40 5.85 -11.25 -4.51
C LYS A 40 5.84 -10.77 -5.96
N LYS A 41 5.92 -11.73 -6.90
CA LYS A 41 5.91 -11.40 -8.32
C LYS A 41 4.92 -12.29 -9.08
N THR A 42 3.81 -12.62 -8.43
CA THR A 42 2.77 -13.46 -9.05
C THR A 42 1.50 -12.66 -9.30
N ALA A 43 0.94 -12.82 -10.50
CA ALA A 43 -0.29 -12.10 -10.88
C ALA A 43 -0.07 -10.59 -10.91
N VAL A 44 -1.15 -9.84 -11.14
CA VAL A 44 -1.09 -8.38 -11.18
C VAL A 44 -1.84 -7.76 -10.00
N LYS A 45 -1.45 -6.53 -9.64
CA LYS A 45 -2.08 -5.82 -8.52
C LYS A 45 -3.60 -5.74 -8.69
N THR A 46 -4.33 -6.46 -7.83
CA THR A 46 -5.79 -6.47 -7.88
C THR A 46 -6.37 -5.26 -7.17
N VAL A 47 -7.71 -5.19 -7.12
CA VAL A 47 -8.39 -4.07 -6.48
C VAL A 47 -8.77 -4.42 -5.02
N TRP A 48 -7.90 -5.16 -4.35
CA TRP A 48 -8.14 -5.56 -2.96
C TRP A 48 -6.94 -5.25 -2.07
N VAL A 49 -7.22 -4.86 -0.83
CA VAL A 49 -6.17 -4.53 0.13
C VAL A 49 -5.97 -5.68 1.11
N GLU A 50 -4.78 -5.77 1.71
CA GLU A 50 -4.47 -6.83 2.67
C GLU A 50 -4.27 -6.26 4.07
N GLY A 51 -5.08 -6.75 5.02
CA GLY A 51 -4.98 -6.30 6.40
C GLY A 51 -4.65 -7.43 7.37
N LEU A 52 -4.04 -7.07 8.51
CA LEU A 52 -3.67 -8.05 9.53
C LEU A 52 -4.50 -7.85 10.79
N SER A 53 -5.24 -8.88 11.20
CA SER A 53 -6.08 -8.77 12.40
C SER A 53 -6.08 -10.07 13.20
N GLU A 54 -6.10 -9.93 14.53
CA GLU A 54 -6.12 -11.07 15.46
C GLU A 54 -5.04 -12.10 15.14
N ASP A 55 -3.93 -12.03 15.86
CA ASP A 55 -2.79 -12.94 15.67
C ASP A 55 -2.14 -12.75 14.30
N GLY A 56 -2.91 -13.01 13.24
CA GLY A 56 -2.39 -12.86 11.89
C GLY A 56 -3.39 -13.31 10.84
N PHE A 57 -4.66 -12.98 11.04
CA PHE A 57 -5.71 -13.33 10.09
C PHE A 57 -5.79 -12.29 8.99
N THR A 58 -5.30 -12.65 7.81
CA THR A 58 -5.29 -11.73 6.68
C THR A 58 -6.70 -11.51 6.12
N TYR A 59 -7.14 -10.25 6.15
CA TYR A 59 -8.45 -9.88 5.65
C TYR A 59 -8.29 -8.98 4.41
N TYR A 60 -9.22 -9.11 3.46
CA TYR A 60 -9.16 -8.31 2.24
C TYR A 60 -10.41 -7.45 2.08
N TYR A 61 -10.22 -6.22 1.59
CA TYR A 61 -11.33 -5.29 1.41
C TYR A 61 -11.37 -4.77 -0.04
N ASN A 62 -12.57 -4.50 -0.53
CA ASN A 62 -12.76 -4.00 -1.89
C ASN A 62 -13.30 -2.57 -1.87
N THR A 63 -12.61 -1.66 -2.56
CA THR A 63 -13.03 -0.26 -2.63
C THR A 63 -14.20 -0.07 -3.60
N GLU A 64 -14.31 -0.97 -4.58
CA GLU A 64 -15.37 -0.90 -5.58
C GLU A 64 -16.75 -0.96 -4.91
N THR A 65 -17.04 -2.09 -4.24
CA THR A 65 -18.32 -2.28 -3.57
C THR A 65 -18.28 -1.76 -2.14
N GLY A 66 -17.19 -2.09 -1.43
CA GLY A 66 -17.04 -1.64 -0.06
C GLY A 66 -17.47 -2.71 0.94
N GLU A 67 -16.91 -3.91 0.80
CA GLU A 67 -17.25 -5.02 1.69
C GLU A 67 -15.99 -5.80 2.08
N SER A 68 -15.86 -6.09 3.38
CA SER A 68 -14.72 -6.83 3.87
C SER A 68 -14.84 -8.32 3.54
N ARG A 69 -13.70 -8.96 3.28
CA ARG A 69 -13.66 -10.37 2.93
C ARG A 69 -12.58 -11.10 3.73
N TRP A 70 -12.72 -12.42 3.87
CA TRP A 70 -11.75 -13.23 4.61
C TRP A 70 -11.22 -14.38 3.76
N GLU A 71 -11.21 -14.18 2.44
CA GLU A 71 -10.71 -15.19 1.50
C GLU A 71 -10.17 -14.52 0.24
N LYS A 72 -8.94 -14.87 -0.13
CA LYS A 72 -8.30 -14.31 -1.33
C LYS A 72 -9.07 -14.69 -2.59
N PRO A 73 -9.53 -13.69 -3.36
CA PRO A 73 -10.28 -13.95 -4.60
C PRO A 73 -9.39 -14.45 -5.75
N ASP A 74 -9.98 -15.23 -6.65
CA ASP A 74 -9.25 -15.80 -7.79
C ASP A 74 -8.15 -16.73 -7.30
N ASP A 75 -7.23 -17.09 -8.20
CA ASP A 75 -6.13 -17.99 -7.85
C ASP A 75 -5.07 -17.24 -7.03
#